data_3B5A
# 
_entry.id   3B5A 
# 
_audit_conform.dict_name       mmcif_pdbx.dic 
_audit_conform.dict_version    5.377 
_audit_conform.dict_location   http://mmcif.pdb.org/dictionaries/ascii/mmcif_pdbx.dic 
# 
loop_
_database_2.database_id 
_database_2.database_code 
_database_2.pdbx_database_accession 
_database_2.pdbx_DOI 
PDB   3B5A         pdb_00003b5a 10.2210/pdb3b5a/pdb 
NDB   UR0137       ?            ?                   
RCSB  RCSB045096   ?            ?                   
WWPDB D_1000045096 ?            ?                   
# 
loop_
_pdbx_database_related.db_name 
_pdbx_database_related.db_id 
_pdbx_database_related.details 
_pdbx_database_related.content_type 
PDB 2P7F 
;The Novel Use of a 2',5'-Phosphodiester Linkage as a Reaction Intermediate at the Active Site of a Small Ribozyme
;
unspecified 
PDB 3B58 .                                                                                                                   
unspecified 
PDB 3B5F .                                                                                                                   
unspecified 
PDB 3B5S .                                                                                                                   
unspecified 
PDB 3B91 .                                                                                                                   
unspecified 
# 
_pdbx_database_status.entry_id                        3B5A 
_pdbx_database_status.status_code                     REL 
_pdbx_database_status.status_code_sf                  REL 
_pdbx_database_status.deposit_site                    RCSB 
_pdbx_database_status.process_site                    RCSB 
_pdbx_database_status.recvd_initial_deposition_date   2007-10-25 
_pdbx_database_status.SG_entry                        N 
_pdbx_database_status.status_code_mr                  ? 
_pdbx_database_status.pdb_format_compatible           Y 
_pdbx_database_status.status_code_cs                  ? 
_pdbx_database_status.methods_development_category    ? 
_pdbx_database_status.status_code_nmr_data            ? 
# 
loop_
_audit_author.name 
_audit_author.pdbx_ordinal 
'MacElrevey, C.' 1 
'Krucinska, J.'  2 
'Wedekind, J.E.' 3 
# 
_citation.id                        primary 
_citation.title                     
'Structural effects of nucleobase variations at key active site residue Ade38 in the hairpin ribozyme.' 
_citation.journal_abbrev            Rna 
_citation.journal_volume            14 
_citation.page_first                1600 
_citation.page_last                 1616 
_citation.year                      2008 
_citation.journal_id_ASTM           RNARFU 
_citation.country                   UK 
_citation.journal_id_ISSN           1355-8382 
_citation.journal_id_CSD            2122 
_citation.book_publisher            ? 
_citation.pdbx_database_id_PubMed   18596253 
_citation.pdbx_database_id_DOI      10.1261/rna.1055308 
# 
loop_
_citation_author.citation_id 
_citation_author.name 
_citation_author.ordinal 
_citation_author.identifier_ORCID 
primary 'MacElrevey, C.' 1 ? 
primary 'Salter, J.D.'   2 ? 
primary 'Krucinska, J.'  3 ? 
primary 'Wedekind, J.E.' 4 ? 
# 
_cell.entry_id           3B5A 
_cell.length_a           93.560 
_cell.length_b           93.560 
_cell.length_c           131.660 
_cell.angle_alpha        90.00 
_cell.angle_beta         90.00 
_cell.angle_gamma        120.00 
_cell.Z_PDB              12 
_cell.pdbx_unique_axis   ? 
_cell.length_a_esd       ? 
_cell.length_b_esd       ? 
_cell.length_c_esd       ? 
_cell.angle_alpha_esd    ? 
_cell.angle_beta_esd     ? 
_cell.angle_gamma_esd    ? 
# 
_symmetry.entry_id                         3B5A 
_symmetry.space_group_name_H-M             'P 61 2 2' 
_symmetry.pdbx_full_space_group_name_H-M   ? 
_symmetry.Int_Tables_number                178 
_symmetry.cell_setting                     ? 
_symmetry.space_group_name_Hall            ? 
# 
loop_
_entity.id 
_entity.type 
_entity.src_method 
_entity.pdbx_description 
_entity.formula_weight 
_entity.pdbx_number_of_molecules 
_entity.pdbx_ec 
_entity.pdbx_mutation 
_entity.pdbx_fragment 
_entity.details 
1 polymer     syn 'Loop A Substrate strand'                  4066.497 1  ? ?            ? 
;2'5' phosphodiester linkage between A6 and G7
;
2 polymer     syn '29-mer Loop A and Loop B Ribozyme strand' 9762.989 1  ? ?            ? 
'Synthetic polyethylene glycol linker at hinge position 14' 
3 polymer     syn 'Loop B S-turn strand'                     6007.568 1  ? 'A38G, U39C' ? ? 
4 non-polymer syn 'SULFATE ION'                              96.063   1  ? ?            ? ? 
5 non-polymer syn 'COBALT HEXAMMINE(III)'                    161.116  2  ? ?            ? ? 
6 water       nat water                                      18.015   10 ? ?            ? ? 
# 
loop_
_entity_poly.entity_id 
_entity_poly.type 
_entity_poly.nstd_linkage 
_entity_poly.nstd_monomer 
_entity_poly.pdbx_seq_one_letter_code 
_entity_poly.pdbx_seq_one_letter_code_can 
_entity_poly.pdbx_strand_id 
_entity_poly.pdbx_target_identifier 
1 polyribonucleotide no yes 'UCCC(A2M)GUCCACCG'                  UCCCAGUCCACCG                  A ? 
2 polyribonucleotide no yes 'CGGUGAGAAGGG(S9L)GGCAGAGAAACACACGA' CGGUGAGAAGGGXGGCAGAGAAACACACGA B ? 
3 polyribonucleotide no no  UCGUGGUGCAUUACCUGCC                  UCGUGGUGCAUUACCUGCC            C ? 
# 
loop_
_entity_poly_seq.entity_id 
_entity_poly_seq.num 
_entity_poly_seq.mon_id 
_entity_poly_seq.hetero 
1 1  U   n 
1 2  C   n 
1 3  C   n 
1 4  C   n 
1 5  A2M n 
1 6  G   n 
1 7  U   n 
1 8  C   n 
1 9  C   n 
1 10 A   n 
1 11 C   n 
1 12 C   n 
1 13 G   n 
2 1  C   n 
2 2  G   n 
2 3  G   n 
2 4  U   n 
2 5  G   n 
2 6  A   n 
2 7  G   n 
2 8  A   n 
2 9  A   n 
2 10 G   n 
2 11 G   n 
2 12 G   n 
2 13 S9L n 
2 14 G   n 
2 15 G   n 
2 16 C   n 
2 17 A   n 
2 18 G   n 
2 19 A   n 
2 20 G   n 
2 21 A   n 
2 22 A   n 
2 23 A   n 
2 24 C   n 
2 25 A   n 
2 26 C   n 
2 27 A   n 
2 28 C   n 
2 29 G   n 
2 30 A   n 
3 1  U   n 
3 2  C   n 
3 3  G   n 
3 4  U   n 
3 5  G   n 
3 6  G   n 
3 7  U   n 
3 8  G   n 
3 9  C   n 
3 10 A   n 
3 11 U   n 
3 12 U   n 
3 13 A   n 
3 14 C   n 
3 15 C   n 
3 16 U   n 
3 17 G   n 
3 18 C   n 
3 19 C   n 
# 
loop_
_pdbx_entity_src_syn.entity_id 
_pdbx_entity_src_syn.pdbx_src_id 
_pdbx_entity_src_syn.pdbx_alt_source_flag 
_pdbx_entity_src_syn.pdbx_beg_seq_num 
_pdbx_entity_src_syn.pdbx_end_seq_num 
_pdbx_entity_src_syn.organism_scientific 
_pdbx_entity_src_syn.organism_common_name 
_pdbx_entity_src_syn.ncbi_taxonomy_id 
_pdbx_entity_src_syn.details 
1 1 sample ? ? ? ? ? 'solid-phase synthesis at Keck Institute, Yale'         
2 1 sample ? ? ? ? ? 'solid phase chemical synthesis at Dharmacon, Colorado' 
3 1 sample ? ? ? ? ? 'solid phase chemical synthesis at Dharmacon, Colorado' 
# 
loop_
_struct_ref.id 
_struct_ref.entity_id 
_struct_ref.db_name 
_struct_ref.db_code 
_struct_ref.pdbx_db_accession 
_struct_ref.pdbx_align_begin 
_struct_ref.pdbx_seq_one_letter_code 
_struct_ref.pdbx_db_isoform 
1 1 PDB 3B5A 3B5A 1 'UCCC(A2M)GUCCACCG'                  ? 
2 2 PDB 3B5A 3B5A 1 'CGGUGAGAAGGG(S9L)GGCAGAGAAACACACGA' ? 
3 3 PDB 3B5A 3B5A 1 UCGUGGUGCAUUACCUGCC                  ? 
# 
loop_
_struct_ref_seq.align_id 
_struct_ref_seq.ref_id 
_struct_ref_seq.pdbx_PDB_id_code 
_struct_ref_seq.pdbx_strand_id 
_struct_ref_seq.seq_align_beg 
_struct_ref_seq.pdbx_seq_align_beg_ins_code 
_struct_ref_seq.seq_align_end 
_struct_ref_seq.pdbx_seq_align_end_ins_code 
_struct_ref_seq.pdbx_db_accession 
_struct_ref_seq.db_align_beg 
_struct_ref_seq.pdbx_db_align_beg_ins_code 
_struct_ref_seq.db_align_end 
_struct_ref_seq.pdbx_db_align_end_ins_code 
_struct_ref_seq.pdbx_auth_seq_align_beg 
_struct_ref_seq.pdbx_auth_seq_align_end 
1 1 3B5A A 1 ? 13 ? 3B5A 1  ? 13 ? 1  13 
2 2 3B5A B 1 ? 30 ? 3B5A 2  ? 31 ? 2  31 
3 3 3B5A C 1 ? 19 ? 3B5A 31 ? 49 ? 31 49 
# 
loop_
_chem_comp.id 
_chem_comp.type 
_chem_comp.mon_nstd_flag 
_chem_comp.name 
_chem_comp.pdbx_synonyms 
_chem_comp.formula 
_chem_comp.formula_weight 
A   'RNA linking' y "ADENOSINE-5'-MONOPHOSPHATE"                              ? 'C10 H14 N5 O7 P' 347.221 
A2M 'RNA linking' n 
;2'-O-methyladenosine 5'-(dihydrogen phosphate)
;
? 'C11 H16 N5 O7 P' 361.248 
C   'RNA linking' y "CYTIDINE-5'-MONOPHOSPHATE"                               ? 'C9 H14 N3 O8 P'  323.197 
G   'RNA linking' y "GUANOSINE-5'-MONOPHOSPHATE"                              ? 'C10 H14 N5 O8 P' 363.221 
HOH non-polymer   . WATER                                                     ? 'H2 O'            18.015  
NCO non-polymer   . 'COBALT HEXAMMINE(III)'                                   ? 'Co H18 N6 3'     161.116 
S9L non-polymer   . '2-[2-(2-HYDROXYETHOXY)ETHOXY]ETHYL DIHYDROGEN PHOSPHATE' ? 'C6 H15 O7 P'     230.153 
SO4 non-polymer   . 'SULFATE ION'                                             ? 'O4 S -2'         96.063  
U   'RNA linking' y "URIDINE-5'-MONOPHOSPHATE"                                ? 'C9 H13 N2 O9 P'  324.181 
# 
_exptl.entry_id          3B5A 
_exptl.method            'X-RAY DIFFRACTION' 
_exptl.crystals_number   1 
# 
_exptl_crystal.id                    1 
_exptl_crystal.density_meas          ? 
_exptl_crystal.density_Matthews      4.19 
_exptl_crystal.density_percent_sol   78. 
_exptl_crystal.description           ? 
_exptl_crystal.F_000                 ? 
_exptl_crystal.preparation           ? 
# 
_exptl_crystal_grow.crystal_id      1 
_exptl_crystal_grow.method          'VAPOR DIFFUSION, HANGING DROP' 
_exptl_crystal_grow.temp            293 
_exptl_crystal_grow.pH              8.6 
_exptl_crystal_grow.pdbx_details    
'PEG 2K MME, lithium sulfate, Tris, spermidine, cobalt hexaammine, pH 8.6, VAPOR DIFFUSION, HANGING DROP, temperature 293K' 
_exptl_crystal_grow.temp_details    ? 
_exptl_crystal_grow.pdbx_pH_range   . 
# 
loop_
_exptl_crystal_grow_comp.crystal_id 
_exptl_crystal_grow_comp.id 
_exptl_crystal_grow_comp.sol_id 
_exptl_crystal_grow_comp.name 
_exptl_crystal_grow_comp.conc 
_exptl_crystal_grow_comp.volume 
_exptl_crystal_grow_comp.details 
1 1 1 'PEG 2K MME'        ? ? ? 
1 2 1 Li2SO4              ? ? ? 
1 3 1 Tris                ? ? ? 
1 4 1 spermidine          ? ? ? 
1 5 1 'cobalt hexaammine' ? ? ? 
1 6 2 'PEG 2K MME'        ? ? ? 
1 7 2 Li2SO4              ? ? ? 
1 8 2 Tris                ? ? ? 
1 9 2 spermidine          ? ? ? 
# 
_diffrn.id                     1 
_diffrn.ambient_temp           100 
_diffrn.ambient_temp_details   ? 
_diffrn.crystal_id             1 
# 
_diffrn_detector.diffrn_id              1 
_diffrn_detector.detector               CCD 
_diffrn_detector.type                   'ADSC QUANTUM 210' 
_diffrn_detector.pdbx_collection_date   2006-09-30 
_diffrn_detector.details                
'BENT TRIANGULAR ASYMMETRIC CUT SI(111) MONOCHROMATOR (PROVIDES HORIZONTAL FOCUSSING), RH-COATED SI MIRROR FOR VERTICAL FOCUSSING' 
# 
_diffrn_radiation.diffrn_id                        1 
_diffrn_radiation.wavelength_id                    1 
_diffrn_radiation.pdbx_monochromatic_or_laue_m_l   M 
_diffrn_radiation.monochromator                    'Horizontal focusing 5.05   asymmetric cut Si(111)' 
_diffrn_radiation.pdbx_diffrn_protocol             'SINGLE WAVELENGTH' 
_diffrn_radiation.pdbx_scattering_type             x-ray 
# 
_diffrn_radiation_wavelength.id           1 
_diffrn_radiation_wavelength.wavelength   0.977 
_diffrn_radiation_wavelength.wt           1.0 
# 
_diffrn_source.diffrn_id                   1 
_diffrn_source.source                      SYNCHROTRON 
_diffrn_source.type                        'CHESS BEAMLINE A1' 
_diffrn_source.pdbx_synchrotron_site       CHESS 
_diffrn_source.pdbx_synchrotron_beamline   A1 
_diffrn_source.pdbx_wavelength             ? 
_diffrn_source.pdbx_wavelength_list        0.977 
# 
_reflns.entry_id                     3B5A 
_reflns.observed_criterion_sigma_I   ? 
_reflns.observed_criterion_sigma_F   ? 
_reflns.d_resolution_low             44.08 
_reflns.d_resolution_high            2.35 
_reflns.number_obs                   14645 
_reflns.number_all                   14778 
_reflns.percent_possible_obs         99.1 
_reflns.pdbx_Rmerge_I_obs            ? 
_reflns.pdbx_Rsym_value              .053 
_reflns.pdbx_netI_over_sigmaI        25.6 
_reflns.B_iso_Wilson_estimate        115.2 
_reflns.pdbx_redundancy              11.7 
_reflns.R_free_details               ? 
_reflns.pdbx_chi_squared             ? 
_reflns.pdbx_scaling_rejects         ? 
_reflns.pdbx_ordinal                 1 
_reflns.pdbx_diffrn_id               1 
# 
_reflns_shell.d_res_high             2.35 
_reflns_shell.d_res_low              2.43 
_reflns_shell.percent_possible_all   99.4 
_reflns_shell.Rmerge_I_obs           ? 
_reflns_shell.pdbx_Rsym_value        .0479 
_reflns_shell.meanI_over_sigI_obs    3.9 
_reflns_shell.pdbx_redundancy        9.0 
_reflns_shell.percent_possible_obs   ? 
_reflns_shell.number_unique_all      1416 
_reflns_shell.number_measured_all    ? 
_reflns_shell.number_measured_obs    ? 
_reflns_shell.number_unique_obs      ? 
_reflns_shell.pdbx_chi_squared       ? 
_reflns_shell.pdbx_ordinal           1 
_reflns_shell.pdbx_diffrn_id         1 
# 
_refine.entry_id                                 3B5A 
_refine.ls_number_reflns_obs                     14614 
_refine.ls_number_reflns_all                     14778 
_refine.pdbx_ls_sigma_I                          ? 
_refine.pdbx_ls_sigma_F                          -3.0 
_refine.pdbx_data_cutoff_high_absF               762661.07 
_refine.pdbx_data_cutoff_low_absF                0.000000 
_refine.pdbx_data_cutoff_high_rms_absF           ? 
_refine.ls_d_res_low                             38.13 
_refine.ls_d_res_high                            2.35 
_refine.ls_percent_reflns_obs                    98.8 
_refine.ls_R_factor_obs                          0.218 
_refine.ls_R_factor_all                          ? 
_refine.ls_R_factor_R_work                       0.216 
_refine.ls_R_factor_R_free                       0.238 
_refine.ls_R_factor_R_free_error                 0.007 
_refine.ls_R_factor_R_free_error_details         ? 
_refine.ls_percent_reflns_R_free                 9.0 
_refine.ls_number_reflns_R_free                  1314 
_refine.ls_number_parameters                     ? 
_refine.ls_number_restraints                     ? 
_refine.occupancy_min                            ? 
_refine.occupancy_max                            ? 
_refine.correlation_coeff_Fo_to_Fc               ? 
_refine.correlation_coeff_Fo_to_Fc_free          ? 
_refine.B_iso_mean                               75.1 
_refine.aniso_B[1][1]                            -8.33 
_refine.aniso_B[2][2]                            -8.33 
_refine.aniso_B[3][3]                            16.67 
_refine.aniso_B[1][2]                            -7.51 
_refine.aniso_B[1][3]                            0.00 
_refine.aniso_B[2][3]                            0.00 
_refine.solvent_model_details                    'FLAT MODEL' 
_refine.solvent_model_param_ksol                 0.32 
_refine.solvent_model_param_bsol                 58 
_refine.pdbx_solvent_vdw_probe_radii             ? 
_refine.pdbx_solvent_ion_probe_radii             ? 
_refine.pdbx_solvent_shrinkage_radii             ? 
_refine.pdbx_ls_cross_valid_method               THROUGHOUT 
_refine.details                                  ? 
_refine.pdbx_starting_model                      2OUE 
_refine.pdbx_method_to_determine_struct          'FOURIER SYNTHESIS' 
_refine.pdbx_isotropic_thermal_model             RESTRAINED 
_refine.pdbx_stereochemistry_target_values       'Engh & Huber' 
_refine.pdbx_stereochem_target_val_spec_case     ? 
_refine.pdbx_R_Free_selection_details            RANDOM 
_refine.pdbx_overall_ESU_R                       ? 
_refine.pdbx_overall_ESU_R_Free                  ? 
_refine.overall_SU_ML                            ? 
_refine.overall_SU_B                             ? 
_refine.ls_redundancy_reflns_obs                 ? 
_refine.overall_SU_R_Cruickshank_DPI             ? 
_refine.overall_SU_R_free                        ? 
_refine.ls_wR_factor_R_free                      ? 
_refine.ls_wR_factor_R_work                      ? 
_refine.overall_FOM_free_R_set                   ? 
_refine.overall_FOM_work_R_set                   ? 
_refine.pdbx_overall_phase_error                 ? 
_refine.pdbx_refine_id                           'X-RAY DIFFRACTION' 
_refine.pdbx_diffrn_id                           1 
_refine.pdbx_TLS_residual_ADP_flag               ? 
_refine.pdbx_overall_SU_R_free_Cruickshank_DPI   ? 
_refine.pdbx_overall_SU_R_Blow_DPI               ? 
_refine.pdbx_overall_SU_R_free_Blow_DPI          ? 
# 
_refine_analyze.entry_id                        3B5A 
_refine_analyze.Luzzati_coordinate_error_obs    0.51 
_refine_analyze.Luzzati_sigma_a_obs             0.59 
_refine_analyze.Luzzati_d_res_low_obs           44.08 
_refine_analyze.Luzzati_coordinate_error_free   0.50 
_refine_analyze.Luzzati_sigma_a_free            0.60 
_refine_analyze.Luzzati_d_res_low_free          ? 
_refine_analyze.number_disordered_residues      ? 
_refine_analyze.occupancy_sum_hydrogen          ? 
_refine_analyze.occupancy_sum_non_hydrogen      ? 
_refine_analyze.pdbx_refine_id                  'X-RAY DIFFRACTION' 
# 
_refine_hist.pdbx_refine_id                   'X-RAY DIFFRACTION' 
_refine_hist.cycle_id                         LAST 
_refine_hist.pdbx_number_atoms_protein        0 
_refine_hist.pdbx_number_atoms_nucleic_acid   1312 
_refine_hist.pdbx_number_atoms_ligand         19 
_refine_hist.number_atoms_solvent             10 
_refine_hist.number_atoms_total               1341 
_refine_hist.d_res_high                       2.35 
_refine_hist.d_res_low                        38.13 
# 
loop_
_refine_ls_restr.type 
_refine_ls_restr.dev_ideal 
_refine_ls_restr.dev_ideal_target 
_refine_ls_restr.weight 
_refine_ls_restr.number 
_refine_ls_restr.pdbx_refine_id 
_refine_ls_restr.pdbx_restraint_function 
c_bond_d           0.008 ? ? ? 'X-RAY DIFFRACTION' ? 
c_angle_deg        1.4   ? ? ? 'X-RAY DIFFRACTION' ? 
c_dihedral_angle_d 17.9  ? ? ? 'X-RAY DIFFRACTION' ? 
c_improper_angle_d 1.80  ? ? ? 'X-RAY DIFFRACTION' ? 
# 
_refine_ls_shell.pdbx_total_number_of_bins_used   4 
_refine_ls_shell.d_res_high                       2.35 
_refine_ls_shell.d_res_low                        2.59 
_refine_ls_shell.number_reflns_R_work             3241 
_refine_ls_shell.R_factor_R_work                  0.518 
_refine_ls_shell.percent_reflns_obs               99.4 
_refine_ls_shell.R_factor_R_free                  0.509 
_refine_ls_shell.R_factor_R_free_error            0.028 
_refine_ls_shell.percent_reflns_R_free            9.0 
_refine_ls_shell.number_reflns_R_free             321 
_refine_ls_shell.number_reflns_all                ? 
_refine_ls_shell.R_factor_all                     ? 
_refine_ls_shell.number_reflns_obs                3241 
_refine_ls_shell.redundancy_reflns_obs            ? 
_refine_ls_shell.pdbx_refine_id                   'X-RAY DIFFRACTION' 
# 
loop_
_pdbx_xplor_file.serial_no 
_pdbx_xplor_file.param_file 
_pdbx_xplor_file.topol_file 
_pdbx_xplor_file.pdbx_refine_id 
1 water_rep.param dna-rna0107.top 'X-RAY DIFFRACTION' 
2 dna-rna0107.par water.top       'X-RAY DIFFRACTION' 
3 cobalt.par      cobalt.top      'X-RAY DIFFRACTION' 
4 ion.param       ion.top         'X-RAY DIFFRACTION' 
# 
_struct.entry_id                  3B5A 
_struct.title                     
;Crystal Structure of a Minimally Hinged Hairpin Ribozyme Incorporating A38G mutation with a 2'OMe modification at the active site
;
_struct.pdbx_model_details        ? 
_struct.pdbx_CASP_flag            N 
_struct.pdbx_model_type_details   ? 
# 
_struct_keywords.entry_id        3B5A 
_struct_keywords.pdbx_keywords   RNA 
_struct_keywords.text            
;hairpin ribozyme, 2'O-methyl, ribozyme, RNA
;
# 
loop_
_struct_asym.id 
_struct_asym.pdbx_blank_PDB_chainid_flag 
_struct_asym.pdbx_modified 
_struct_asym.entity_id 
_struct_asym.details 
A N N 1 ? 
B N N 2 ? 
C N N 3 ? 
D N N 4 ? 
E N N 5 ? 
F N N 5 ? 
G N N 6 ? 
H N N 6 ? 
I N N 6 ? 
# 
_struct_biol.id        1 
_struct_biol.details   ? 
# 
loop_
_struct_conn.id 
_struct_conn.conn_type_id 
_struct_conn.pdbx_leaving_atom_flag 
_struct_conn.pdbx_PDB_id 
_struct_conn.ptnr1_label_asym_id 
_struct_conn.ptnr1_label_comp_id 
_struct_conn.ptnr1_label_seq_id 
_struct_conn.ptnr1_label_atom_id 
_struct_conn.pdbx_ptnr1_label_alt_id 
_struct_conn.pdbx_ptnr1_PDB_ins_code 
_struct_conn.pdbx_ptnr1_standard_comp_id 
_struct_conn.ptnr1_symmetry 
_struct_conn.ptnr2_label_asym_id 
_struct_conn.ptnr2_label_comp_id 
_struct_conn.ptnr2_label_seq_id 
_struct_conn.ptnr2_label_atom_id 
_struct_conn.pdbx_ptnr2_label_alt_id 
_struct_conn.pdbx_ptnr2_PDB_ins_code 
_struct_conn.ptnr1_auth_asym_id 
_struct_conn.ptnr1_auth_comp_id 
_struct_conn.ptnr1_auth_seq_id 
_struct_conn.ptnr2_auth_asym_id 
_struct_conn.ptnr2_auth_comp_id 
_struct_conn.ptnr2_auth_seq_id 
_struct_conn.ptnr2_symmetry 
_struct_conn.pdbx_ptnr3_label_atom_id 
_struct_conn.pdbx_ptnr3_label_seq_id 
_struct_conn.pdbx_ptnr3_label_comp_id 
_struct_conn.pdbx_ptnr3_label_asym_id 
_struct_conn.pdbx_ptnr3_label_alt_id 
_struct_conn.pdbx_ptnr3_PDB_ins_code 
_struct_conn.details 
_struct_conn.pdbx_dist_value 
_struct_conn.pdbx_value_order 
_struct_conn.pdbx_role 
covale1  covale both ? A C   4  "O3'" ? ? ? 1_555 A A2M 5  P  ? ? A C   4  A A2M 5  1_555 ? ? ? ? ? ? ?                    1.616 ? 
? 
covale2  covale one  ? A A2M 5  "O3'" ? ? ? 1_555 A G   6  P  ? ? A A2M 5  A G   6  1_555 ? ? ? ? ? ? ?                    1.611 ? 
? 
covale3  covale both ? B G   12 "O3'" ? ? ? 1_555 B S9L 13 P  ? ? B G   13 B S9L 14 1_555 ? ? ? ? ? ? ?                    1.602 ? 
? 
covale4  covale both ? B S9L 13 "O3'" ? ? ? 1_555 B G   14 P  ? ? B S9L 14 B G   15 1_555 ? ? ? ? ? ? ?                    1.606 ? 
? 
hydrog1  hydrog ?    ? A C   2  N3    ? ? ? 1_555 B G   12 N1 ? ? A C   2  B G   13 1_555 ? ? ? ? ? ? WATSON-CRICK         ?     ? 
? 
hydrog2  hydrog ?    ? A C   2  N4    ? ? ? 1_555 B G   12 O6 ? ? A C   2  B G   13 1_555 ? ? ? ? ? ? WATSON-CRICK         ?     ? 
? 
hydrog3  hydrog ?    ? A C   2  O2    ? ? ? 1_555 B G   12 N2 ? ? A C   2  B G   13 1_555 ? ? ? ? ? ? WATSON-CRICK         ?     ? 
? 
hydrog4  hydrog ?    ? A C   3  N3    ? ? ? 1_555 B G   11 N1 ? ? A C   3  B G   12 1_555 ? ? ? ? ? ? WATSON-CRICK         ?     ? 
? 
hydrog5  hydrog ?    ? A C   3  N4    ? ? ? 1_555 B G   11 O6 ? ? A C   3  B G   12 1_555 ? ? ? ? ? ? WATSON-CRICK         ?     ? 
? 
hydrog6  hydrog ?    ? A C   3  O2    ? ? ? 1_555 B G   11 N2 ? ? A C   3  B G   12 1_555 ? ? ? ? ? ? WATSON-CRICK         ?     ? 
? 
hydrog7  hydrog ?    ? A C   4  N3    ? ? ? 1_555 B G   10 N1 ? ? A C   4  B G   11 1_555 ? ? ? ? ? ? WATSON-CRICK         ?     ? 
? 
hydrog8  hydrog ?    ? A C   4  N4    ? ? ? 1_555 B G   10 O6 ? ? A C   4  B G   11 1_555 ? ? ? ? ? ? WATSON-CRICK         ?     ? 
? 
hydrog9  hydrog ?    ? A C   4  O2    ? ? ? 1_555 B G   10 N2 ? ? A C   4  B G   11 1_555 ? ? ? ? ? ? WATSON-CRICK         ?     ? 
? 
hydrog10 hydrog ?    ? A G   6  N1    ? ? ? 1_555 B C   24 N3 ? ? A G   6  B C   25 1_555 ? ? ? ? ? ? WATSON-CRICK         ?     ? 
? 
hydrog11 hydrog ?    ? A G   6  N2    ? ? ? 1_555 B C   24 O2 ? ? A G   6  B C   25 1_555 ? ? ? ? ? ? WATSON-CRICK         ?     ? 
? 
hydrog12 hydrog ?    ? A G   6  O6    ? ? ? 1_555 B C   24 N4 ? ? A G   6  B C   25 1_555 ? ? ? ? ? ? WATSON-CRICK         ?     ? 
? 
hydrog13 hydrog ?    ? A U   7  O4    ? ? ? 1_555 B G   7  N2 ? ? A U   7  B G   8  1_555 ? ? ? ? ? ? 'U-G MISPAIR'        ?     ? 
? 
hydrog14 hydrog ?    ? A C   8  N4    ? ? ? 1_555 B A   6  N1 ? ? A C   8  B A   7  1_555 ? ? ? ? ? ? 'C-A MISPAIR'        ?     ? 
? 
hydrog15 hydrog ?    ? A C   9  N3    ? ? ? 1_555 B G   5  N1 ? ? A C   9  B G   6  1_555 ? ? ? ? ? ? WATSON-CRICK         ?     ? 
? 
hydrog16 hydrog ?    ? A C   9  N4    ? ? ? 1_555 B G   5  O6 ? ? A C   9  B G   6  1_555 ? ? ? ? ? ? WATSON-CRICK         ?     ? 
? 
hydrog17 hydrog ?    ? A C   9  O2    ? ? ? 1_555 B G   5  N2 ? ? A C   9  B G   6  1_555 ? ? ? ? ? ? WATSON-CRICK         ?     ? 
? 
hydrog18 hydrog ?    ? A A   10 N1    ? ? ? 1_555 B U   4  N3 ? ? A A   10 B U   5  1_555 ? ? ? ? ? ? WATSON-CRICK         ?     ? 
? 
hydrog19 hydrog ?    ? A A   10 N6    ? ? ? 1_555 B U   4  O4 ? ? A A   10 B U   5  1_555 ? ? ? ? ? ? WATSON-CRICK         ?     ? 
? 
hydrog20 hydrog ?    ? A C   11 N3    ? ? ? 1_555 B G   3  N1 ? ? A C   11 B G   4  1_555 ? ? ? ? ? ? WATSON-CRICK         ?     ? 
? 
hydrog21 hydrog ?    ? A C   11 N4    ? ? ? 1_555 B G   3  O6 ? ? A C   11 B G   4  1_555 ? ? ? ? ? ? WATSON-CRICK         ?     ? 
? 
hydrog22 hydrog ?    ? A C   11 O2    ? ? ? 1_555 B G   3  N2 ? ? A C   11 B G   4  1_555 ? ? ? ? ? ? WATSON-CRICK         ?     ? 
? 
hydrog23 hydrog ?    ? A C   12 N3    ? ? ? 1_555 B G   2  N1 ? ? A C   12 B G   3  1_555 ? ? ? ? ? ? WATSON-CRICK         ?     ? 
? 
hydrog24 hydrog ?    ? A C   12 N4    ? ? ? 1_555 B G   2  O6 ? ? A C   12 B G   3  1_555 ? ? ? ? ? ? WATSON-CRICK         ?     ? 
? 
hydrog25 hydrog ?    ? A C   12 O2    ? ? ? 1_555 B G   2  N2 ? ? A C   12 B G   3  1_555 ? ? ? ? ? ? WATSON-CRICK         ?     ? 
? 
hydrog26 hydrog ?    ? A G   13 N1    ? ? ? 1_555 B C   1  N3 ? ? A G   13 B C   2  1_555 ? ? ? ? ? ? WATSON-CRICK         ?     ? 
? 
hydrog27 hydrog ?    ? A G   13 N2    ? ? ? 1_555 B C   1  O2 ? ? A G   13 B C   2  1_555 ? ? ? ? ? ? WATSON-CRICK         ?     ? 
? 
hydrog28 hydrog ?    ? A G   13 O6    ? ? ? 1_555 B C   1  N4 ? ? A G   13 B C   2  1_555 ? ? ? ? ? ? WATSON-CRICK         ?     ? 
? 
hydrog29 hydrog ?    ? B G   14 N1    ? ? ? 1_555 C C   19 N3 ? ? B G   15 C C   49 1_555 ? ? ? ? ? ? WATSON-CRICK         ?     ? 
? 
hydrog30 hydrog ?    ? B G   14 N2    ? ? ? 1_555 C C   19 O2 ? ? B G   15 C C   49 1_555 ? ? ? ? ? ? WATSON-CRICK         ?     ? 
? 
hydrog31 hydrog ?    ? B G   14 O6    ? ? ? 1_555 C C   19 N4 ? ? B G   15 C C   49 1_555 ? ? ? ? ? ? WATSON-CRICK         ?     ? 
? 
hydrog32 hydrog ?    ? B G   15 N1    ? ? ? 1_555 C C   18 N3 ? ? B G   16 C C   48 1_555 ? ? ? ? ? ? WATSON-CRICK         ?     ? 
? 
hydrog33 hydrog ?    ? B G   15 N2    ? ? ? 1_555 C C   18 O2 ? ? B G   16 C C   48 1_555 ? ? ? ? ? ? WATSON-CRICK         ?     ? 
? 
hydrog34 hydrog ?    ? B G   15 O6    ? ? ? 1_555 C C   18 N4 ? ? B G   16 C C   48 1_555 ? ? ? ? ? ? WATSON-CRICK         ?     ? 
? 
hydrog35 hydrog ?    ? B C   16 N3    ? ? ? 1_555 C G   17 N1 ? ? B C   17 C G   47 1_555 ? ? ? ? ? ? WATSON-CRICK         ?     ? 
? 
hydrog36 hydrog ?    ? B C   16 N4    ? ? ? 1_555 C G   17 O6 ? ? B C   17 C G   47 1_555 ? ? ? ? ? ? WATSON-CRICK         ?     ? 
? 
hydrog37 hydrog ?    ? B C   16 O2    ? ? ? 1_555 C G   17 N2 ? ? B C   17 C G   47 1_555 ? ? ? ? ? ? WATSON-CRICK         ?     ? 
? 
hydrog38 hydrog ?    ? B A   17 N1    ? ? ? 1_555 C U   16 N3 ? ? B A   18 C U   46 1_555 ? ? ? ? ? ? WATSON-CRICK         ?     ? 
? 
hydrog39 hydrog ?    ? B A   17 N6    ? ? ? 1_555 C U   16 O4 ? ? B A   18 C U   46 1_555 ? ? ? ? ? ? WATSON-CRICK         ?     ? 
? 
hydrog40 hydrog ?    ? B G   18 N1    ? ? ? 1_555 C C   15 N3 ? ? B G   19 C C   45 1_555 ? ? ? ? ? ? WATSON-CRICK         ?     ? 
? 
hydrog41 hydrog ?    ? B G   18 N2    ? ? ? 1_555 C C   15 O2 ? ? B G   19 C C   45 1_555 ? ? ? ? ? ? WATSON-CRICK         ?     ? 
? 
hydrog42 hydrog ?    ? B G   18 O6    ? ? ? 1_555 C C   15 N4 ? ? B G   19 C C   45 1_555 ? ? ? ? ? ? WATSON-CRICK         ?     ? 
? 
hydrog43 hydrog ?    ? B A   19 N1    ? ? ? 1_555 C C   14 N4 ? ? B A   20 C C   44 1_555 ? ? ? ? ? ? 'A-C MISPAIR'        ?     ? 
? 
hydrog44 hydrog ?    ? B G   20 N2    ? ? ? 1_555 C A   13 N7 ? ? B G   21 C A   43 1_555 ? ? ? ? ? ? TYPE_11_PAIR         ?     ? 
? 
hydrog45 hydrog ?    ? B G   20 N3    ? ? ? 1_555 C A   13 N6 ? ? B G   21 C A   43 1_555 ? ? ? ? ? ? TYPE_11_PAIR         ?     ? 
? 
hydrog46 hydrog ?    ? B A   21 N6    ? ? ? 1_555 C U   11 O2 ? ? B A   22 C U   41 1_555 ? ? ? ? ? ? 'REVERSED HOOGSTEEN' ?     ? 
? 
hydrog47 hydrog ?    ? B A   21 N7    ? ? ? 1_555 C U   11 N3 ? ? B A   22 C U   41 1_555 ? ? ? ? ? ? 'REVERSED HOOGSTEEN' ?     ? 
? 
hydrog48 hydrog ?    ? B A   22 N6    ? ? ? 1_555 C A   10 N1 ? ? B A   23 C A   40 1_555 ? ? ? ? ? ? 'A-A MISPAIR'        ?     ? 
? 
hydrog49 hydrog ?    ? B A   23 N6    ? ? ? 1_555 C G   8  N7 ? ? B A   24 C G   38 1_555 ? ? ? ? ? ? 'A-G MISPAIR'        ?     ? 
? 
hydrog50 hydrog ?    ? B A   25 N1    ? ? ? 1_555 C G   6  N1 ? ? B A   26 C G   36 1_555 ? ? ? ? ? ? TYPE_8_PAIR          ?     ? 
? 
hydrog51 hydrog ?    ? B A   25 N6    ? ? ? 1_555 C G   6  O6 ? ? B A   26 C G   36 1_555 ? ? ? ? ? ? TYPE_8_PAIR          ?     ? 
? 
hydrog52 hydrog ?    ? B C   26 N3    ? ? ? 1_555 C G   5  N1 ? ? B C   27 C G   35 1_555 ? ? ? ? ? ? WATSON-CRICK         ?     ? 
? 
hydrog53 hydrog ?    ? B C   26 N4    ? ? ? 1_555 C G   5  O6 ? ? B C   27 C G   35 1_555 ? ? ? ? ? ? WATSON-CRICK         ?     ? 
? 
hydrog54 hydrog ?    ? B C   26 O2    ? ? ? 1_555 C G   5  N2 ? ? B C   27 C G   35 1_555 ? ? ? ? ? ? WATSON-CRICK         ?     ? 
? 
hydrog55 hydrog ?    ? B A   27 N1    ? ? ? 1_555 C U   4  N3 ? ? B A   28 C U   34 1_555 ? ? ? ? ? ? WATSON-CRICK         ?     ? 
? 
hydrog56 hydrog ?    ? B A   27 N6    ? ? ? 1_555 C U   4  O4 ? ? B A   28 C U   34 1_555 ? ? ? ? ? ? WATSON-CRICK         ?     ? 
? 
hydrog57 hydrog ?    ? B C   28 N3    ? ? ? 1_555 C G   3  N1 ? ? B C   29 C G   33 1_555 ? ? ? ? ? ? WATSON-CRICK         ?     ? 
? 
hydrog58 hydrog ?    ? B C   28 N4    ? ? ? 1_555 C G   3  O6 ? ? B C   29 C G   33 1_555 ? ? ? ? ? ? WATSON-CRICK         ?     ? 
? 
hydrog59 hydrog ?    ? B C   28 O2    ? ? ? 1_555 C G   3  N2 ? ? B C   29 C G   33 1_555 ? ? ? ? ? ? WATSON-CRICK         ?     ? 
? 
hydrog60 hydrog ?    ? B G   29 N1    ? ? ? 1_555 C C   2  N3 ? ? B G   30 C C   32 1_555 ? ? ? ? ? ? WATSON-CRICK         ?     ? 
? 
hydrog61 hydrog ?    ? B G   29 N2    ? ? ? 1_555 C C   2  O2 ? ? B G   30 C C   32 1_555 ? ? ? ? ? ? WATSON-CRICK         ?     ? 
? 
hydrog62 hydrog ?    ? B G   29 O6    ? ? ? 1_555 C C   2  N4 ? ? B G   30 C C   32 1_555 ? ? ? ? ? ? WATSON-CRICK         ?     ? 
? 
hydrog63 hydrog ?    ? B A   30 N1    ? ? ? 1_555 C U   1  N3 ? ? B A   31 C U   31 1_555 ? ? ? ? ? ? WATSON-CRICK         ?     ? 
? 
hydrog64 hydrog ?    ? B A   30 N6    ? ? ? 1_555 C U   1  O4 ? ? B A   31 C U   31 1_555 ? ? ? ? ? ? WATSON-CRICK         ?     ? 
? 
# 
loop_
_struct_conn_type.id 
_struct_conn_type.criteria 
_struct_conn_type.reference 
covale ? ? 
hydrog ? ? 
# 
_atom_sites.entry_id                    3B5A 
_atom_sites.fract_transf_matrix[1][1]   0.00910129 
_atom_sites.fract_transf_matrix[1][2]   -0.00775720 
_atom_sites.fract_transf_matrix[1][3]   0.00305074 
_atom_sites.fract_transf_matrix[2][1]   0.01031449 
_atom_sites.fract_transf_matrix[2][2]   0.00433301 
_atom_sites.fract_transf_matrix[2][3]   0.00521165 
_atom_sites.fract_transf_matrix[3][1]   -0.00308879 
_atom_sites.fract_transf_matrix[3][2]   -0.00091926 
_atom_sites.fract_transf_matrix[3][3]   0.00687738 
_atom_sites.fract_transf_vector[1]      0.434031 
_atom_sites.fract_transf_vector[2]      0.209710 
_atom_sites.fract_transf_vector[3]      0.384365 
# 
loop_
_atom_type.symbol 
C  
CO 
N  
O  
P  
S  
# 
loop_
_atom_site.group_PDB 
_atom_site.id 
_atom_site.type_symbol 
_atom_site.label_atom_id 
_atom_site.label_alt_id 
_atom_site.label_comp_id 
_atom_site.label_asym_id 
_atom_site.label_entity_id 
_atom_site.label_seq_id 
_atom_site.pdbx_PDB_ins_code 
_atom_site.Cartn_x 
_atom_site.Cartn_y 
_atom_site.Cartn_z 
_atom_site.occupancy 
_atom_site.B_iso_or_equiv 
_atom_site.pdbx_formal_charge 
_atom_site.auth_seq_id 
_atom_site.auth_comp_id 
_atom_site.auth_asym_id 
_atom_site.auth_atom_id 
_atom_site.pdbx_PDB_model_num 
ATOM   1    O  "O5'" A U   A 1 1  ? 10.716  -4.869  14.426  0.50 82.20  ? 1   U   A "O5'" 1 
ATOM   2    O  "O5'" B U   A 1 1  ? 10.155  -5.329  15.185  0.50 82.11  ? 1   U   A "O5'" 1 
ATOM   3    C  "C5'" A U   A 1 1  ? 10.738  -5.045  15.837  0.50 79.86  ? 1   U   A "C5'" 1 
ATOM   4    C  "C5'" B U   A 1 1  ? 10.532  -5.185  16.562  0.50 80.38  ? 1   U   A "C5'" 1 
ATOM   5    C  "C4'" A U   A 1 1  ? 10.851  -3.735  16.583  0.50 80.17  ? 1   U   A "C4'" 1 
ATOM   6    C  "C4'" B U   A 1 1  ? 10.747  -3.735  16.925  0.50 81.09  ? 1   U   A "C4'" 1 
ATOM   7    O  "O4'" A U   A 1 1  ? 12.187  -3.193  16.415  0.50 79.65  ? 1   U   A "O4'" 1 
ATOM   8    O  "O4'" B U   A 1 1  ? 12.128  -3.357  16.669  0.50 80.92  ? 1   U   A "O4'" 1 
ATOM   9    C  "C3'" A U   A 1 1  ? 9.951   -2.611  16.097  0.50 79.49  ? 1   U   A "C3'" 1 
ATOM   10   C  "C3'" B U   A 1 1  ? 9.917   -2.772  16.100  0.50 80.37  ? 1   U   A "C3'" 1 
ATOM   11   O  "O3'" A U   A 1 1  ? 8.627   -2.702  16.622  0.50 79.83  ? 1   U   A "O3'" 1 
ATOM   12   O  "O3'" B U   A 1 1  ? 8.618   -2.614  16.653  0.50 80.20  ? 1   U   A "O3'" 1 
ATOM   13   C  "C2'" A U   A 1 1  ? 10.674  -1.372  16.620  0.50 78.98  ? 1   U   A "C2'" 1 
ATOM   14   C  "C2'" B U   A 1 1  ? 10.786  -1.516  16.088  0.50 80.13  ? 1   U   A "C2'" 1 
ATOM   15   O  "O2'" A U   A 1 1  ? 10.404  -1.076  17.973  0.50 81.98  ? 1   U   A "O2'" 1 
ATOM   16   O  "O2'" B U   A 1 1  ? 10.743  -0.731  17.265  0.50 82.24  ? 1   U   A "O2'" 1 
ATOM   17   C  "C1'" A U   A 1 1  ? 12.141  -1.770  16.446  0.50 76.37  ? 1   U   A "C1'" 1 
ATOM   18   C  "C1'" B U   A 1 1  ? 12.171  -2.142  15.937  0.50 78.19  ? 1   U   A "C1'" 1 
ATOM   19   N  N1    A U   A 1 1  ? 12.673  -1.260  15.177  0.50 71.44  ? 1   U   A N1    1 
ATOM   20   N  N1    B U   A 1 1  ? 12.438  -2.516  14.547  0.50 73.19  ? 1   U   A N1    1 
ATOM   21   C  C2    A U   A 1 1  ? 13.129  0.046   15.141  0.50 69.31  ? 1   U   A C2    1 
ATOM   22   C  C2    B U   A 1 1  ? 12.931  -1.562  13.672  0.50 72.02  ? 1   U   A C2    1 
ATOM   23   O  O2    A U   A 1 1  ? 13.149  0.768   16.125  0.50 69.56  ? 1   U   A O2    1 
ATOM   24   O  O2    B U   A 1 1  ? 13.184  -0.403  14.001  0.50 72.36  ? 1   U   A O2    1 
ATOM   25   N  N3    A U   A 1 1  ? 13.559  0.472   13.908  0.50 66.08  ? 1   U   A N3    1 
ATOM   26   N  N3    B U   A 1 1  ? 13.121  -2.027  12.393  0.50 70.19  ? 1   U   A N3    1 
ATOM   27   C  C4    A U   A 1 1  ? 13.581  -0.267  12.739  0.50 67.38  ? 1   U   A C4    1 
ATOM   28   C  C4    B U   A 1 1  ? 12.881  -3.317  11.936  0.50 69.04  ? 1   U   A C4    1 
ATOM   29   O  O4    A U   A 1 1  ? 13.927  0.272   11.690  0.50 64.53  ? 1   U   A O4    1 
ATOM   30   O  O4    B U   A 1 1  ? 13.104  -3.590  10.767  0.50 66.02  ? 1   U   A O4    1 
ATOM   31   C  C5    A U   A 1 1  ? 13.117  -1.614  12.870  0.50 68.40  ? 1   U   A C5    1 
ATOM   32   C  C5    B U   A 1 1  ? 12.388  -4.226  12.905  0.50 68.99  ? 1   U   A C5    1 
ATOM   33   C  C6    A U   A 1 1  ? 12.691  -2.053  14.055  0.50 69.91  ? 1   U   A C6    1 
ATOM   34   C  C6    B U   A 1 1  ? 12.189  -3.809  14.139  0.50 69.76  ? 1   U   A C6    1 
ATOM   35   P  P     . C   A 1 2  ? 7.369   -2.363  15.676  1.00 79.13  ? 2   C   A P     1 
ATOM   36   O  OP1   . C   A 1 2  ? 6.244   -1.943  16.545  1.00 78.82  ? 2   C   A OP1   1 
ATOM   37   O  OP2   . C   A 1 2  ? 7.197   -3.518  14.739  1.00 72.34  ? 2   C   A OP2   1 
ATOM   38   O  "O5'" . C   A 1 2  ? 7.829   -1.079  14.860  1.00 71.18  ? 2   C   A "O5'" 1 
ATOM   39   C  "C5'" . C   A 1 2  ? 8.024   0.149   15.540  1.00 60.80  ? 2   C   A "C5'" 1 
ATOM   40   C  "C4'" . C   A 1 2  ? 8.478   1.213   14.584  1.00 61.42  ? 2   C   A "C4'" 1 
ATOM   41   O  "O4'" . C   A 1 2  ? 9.745   0.800   14.018  1.00 62.93  ? 2   C   A "O4'" 1 
ATOM   42   C  "C3'" . C   A 1 2  ? 7.598   1.422   13.363  1.00 58.36  ? 2   C   A "C3'" 1 
ATOM   43   O  "O3'" . C   A 1 2  ? 6.454   2.233   13.629  1.00 57.61  ? 2   C   A "O3'" 1 
ATOM   44   C  "C2'" . C   A 1 2  ? 8.582   2.058   12.392  1.00 58.30  ? 2   C   A "C2'" 1 
ATOM   45   O  "O2'" . C   A 1 2  ? 8.850   3.398   12.725  1.00 58.89  ? 2   C   A "O2'" 1 
ATOM   46   C  "C1'" . C   A 1 2  ? 9.841   1.246   12.680  1.00 56.62  ? 2   C   A "C1'" 1 
ATOM   47   N  N1    . C   A 1 2  ? 9.975   0.071   11.810  1.00 53.40  ? 2   C   A N1    1 
ATOM   48   C  C2    . C   A 1 2  ? 10.423  0.253   10.500  1.00 51.36  ? 2   C   A C2    1 
ATOM   49   O  O2    . C   A 1 2  ? 10.697  1.392   10.108  1.00 49.89  ? 2   C   A O2    1 
ATOM   50   N  N3    . C   A 1 2  ? 10.541  -0.805  9.692   1.00 47.49  ? 2   C   A N3    1 
ATOM   51   C  C4    . C   A 1 2  ? 10.227  -2.015  10.135  1.00 51.58  ? 2   C   A C4    1 
ATOM   52   N  N4    . C   A 1 2  ? 10.356  -3.033  9.285   1.00 52.94  ? 2   C   A N4    1 
ATOM   53   C  C5    . C   A 1 2  ? 9.767   -2.238  11.465  1.00 51.77  ? 2   C   A C5    1 
ATOM   54   C  C6    . C   A 1 2  ? 9.662   -1.174  12.264  1.00 51.66  ? 2   C   A C6    1 
ATOM   55   P  P     . C   A 1 3  ? 5.070   1.938   12.861  1.00 55.30  ? 3   C   A P     1 
ATOM   56   O  OP1   . C   A 1 3  ? 3.995   2.695   13.538  1.00 52.09  ? 3   C   A OP1   1 
ATOM   57   O  OP2   . C   A 1 3  ? 4.918   0.482   12.642  1.00 53.66  ? 3   C   A OP2   1 
ATOM   58   O  "O5'" . C   A 1 3  ? 5.295   2.579   11.426  1.00 54.69  ? 3   C   A "O5'" 1 
ATOM   59   C  "C5'" . C   A 1 3  ? 5.402   3.980   11.281  1.00 53.65  ? 3   C   A "C5'" 1 
ATOM   60   C  "C4'" . C   A 1 3  ? 5.602   4.346   9.837   1.00 51.47  ? 3   C   A "C4'" 1 
ATOM   61   O  "O4'" . C   A 1 3  ? 6.838   3.757   9.377   1.00 52.98  ? 3   C   A "O4'" 1 
ATOM   62   C  "C3'" . C   A 1 3  ? 4.566   3.807   8.877   1.00 54.23  ? 3   C   A "C3'" 1 
ATOM   63   O  "O3'" . C   A 1 3  ? 3.417   4.630   8.817   1.00 51.04  ? 3   C   A "O3'" 1 
ATOM   64   C  "C2'" . C   A 1 3  ? 5.327   3.821   7.566   1.00 53.91  ? 3   C   A "C2'" 1 
ATOM   65   O  "O2'" . C   A 1 3  ? 5.442   5.138   7.089   1.00 55.51  ? 3   C   A "O2'" 1 
ATOM   66   C  "C1'" . C   A 1 3  ? 6.708   3.365   8.025   1.00 55.42  ? 3   C   A "C1'" 1 
ATOM   67   N  N1    . C   A 1 3  ? 6.947   1.908   7.929   1.00 53.23  ? 3   C   A N1    1 
ATOM   68   C  C2    . C   A 1 3  ? 7.268   1.363   6.688   1.00 54.41  ? 3   C   A C2    1 
ATOM   69   O  O2    . C   A 1 3  ? 7.298   2.101   5.700   1.00 51.09  ? 3   C   A O2    1 
ATOM   70   N  N3    . C   A 1 3  ? 7.530   0.054   6.591   1.00 53.54  ? 3   C   A N3    1 
ATOM   71   C  C4    . C   A 1 3  ? 7.467   -0.715  7.669   1.00 55.94  ? 3   C   A C4    1 
ATOM   72   N  N4    . C   A 1 3  ? 7.732   -2.006  7.521   1.00 54.54  ? 3   C   A N4    1 
ATOM   73   C  C5    . C   A 1 3  ? 7.126   -0.197  8.942   1.00 52.43  ? 3   C   A C5    1 
ATOM   74   C  C6    . C   A 1 3  ? 6.875   1.107   9.028   1.00 54.05  ? 3   C   A C6    1 
ATOM   75   P  P     . C   A 1 4  ? 1.972   3.955   8.688   1.00 59.39  ? 4   C   A P     1 
ATOM   76   O  OP1   . C   A 1 4  ? 0.952   5.023   8.789   1.00 61.35  ? 4   C   A OP1   1 
ATOM   77   O  OP2   . C   A 1 4  ? 1.919   2.791   9.603   1.00 50.95  ? 4   C   A OP2   1 
ATOM   78   O  "O5'" . C   A 1 4  ? 1.954   3.377   7.208   1.00 56.40  ? 4   C   A "O5'" 1 
ATOM   79   C  "C5'" . C   A 1 4  ? 2.126   4.234   6.100   1.00 55.38  ? 4   C   A "C5'" 1 
ATOM   80   C  "C4'" . C   A 1 4  ? 2.250   3.436   4.832   1.00 60.40  ? 4   C   A "C4'" 1 
ATOM   81   O  "O4'" . C   A 1 4  ? 3.446   2.615   4.899   1.00 58.50  ? 4   C   A "O4'" 1 
ATOM   82   C  "C3'" . C   A 1 4  ? 1.138   2.416   4.631   1.00 59.66  ? 4   C   A "C3'" 1 
ATOM   83   O  "O3'" . C   A 1 4  ? 0.006   3.044   4.019   1.00 63.64  ? 4   C   A "O3'" 1 
ATOM   84   C  "C2'" . C   A 1 4  ? 1.802   1.423   3.678   1.00 56.99  ? 4   C   A "C2'" 1 
ATOM   85   O  "O2'" . C   A 1 4  ? 1.812   1.848   2.333   1.00 57.50  ? 4   C   A "O2'" 1 
ATOM   86   C  "C1'" . C   A 1 4  ? 3.246   1.435   4.157   1.00 55.40  ? 4   C   A "C1'" 1 
ATOM   87   N  N1    . C   A 1 4  ? 3.689   0.253   4.903   1.00 57.23  ? 4   C   A N1    1 
ATOM   88   C  C2    . C   A 1 4  ? 3.984   -0.885  4.174   1.00 55.61  ? 4   C   A C2    1 
ATOM   89   O  O2    . C   A 1 4  ? 3.851   -0.845  2.961   1.00 58.72  ? 4   C   A O2    1 
ATOM   90   N  N3    . C   A 1 4  ? 4.398   -2.001  4.799   1.00 55.65  ? 4   C   A N3    1 
ATOM   91   C  C4    . C   A 1 4  ? 4.516   -2.011  6.122   1.00 56.87  ? 4   C   A C4    1 
ATOM   92   N  N4    . C   A 1 4  ? 4.926   -3.142  6.705   1.00 55.19  ? 4   C   A N4    1 
ATOM   93   C  C5    . C   A 1 4  ? 4.218   -0.859  6.911   1.00 55.41  ? 4   C   A C5    1 
ATOM   94   C  C6    . C   A 1 4  ? 3.811   0.248   6.261   1.00 53.66  ? 4   C   A C6    1 
HETATM 95   P  P     . A2M A 1 5  ? -1.497  2.710   4.513   1.00 67.50  ? 5   A2M A P     1 
HETATM 96   O  OP1   . A2M A 1 5  ? -2.380  3.690   3.821   1.00 66.89  ? 5   A2M A OP1   1 
HETATM 97   O  "O5'" . A2M A 1 5  ? -1.799  1.243   3.989   1.00 62.86  ? 5   A2M A "O5'" 1 
HETATM 98   C  "C5'" . A2M A 1 5  ? -1.539  0.875   2.649   1.00 65.29  ? 5   A2M A "C5'" 1 
HETATM 99   C  "C4'" . A2M A 1 5  ? -1.574  -0.618  2.529   1.00 66.85  ? 5   A2M A "C4'" 1 
HETATM 100  O  "O4'" . A2M A 1 5  ? -0.565  -1.213  3.379   1.00 63.90  ? 5   A2M A "O4'" 1 
HETATM 101  C  "C3'" . A2M A 1 5  ? -2.899  -1.145  3.027   1.00 71.18  ? 5   A2M A "C3'" 1 
HETATM 102  O  "O3'" . A2M A 1 5  ? -3.198  -2.232  2.156   1.00 80.73  ? 5   A2M A "O3'" 1 
HETATM 103  C  "C2'" . A2M A 1 5  ? -2.645  -1.535  4.478   1.00 67.76  ? 5   A2M A "C2'" 1 
HETATM 104  O  "O2'" . A2M A 1 5  ? -3.355  -2.644  4.945   1.00 74.30  ? 5   A2M A "O2'" 1 
HETATM 105  C  "C1'" . A2M A 1 5  ? -1.174  -1.912  4.424   1.00 66.00  ? 5   A2M A "C1'" 1 
HETATM 106  C  "CM'" . A2M A 1 5  ? -4.432  -2.233  5.864   1.00 62.27  ? 5   A2M A "CM'" 1 
HETATM 107  N  N9    . A2M A 1 5  ? -0.382  -1.813  5.645   1.00 64.42  ? 5   A2M A N9    1 
HETATM 108  C  C8    . A2M A 1 5  ? -0.160  -0.744  6.480   1.00 65.30  ? 5   A2M A C8    1 
HETATM 109  N  N7    . A2M A 1 5  ? 0.584   -1.038  7.521   1.00 64.21  ? 5   A2M A N7    1 
HETATM 110  C  C5    . A2M A 1 5  ? 0.877   -2.391  7.352   1.00 64.77  ? 5   A2M A C5    1 
HETATM 111  C  C6    . A2M A 1 5  ? 1.630   -3.313  8.121   1.00 66.00  ? 5   A2M A C6    1 
HETATM 112  N  N6    . A2M A 1 5  ? 2.258   -2.993  9.256   1.00 68.32  ? 5   A2M A N6    1 
HETATM 113  N  N1    . A2M A 1 5  ? 1.719   -4.590  7.676   1.00 65.34  ? 5   A2M A N1    1 
HETATM 114  C  C2    . A2M A 1 5  ? 1.102   -4.907  6.533   1.00 64.39  ? 5   A2M A C2    1 
HETATM 115  N  N3    . A2M A 1 5  ? 0.372   -4.133  5.723   1.00 63.55  ? 5   A2M A N3    1 
HETATM 116  C  C4    . A2M A 1 5  ? 0.297   -2.874  6.199   1.00 62.32  ? 5   A2M A C4    1 
HETATM 117  O  OP2   . A2M A 1 5  ? -1.550  2.593   5.981   1.00 66.34  ? 5   A2M A OP2   1 
ATOM   118  P  P     . G   A 1 6  ? -4.596  -3.028  2.244   1.00 85.64  ? 6   G   A P     1 
ATOM   119  O  OP1   . G   A 1 6  ? -5.637  -2.174  2.807   1.00 86.34  ? 6   G   A OP1   1 
ATOM   120  O  OP2   . G   A 1 6  ? -4.384  -4.384  2.842   1.00 72.84  ? 6   G   A OP2   1 
ATOM   121  O  "O5'" . G   A 1 6  ? -4.895  -3.253  0.707   1.00 82.62  ? 6   G   A "O5'" 1 
ATOM   122  C  "C5'" . G   A 1 6  ? -5.264  -4.542  0.245   1.00 74.45  ? 6   G   A "C5'" 1 
ATOM   123  C  "C4'" . G   A 1 6  ? -6.405  -4.424  -0.723  1.00 72.17  ? 6   G   A "C4'" 1 
ATOM   124  O  "O4'" . G   A 1 6  ? -6.000  -3.530  -1.796  1.00 66.90  ? 6   G   A "O4'" 1 
ATOM   125  C  "C3'" . G   A 1 6  ? -6.614  -5.780  -1.408  1.00 69.80  ? 6   G   A "C3'" 1 
ATOM   126  O  "O3'" . G   A 1 6  ? -7.989  -6.139  -1.433  1.00 73.95  ? 6   G   A "O3'" 1 
ATOM   127  C  "C2'" . G   A 1 6  ? -5.952  -5.718  -2.775  1.00 66.62  ? 6   G   A "C2'" 1 
ATOM   128  O  "O2'" . G   A 1 6  ? -6.682  -6.439  -3.760  1.00 75.54  ? 6   G   A "O2'" 1 
ATOM   129  C  "C1'" . G   A 1 6  ? -6.018  -4.223  -3.019  1.00 65.47  ? 6   G   A "C1'" 1 
ATOM   130  N  N9    . G   A 1 6  ? -5.045  -3.645  -3.935  1.00 59.83  ? 6   G   A N9    1 
ATOM   131  C  C8    . G   A 1 6  ? -5.302  -2.776  -4.980  1.00 57.22  ? 6   G   A C8    1 
ATOM   132  N  N7    . G   A 1 6  ? -4.228  -2.550  -5.710  1.00 56.59  ? 6   G   A N7    1 
ATOM   133  C  C5    . G   A 1 6  ? -3.221  -3.298  -5.079  1.00 54.34  ? 6   G   A C5    1 
ATOM   134  C  C6    . G   A 1 6  ? -1.878  -3.440  -5.423  1.00 53.86  ? 6   G   A C6    1 
ATOM   135  O  O6    . G   A 1 6  ? -1.267  -2.940  -6.358  1.00 56.94  ? 6   G   A O6    1 
ATOM   136  N  N1    . G   A 1 6  ? -1.217  -4.254  -4.519  1.00 54.87  ? 6   G   A N1    1 
ATOM   137  C  C2    . G   A 1 6  ? -1.785  -4.854  -3.436  1.00 54.73  ? 6   G   A C2    1 
ATOM   138  N  N2    . G   A 1 6  ? -0.950  -5.580  -2.704  1.00 55.15  ? 6   G   A N2    1 
ATOM   139  N  N3    . G   A 1 6  ? -3.058  -4.742  -3.112  1.00 54.96  ? 6   G   A N3    1 
ATOM   140  C  C4    . G   A 1 6  ? -3.716  -3.943  -3.974  1.00 56.35  ? 6   G   A C4    1 
ATOM   141  P  P     . U   A 1 7  ? -8.721  -6.584  -0.075  1.00 76.07  ? 7   U   A P     1 
ATOM   142  O  OP1   . U   A 1 7  ? -10.146 -6.692  -0.341  1.00 80.51  ? 7   U   A OP1   1 
ATOM   143  O  OP2   . U   A 1 7  ? -8.260  -5.735  1.002   1.00 77.60  ? 7   U   A OP2   1 
ATOM   144  O  "O5'" . U   A 1 7  ? -8.148  -8.063  0.043   1.00 72.94  ? 7   U   A "O5'" 1 
ATOM   145  C  "C5'" . U   A 1 7  ? -8.182  -8.891  -1.096  1.00 72.48  ? 7   U   A "C5'" 1 
ATOM   146  C  "C4'" . U   A 1 7  ? -7.509  -10.194 -0.870  1.00 72.89  ? 7   U   A "C4'" 1 
ATOM   147  O  "O4'" . U   A 1 7  ? -6.101  -9.953  -0.664  1.00 76.09  ? 7   U   A "O4'" 1 
ATOM   148  C  "C3'" . U   A 1 7  ? -7.939  -10.871 0.402   1.00 73.43  ? 7   U   A "C3'" 1 
ATOM   149  O  "O3'" . U   A 1 7  ? -9.150  -11.580 0.239   1.00 75.70  ? 7   U   A "O3'" 1 
ATOM   150  C  "C2'" . U   A 1 7  ? -6.767  -11.807 0.670   1.00 75.65  ? 7   U   A "C2'" 1 
ATOM   151  O  "O2'" . U   A 1 7  ? -6.865  -13.019 -0.054  1.00 81.00  ? 7   U   A "O2'" 1 
ATOM   152  C  "C1'" . U   A 1 7  ? -5.591  -10.939 0.215   1.00 77.03  ? 7   U   A "C1'" 1 
ATOM   153  N  N1    . U   A 1 7  ? -4.908  -10.289 1.338   1.00 77.18  ? 7   U   A N1    1 
ATOM   154  C  C2    . U   A 1 7  ? -4.050  -11.083 2.080   1.00 78.00  ? 7   U   A C2    1 
ATOM   155  O  O2    . U   A 1 7  ? -3.827  -12.252 1.795   1.00 77.93  ? 7   U   A O2    1 
ATOM   156  N  N3    . U   A 1 7  ? -3.466  -10.459 3.156   1.00 78.14  ? 7   U   A N3    1 
ATOM   157  C  C4    . U   A 1 7  ? -3.643  -9.144  3.543   1.00 78.09  ? 7   U   A C4    1 
ATOM   158  O  O4    . U   A 1 7  ? -3.058  -8.730  4.542   1.00 81.82  ? 7   U   A O4    1 
ATOM   159  C  C5    . U   A 1 7  ? -4.525  -8.386  2.711   1.00 76.81  ? 7   U   A C5    1 
ATOM   160  C  C6    . U   A 1 7  ? -5.112  -8.968  1.663   1.00 76.92  ? 7   U   A C6    1 
ATOM   161  P  P     . C   A 1 8  ? -10.185 -11.659 1.471   1.00 76.36  ? 8   C   A P     1 
ATOM   162  O  OP1   . C   A 1 8  ? -11.330 -12.471 0.997   1.00 82.08  ? 8   C   A OP1   1 
ATOM   163  O  OP2   . C   A 1 8  ? -10.413 -10.280 1.982   1.00 71.14  ? 8   C   A OP2   1 
ATOM   164  O  "O5'" . C   A 1 8  ? -9.396  -12.495 2.573   1.00 73.21  ? 8   C   A "O5'" 1 
ATOM   165  C  "C5'" . C   A 1 8  ? -8.938  -13.813 2.294   1.00 78.44  ? 8   C   A "C5'" 1 
ATOM   166  C  "C4'" . C   A 1 8  ? -8.131  -14.335 3.459   1.00 83.20  ? 8   C   A "C4'" 1 
ATOM   167  O  "O4'" . C   A 1 8  ? -6.865  -13.626 3.531   1.00 85.40  ? 8   C   A "O4'" 1 
ATOM   168  C  "C3'" . C   A 1 8  ? -8.755  -14.085 4.821   1.00 85.42  ? 8   C   A "C3'" 1 
ATOM   169  O  "O3'" . C   A 1 8  ? -9.749  -15.041 5.155   1.00 89.37  ? 8   C   A "O3'" 1 
ATOM   170  C  "C2'" . C   A 1 8  ? -7.549  -14.133 5.748   1.00 84.80  ? 8   C   A "C2'" 1 
ATOM   171  O  "O2'" . C   A 1 8  ? -7.139  -15.446 6.065   1.00 87.55  ? 8   C   A "O2'" 1 
ATOM   172  C  "C1'" . C   A 1 8  ? -6.491  -13.448 4.889   1.00 83.94  ? 8   C   A "C1'" 1 
ATOM   173  N  N1    . C   A 1 8  ? -6.438  -12.010 5.173   1.00 82.91  ? 8   C   A N1    1 
ATOM   174  C  C2    . C   A 1 8  ? -5.539  -11.552 6.141   1.00 83.69  ? 8   C   A C2    1 
ATOM   175  O  O2    . C   A 1 8  ? -4.805  -12.373 6.714   1.00 85.23  ? 8   C   A O2    1 
ATOM   176  N  N3    . C   A 1 8  ? -5.487  -10.234 6.424   1.00 82.85  ? 8   C   A N3    1 
ATOM   177  C  C4    . C   A 1 8  ? -6.285  -9.381  5.775   1.00 82.81  ? 8   C   A C4    1 
ATOM   178  N  N4    . C   A 1 8  ? -6.195  -8.079  6.079   1.00 81.50  ? 8   C   A N4    1 
ATOM   179  C  C5    . C   A 1 8  ? -7.211  -9.822  4.783   1.00 80.33  ? 8   C   A C5    1 
ATOM   180  C  C6    . C   A 1 8  ? -7.252  -11.132 4.517   1.00 80.56  ? 8   C   A C6    1 
ATOM   181  P  P     . C   A 1 9  ? -11.000 -14.591 6.057   1.00 93.80  ? 9   C   A P     1 
ATOM   182  O  OP1   . C   A 1 9  ? -11.946 -15.732 6.077   1.00 95.21  ? 9   C   A OP1   1 
ATOM   183  O  OP2   . C   A 1 9  ? -11.470 -13.253 5.580   1.00 91.00  ? 9   C   A OP2   1 
ATOM   184  O  "O5'" . C   A 1 9  ? -10.361 -14.406 7.509   1.00 94.68  ? 9   C   A "O5'" 1 
ATOM   185  C  "C5'" . C   A 1 9  ? -9.595  -15.448 8.117   1.00 94.61  ? 9   C   A "C5'" 1 
ATOM   186  C  "C4'" . C   A 1 9  ? -9.048  -14.990 9.452   1.00 98.38  ? 9   C   A "C4'" 1 
ATOM   187  O  "O4'" . C   A 1 9  ? -8.010  -13.992 9.234   1.00 97.00  ? 9   C   A "O4'" 1 
ATOM   188  C  "C3'" . C   A 1 9  ? -10.049 -14.268 10.345  1.00 101.65 ? 9   C   A "C3'" 1 
ATOM   189  O  "O3'" . C   A 1 9  ? -10.897 -15.154 11.069  1.00 106.32 ? 9   C   A "O3'" 1 
ATOM   190  C  "C2'" . C   A 1 9  ? -9.143  -13.445 11.254  1.00 101.16 ? 9   C   A "C2'" 1 
ATOM   191  O  "O2'" . C   A 1 9  ? -8.596  -14.177 12.339  1.00 105.22 ? 9   C   A "O2'" 1 
ATOM   192  C  "C1'" . C   A 1 9  ? -8.043  -13.030 10.278  1.00 96.71  ? 9   C   A "C1'" 1 
ATOM   193  N  N1    . C   A 1 9  ? -8.307  -11.704 9.706   1.00 94.22  ? 9   C   A N1    1 
ATOM   194  C  C2    . C   A 1 9  ? -7.953  -10.584 10.445  1.00 93.61  ? 9   C   A C2    1 
ATOM   195  O  O2    . C   A 1 9  ? -7.432  -10.746 11.558  1.00 95.32  ? 9   C   A O2    1 
ATOM   196  N  N3    . C   A 1 9  ? -8.186  -9.354  9.938   1.00 91.58  ? 9   C   A N3    1 
ATOM   197  C  C4    . C   A 1 9  ? -8.753  -9.226  8.744   1.00 90.84  ? 9   C   A C4    1 
ATOM   198  N  N4    . C   A 1 9  ? -8.960  -8.003  8.281   1.00 89.13  ? 9   C   A N4    1 
ATOM   199  C  C5    . C   A 1 9  ? -9.131  -10.351 7.970   1.00 92.26  ? 9   C   A C5    1 
ATOM   200  C  C6    . C   A 1 9  ? -8.890  -11.563 8.483   1.00 93.83  ? 9   C   A C6    1 
ATOM   201  P  P     . A   A 1 10 ? -12.325 -14.630 11.606  1.00 109.73 ? 10  A   A P     1 
ATOM   202  O  OP1   . A   A 1 10 ? -13.002 -15.809 12.202  1.00 109.08 ? 10  A   A OP1   1 
ATOM   203  O  OP2   . A   A 1 10 ? -13.009 -13.853 10.531  1.00 106.89 ? 10  A   A OP2   1 
ATOM   204  O  "O5'" . A   A 1 10 ? -11.949 -13.613 12.770  1.00 108.40 ? 10  A   A "O5'" 1 
ATOM   205  C  "C5'" . A   A 1 10 ? -11.284 -14.059 13.947  1.00 110.54 ? 10  A   A "C5'" 1 
ATOM   206  C  "C4'" . A   A 1 10 ? -11.186 -12.929 14.941  1.00 112.18 ? 10  A   A "C4'" 1 
ATOM   207  O  "O4'" . A   A 1 10 ? -10.215 -11.951 14.475  1.00 110.74 ? 10  A   A "O4'" 1 
ATOM   208  C  "C3'" . A   A 1 10 ? -12.465 -12.127 15.121  1.00 114.51 ? 10  A   A "C3'" 1 
ATOM   209  O  "O3'" . A   A 1 10 ? -13.373 -12.743 16.028  1.00 118.28 ? 10  A   A "O3'" 1 
ATOM   210  C  "C2'" . A   A 1 10 ? -11.940 -10.790 15.632  1.00 112.64 ? 10  A   A "C2'" 1 
ATOM   211  O  "O2'" . A   A 1 10 ? -11.652 -10.796 17.019  1.00 112.99 ? 10  A   A "O2'" 1 
ATOM   212  C  "C1'" . A   A 1 10 ? -10.655 -10.642 14.813  1.00 109.36 ? 10  A   A "C1'" 1 
ATOM   213  N  N9    . A   A 1 10 ? -10.894 -9.913  13.569  1.00 106.47 ? 10  A   A N9    1 
ATOM   214  C  C8    . A   A 1 10 ? -11.167 -10.437 12.329  1.00 105.85 ? 10  A   A C8    1 
ATOM   215  N  N7    . A   A 1 10 ? -11.341 -9.532  11.400  1.00 105.33 ? 10  A   A N7    1 
ATOM   216  C  C5    . A   A 1 10 ? -11.170 -8.329  12.070  1.00 104.91 ? 10  A   A C5    1 
ATOM   217  C  C6    . A   A 1 10 ? -11.221 -6.983  11.638  1.00 104.21 ? 10  A   A C6    1 
ATOM   218  N  N6    . A   A 1 10 ? -11.474 -6.614  10.377  1.00 102.76 ? 10  A   A N6    1 
ATOM   219  N  N1    . A   A 1 10 ? -10.998 -6.019  12.564  1.00 104.34 ? 10  A   A N1    1 
ATOM   220  C  C2    . A   A 1 10 ? -10.743 -6.393  13.829  1.00 105.11 ? 10  A   A C2    1 
ATOM   221  N  N3    . A   A 1 10 ? -10.668 -7.622  14.352  1.00 104.92 ? 10  A   A N3    1 
ATOM   222  C  C4    . A   A 1 10 ? -10.894 -8.552  13.409  1.00 105.12 ? 10  A   A C4    1 
ATOM   223  P  P     . C   A 1 11 ? -14.934 -12.369 15.958  1.00 121.44 ? 11  C   A P     1 
ATOM   224  O  OP1   . C   A 1 11 ? -15.633 -13.267 16.911  1.00 119.83 ? 11  C   A OP1   1 
ATOM   225  O  OP2   . C   A 1 11 ? -15.351 -12.333 14.525  1.00 120.32 ? 11  C   A OP2   1 
ATOM   226  O  "O5'" . C   A 1 11 ? -15.000 -10.883 16.525  1.00 118.63 ? 11  C   A "O5'" 1 
ATOM   227  C  "C5'" . C   A 1 11 ? -14.590 -10.603 17.854  1.00 117.54 ? 11  C   A "C5'" 1 
ATOM   228  C  "C4'" . C   A 1 11 ? -14.654 -9.124  18.122  1.00 117.76 ? 11  C   A "C4'" 1 
ATOM   229  O  "O4'" . C   A 1 11 ? -13.650 -8.446  17.312  1.00 117.72 ? 11  C   A "O4'" 1 
ATOM   230  C  "C3'" . C   A 1 11 ? -15.951 -8.458  17.697  1.00 119.08 ? 11  C   A "C3'" 1 
ATOM   231  O  "O3'" . C   A 1 11 ? -16.992 -8.601  18.647  1.00 121.55 ? 11  C   A "O3'" 1 
ATOM   232  C  "C2'" . C   A 1 11 ? -15.526 -7.006  17.533  1.00 118.52 ? 11  C   A "C2'" 1 
ATOM   233  O  "O2'" . C   A 1 11 ? -15.440 -6.336  18.778  1.00 119.05 ? 11  C   A "O2'" 1 
ATOM   234  C  "C1'" . C   A 1 11 ? -14.137 -7.169  16.912  1.00 116.69 ? 11  C   A "C1'" 1 
ATOM   235  N  N1    . C   A 1 11 ? -14.187 -7.105  15.438  1.00 114.98 ? 11  C   A N1    1 
ATOM   236  C  C2    . C   A 1 11 ? -14.159 -5.839  14.818  1.00 114.47 ? 11  C   A C2    1 
ATOM   237  O  O2    . C   A 1 11 ? -14.031 -4.820  15.525  1.00 114.20 ? 11  C   A O2    1 
ATOM   238  N  N3    . C   A 1 11 ? -14.263 -5.764  13.473  1.00 113.24 ? 11  C   A N3    1 
ATOM   239  C  C4    . C   A 1 11 ? -14.377 -6.881  12.747  1.00 113.08 ? 11  C   A C4    1 
ATOM   240  N  N4    . C   A 1 11 ? -14.492 -6.753  11.426  1.00 113.13 ? 11  C   A N4    1 
ATOM   241  C  C5    . C   A 1 11 ? -14.381 -8.179  13.346  1.00 112.54 ? 11  C   A C5    1 
ATOM   242  C  C6    . C   A 1 11 ? -14.283 -8.242  14.680  1.00 113.40 ? 11  C   A C6    1 
ATOM   243  P  P     . C   A 1 12 ? -18.504 -8.220  18.228  1.00 124.64 ? 12  C   A P     1 
ATOM   244  O  OP1   . C   A 1 12 ? -19.308 -8.265  19.474  1.00 125.27 ? 12  C   A OP1   1 
ATOM   245  O  OP2   . C   A 1 12 ? -18.917 -9.038  17.053  1.00 123.57 ? 12  C   A OP2   1 
ATOM   246  O  "O5'" . C   A 1 12 ? -18.420 -6.692  17.788  1.00 121.07 ? 12  C   A "O5'" 1 
ATOM   247  C  "C5'" . C   A 1 12 ? -18.223 -5.688  18.767  1.00 119.59 ? 12  C   A "C5'" 1 
ATOM   248  C  "C4'" . C   A 1 12 ? -18.419 -4.319  18.175  1.00 119.76 ? 12  C   A "C4'" 1 
ATOM   249  O  "O4'" . C   A 1 12 ? -17.360 -4.050  17.215  1.00 119.04 ? 12  C   A "O4'" 1 
ATOM   250  C  "C3'" . C   A 1 12 ? -19.689 -4.131  17.364  1.00 120.25 ? 12  C   A "C3'" 1 
ATOM   251  O  "O3'" . C   A 1 12 ? -20.834 -3.898  18.168  1.00 122.35 ? 12  C   A "O3'" 1 
ATOM   252  C  "C2'" . C   A 1 12 ? -19.327 -2.942  16.478  1.00 118.94 ? 12  C   A "C2'" 1 
ATOM   253  O  "O2'" . C   A 1 12 ? -19.427 -1.682  17.135  1.00 117.58 ? 12  C   A "O2'" 1 
ATOM   254  C  "C1'" . C   A 1 12 ? -17.867 -3.257  16.148  1.00 116.40 ? 12  C   A "C1'" 1 
ATOM   255  N  N1    . C   A 1 12 ? -17.723 -4.004  14.879  1.00 112.62 ? 12  C   A N1    1 
ATOM   256  C  C2    . C   A 1 12 ? -17.722 -3.282  13.675  1.00 111.34 ? 12  C   A C2    1 
ATOM   257  O  O2    . C   A 1 12 ? -17.813 -2.035  13.716  1.00 110.81 ? 12  C   A O2    1 
ATOM   258  N  N3    . C   A 1 12 ? -17.621 -3.955  12.499  1.00 109.97 ? 12  C   A N3    1 
ATOM   259  C  C4    . C   A 1 12 ? -17.516 -5.287  12.499  1.00 108.92 ? 12  C   A C4    1 
ATOM   260  N  N4    . C   A 1 12 ? -17.422 -5.905  11.321  1.00 107.36 ? 12  C   A N4    1 
ATOM   261  C  C5    . C   A 1 12 ? -17.503 -6.044  13.707  1.00 109.22 ? 12  C   A C5    1 
ATOM   262  C  C6    . C   A 1 12 ? -17.606 -5.368  14.864  1.00 110.74 ? 12  C   A C6    1 
ATOM   263  P  P     . G   A 1 13 ? -22.303 -4.110  17.540  1.00 122.86 ? 13  G   A P     1 
ATOM   264  O  OP1   . G   A 1 13 ? -23.269 -3.718  18.597  1.00 123.59 ? 13  G   A OP1   1 
ATOM   265  O  OP2   . G   A 1 13 ? -22.366 -5.484  16.940  1.00 119.41 ? 13  G   A OP2   1 
ATOM   266  O  "O5'" . G   A 1 13 ? -22.406 -3.007  16.391  1.00 119.84 ? 13  G   A "O5'" 1 
ATOM   267  C  "C5'" . G   A 1 13 ? -22.502 -1.614  16.711  1.00 114.80 ? 13  G   A "C5'" 1 
ATOM   268  C  "C4'" . G   A 1 13 ? -22.683 -0.794  15.447  1.00 113.45 ? 13  G   A "C4'" 1 
ATOM   269  O  "O4'" . G   A 1 13 ? -21.518 -0.970  14.590  1.00 111.38 ? 13  G   A "O4'" 1 
ATOM   270  C  "C3'" . G   A 1 13 ? -23.853 -1.199  14.556  1.00 112.89 ? 13  G   A "C3'" 1 
ATOM   271  O  "O3'" . G   A 1 13 ? -25.153 -0.786  14.975  1.00 116.36 ? 13  G   A "O3'" 1 
ATOM   272  C  "C2'" . G   A 1 13 ? -23.426 -0.676  13.187  1.00 111.80 ? 13  G   A "C2'" 1 
ATOM   273  O  "O2'" . G   A 1 13 ? -23.647 0.713   13.004  1.00 108.41 ? 13  G   A "O2'" 1 
ATOM   274  C  "C1'" . G   A 1 13 ? -21.921 -0.955  13.222  1.00 109.16 ? 13  G   A "C1'" 1 
ATOM   275  N  N9    . G   A 1 13 ? -21.515 -2.209  12.569  1.00 105.64 ? 13  G   A N9    1 
ATOM   276  C  C8    . G   A 1 13 ? -21.271 -3.444  13.146  1.00 104.02 ? 13  G   A C8    1 
ATOM   277  N  N7    . G   A 1 13 ? -20.907 -4.358  12.279  1.00 102.37 ? 13  G   A N7    1 
ATOM   278  C  C5    . G   A 1 13 ? -20.913 -3.695  11.055  1.00 102.45 ? 13  G   A C5    1 
ATOM   279  C  C6    . G   A 1 13 ? -20.606 -4.168  9.737   1.00 101.53 ? 13  G   A C6    1 
ATOM   280  O  O6    . G   A 1 13 ? -20.241 -5.314  9.381   1.00 100.23 ? 13  G   A O6    1 
ATOM   281  N  N1    . G   A 1 13 ? -20.760 -3.152  8.785   1.00 99.86  ? 13  G   A N1    1 
ATOM   282  C  C2    . G   A 1 13 ? -21.158 -1.851  9.056   1.00 101.28 ? 13  G   A C2    1 
ATOM   283  N  N2    . G   A 1 13 ? -21.269 -1.009  8.003   1.00 100.45 ? 13  G   A N2    1 
ATOM   284  N  N3    . G   A 1 13 ? -21.432 -1.405  10.271  1.00 102.22 ? 13  G   A N3    1 
ATOM   285  C  C4    . G   A 1 13 ? -21.293 -2.369  11.214  1.00 103.20 ? 13  G   A C4    1 
ATOM   286  O  "O5'" . C   B 2 1  ? -18.448 -4.413  0.467   1.00 118.65 ? 2   C   B "O5'" 1 
ATOM   287  C  "C5'" . C   B 2 1  ? -18.890 -3.229  -0.223  1.00 117.21 ? 2   C   B "C5'" 1 
ATOM   288  C  "C4'" . C   B 2 1  ? -19.439 -2.130  0.670   1.00 115.91 ? 2   C   B "C4'" 1 
ATOM   289  O  "O4'" . C   B 2 1  ? -20.495 -2.680  1.510   1.00 115.16 ? 2   C   B "O4'" 1 
ATOM   290  C  "C3'" . C   B 2 1  ? -18.475 -1.514  1.676   1.00 116.02 ? 2   C   B "C3'" 1 
ATOM   291  O  "O3'" . C   B 2 1  ? -17.580 -0.552  1.116   1.00 117.24 ? 2   C   B "O3'" 1 
ATOM   292  C  "C2'" . C   B 2 1  ? -19.428 -0.961  2.740   1.00 114.39 ? 2   C   B "C2'" 1 
ATOM   293  O  "O2'" . C   B 2 1  ? -20.084 0.249   2.399   1.00 113.87 ? 2   C   B "O2'" 1 
ATOM   294  C  "C1'" . C   B 2 1  ? -20.467 -2.077  2.801   1.00 112.06 ? 2   C   B "C1'" 1 
ATOM   295  N  N1    . C   B 2 1  ? -20.119 -3.109  3.812   1.00 109.56 ? 2   C   B N1    1 
ATOM   296  C  C2    . C   B 2 1  ? -20.386 -2.837  5.161   1.00 108.35 ? 2   C   B C2    1 
ATOM   297  O  O2    . C   B 2 1  ? -20.912 -1.738  5.457   1.00 108.02 ? 2   C   B O2    1 
ATOM   298  N  N3    . C   B 2 1  ? -20.062 -3.777  6.105   1.00 106.80 ? 2   C   B N3    1 
ATOM   299  C  C4    . C   B 2 1  ? -19.498 -4.941  5.735   1.00 107.08 ? 2   C   B C4    1 
ATOM   300  N  N4    . C   B 2 1  ? -19.194 -5.838  6.689   1.00 106.39 ? 2   C   B N4    1 
ATOM   301  C  C5    . C   B 2 1  ? -19.219 -5.239  4.371   1.00 107.31 ? 2   C   B C5    1 
ATOM   302  C  C6    . C   B 2 1  ? -19.541 -4.305  3.450   1.00 108.63 ? 2   C   B C6    1 
ATOM   303  P  P     . G   B 2 2  ? -16.191 -0.209  1.874   1.00 117.65 ? 3   G   B P     1 
ATOM   304  O  OP1   . G   B 2 2  ? -15.514 0.857   1.086   1.00 117.00 ? 3   G   B OP1   1 
ATOM   305  O  OP2   . G   B 2 2  ? -15.474 -1.497  2.141   1.00 113.92 ? 3   G   B OP2   1 
ATOM   306  O  "O5'" . G   B 2 2  ? -16.662 0.452   3.254   1.00 114.67 ? 3   G   B "O5'" 1 
ATOM   307  C  "C5'" . G   B 2 2  ? -17.398 1.682   3.257   1.00 112.52 ? 3   G   B "C5'" 1 
ATOM   308  C  "C4'" . G   B 2 2  ? -17.603 2.201   4.669   1.00 111.50 ? 3   G   B "C4'" 1 
ATOM   309  O  "O4'" . G   B 2 2  ? -18.656 1.449   5.340   1.00 107.94 ? 3   G   B "O4'" 1 
ATOM   310  C  "C3'" . G   B 2 2  ? -16.418 2.116   5.623   1.00 112.48 ? 3   G   B "C3'" 1 
ATOM   311  O  "O3'" . G   B 2 2  ? -15.443 3.139   5.410   1.00 116.19 ? 3   G   B "O3'" 1 
ATOM   312  C  "C2'" . G   B 2 2  ? -17.111 2.162   6.986   1.00 109.48 ? 3   G   B "C2'" 1 
ATOM   313  O  "O2'" . G   B 2 2  ? -17.546 3.442   7.405   1.00 109.48 ? 3   G   B "O2'" 1 
ATOM   314  C  "C1'" . G   B 2 2  ? -18.335 1.294   6.718   1.00 104.64 ? 3   G   B "C1'" 1 
ATOM   315  N  N9    . G   B 2 2  ? -17.955 -0.094  6.955   1.00 100.32 ? 3   G   B N9    1 
ATOM   316  C  C8    . G   B 2 2  ? -17.567 -1.026  6.019   1.00 98.14  ? 3   G   B C8    1 
ATOM   317  N  N7    . G   B 2 2  ? -17.246 -2.179  6.540   1.00 96.84  ? 3   G   B N7    1 
ATOM   318  C  C5    . G   B 2 2  ? -17.445 -2.008  7.904   1.00 96.60  ? 3   G   B C5    1 
ATOM   319  C  C6    . G   B 2 2  ? -17.263 -2.922  8.990   1.00 95.91  ? 3   G   B C6    1 
ATOM   320  O  O6    . G   B 2 2  ? -16.879 -4.116  8.953   1.00 95.33  ? 3   G   B O6    1 
ATOM   321  N  N1    . G   B 2 2  ? -17.574 -2.320  10.217  1.00 95.55  ? 3   G   B N1    1 
ATOM   322  C  C2    . G   B 2 2  ? -17.997 -1.010  10.378  1.00 96.72  ? 3   G   B C2    1 
ATOM   323  N  N2    . G   B 2 2  ? -18.223 -0.601  11.642  1.00 96.30  ? 3   G   B N2    1 
ATOM   324  N  N3    . G   B 2 2  ? -18.176 -0.159  9.375   1.00 96.76  ? 3   G   B N3    1 
ATOM   325  C  C4    . G   B 2 2  ? -17.884 -0.721  8.176   1.00 98.12  ? 3   G   B C4    1 
ATOM   326  P  P     . G   B 2 3  ? -14.006 3.065   6.157   1.00 118.43 ? 4   G   B P     1 
ATOM   327  O  OP1   . G   B 2 3  ? -13.433 4.431   6.023   1.00 116.69 ? 4   G   B OP1   1 
ATOM   328  O  OP2   . G   B 2 3  ? -13.219 1.883   5.702   1.00 114.29 ? 4   G   B OP2   1 
ATOM   329  O  "O5'" . G   B 2 3  ? -14.363 2.862   7.694   1.00 116.67 ? 4   G   B "O5'" 1 
ATOM   330  C  "C5'" . G   B 2 3  ? -14.796 3.970   8.472   1.00 115.21 ? 4   G   B "C5'" 1 
ATOM   331  C  "C4'" . G   B 2 3  ? -14.641 3.680   9.940   1.00 114.16 ? 4   G   B "C4'" 1 
ATOM   332  O  "O4'" . G   B 2 3  ? -15.633 2.695   10.343  1.00 111.50 ? 4   G   B "O4'" 1 
ATOM   333  C  "C3'" . G   B 2 3  ? -13.320 3.052   10.356  1.00 114.42 ? 4   G   B "C3'" 1 
ATOM   334  O  "O3'" . G   B 2 3  ? -12.246 3.975   10.476  1.00 118.44 ? 4   G   B "O3'" 1 
ATOM   335  C  "C2'" . G   B 2 3  ? -13.691 2.381   11.671  1.00 111.88 ? 4   G   B "C2'" 1 
ATOM   336  O  "O2'" . G   B 2 3  ? -13.766 3.273   12.767  1.00 110.97 ? 4   G   B "O2'" 1 
ATOM   337  C  "C1'" . G   B 2 3  ? -15.076 1.842   11.330  1.00 108.66 ? 4   G   B "C1'" 1 
ATOM   338  N  N9    . G   B 2 3  ? -14.880 0.525   10.746  1.00 104.56 ? 4   G   B N9    1 
ATOM   339  C  C8    . G   B 2 3  ? -14.779 0.189   9.413   1.00 102.95 ? 4   G   B C8    1 
ATOM   340  N  N7    . G   B 2 3  ? -14.538 -1.080  9.225   1.00 101.94 ? 4   G   B N7    1 
ATOM   341  C  C5    . G   B 2 3  ? -14.494 -1.612  10.509  1.00 100.76 ? 4   G   B C5    1 
ATOM   342  C  C6    . G   B 2 3  ? -14.265 -2.943  10.949  1.00 100.52 ? 4   G   B C6    1 
ATOM   343  O  O6    . G   B 2 3  ? -14.060 -3.958  10.264  1.00 99.98  ? 4   G   B O6    1 
ATOM   344  N  N1    . G   B 2 3  ? -14.292 -3.033  12.344  1.00 100.12 ? 4   G   B N1    1 
ATOM   345  C  C2    . G   B 2 3  ? -14.517 -1.974  13.203  1.00 100.72 ? 4   G   B C2    1 
ATOM   346  N  N2    . G   B 2 3  ? -14.494 -2.248  14.525  1.00 100.79 ? 4   G   B N2    1 
ATOM   347  N  N3    . G   B 2 3  ? -14.743 -0.733  12.799  1.00 101.04 ? 4   G   B N3    1 
ATOM   348  C  C4    . G   B 2 3  ? -14.713 -0.628  11.453  1.00 101.98 ? 4   G   B C4    1 
ATOM   349  P  P     . U   B 2 4  ? -10.733 3.433   10.413  1.00 121.04 ? 5   U   B P     1 
ATOM   350  O  OP1   . U   B 2 4  ? -9.844  4.626   10.434  1.00 120.36 ? 5   U   B OP1   1 
ATOM   351  O  OP2   . U   B 2 4  ? -10.633 2.456   9.289   1.00 120.61 ? 5   U   B OP2   1 
ATOM   352  O  "O5'" . U   B 2 4  ? -10.568 2.618   11.776  1.00 118.57 ? 5   U   B "O5'" 1 
ATOM   353  C  "C5'" . U   B 2 4  ? -10.823 3.244   13.032  1.00 115.83 ? 5   U   B "C5'" 1 
ATOM   354  C  "C4'" . U   B 2 4  ? -10.638 2.259   14.165  1.00 114.36 ? 5   U   B "C4'" 1 
ATOM   355  O  "O4'" . U   B 2 4  ? -11.672 1.238   14.087  1.00 113.45 ? 5   U   B "O4'" 1 
ATOM   356  C  "C3'" . U   B 2 4  ? -9.346  1.452   14.136  1.00 114.27 ? 5   U   B "C3'" 1 
ATOM   357  O  "O3'" . U   B 2 4  ? -8.222  2.110   14.697  1.00 115.24 ? 5   U   B "O3'" 1 
ATOM   358  C  "C2'" . U   B 2 4  ? -9.706  0.232   14.965  1.00 112.13 ? 5   U   B "C2'" 1 
ATOM   359  O  "O2'" . U   B 2 4  ? -9.652  0.473   16.353  1.00 112.30 ? 5   U   B "O2'" 1 
ATOM   360  C  "C1'" . U   B 2 4  ? -11.143 -0.011  14.520  1.00 111.24 ? 5   U   B "C1'" 1 
ATOM   361  N  N1    . U   B 2 4  ? -11.139 -0.954  13.395  1.00 108.42 ? 5   U   B N1    1 
ATOM   362  C  C2    . U   B 2 4  ? -10.971 -2.297  13.704  1.00 107.07 ? 5   U   B C2    1 
ATOM   363  O  O2    . U   B 2 4  ? -10.852 -2.700  14.859  1.00 106.46 ? 5   U   B O2    1 
ATOM   364  N  N3    . U   B 2 4  ? -10.943 -3.140  12.616  1.00 105.96 ? 5   U   B N3    1 
ATOM   365  C  C4    . U   B 2 4  ? -11.063 -2.783  11.281  1.00 105.91 ? 5   U   B C4    1 
ATOM   366  O  O4    . U   B 2 4  ? -11.016 -3.652  10.414  1.00 104.77 ? 5   U   B O4    1 
ATOM   367  C  C5    . U   B 2 4  ? -11.239 -1.383  11.048  1.00 106.50 ? 5   U   B C5    1 
ATOM   368  C  C6    . U   B 2 4  ? -11.275 -0.536  12.086  1.00 107.33 ? 5   U   B C6    1 
ATOM   369  P  P     . G   B 2 5  ? -6.746  1.509   14.444  1.00 117.96 ? 6   G   B P     1 
ATOM   370  O  OP1   . G   B 2 5  ? -5.813  2.281   15.307  1.00 117.47 ? 6   G   B OP1   1 
ATOM   371  O  OP2   . G   B 2 5  ? -6.490  1.380   12.982  1.00 115.93 ? 6   G   B OP2   1 
ATOM   372  O  "O5'" . G   B 2 5  ? -6.789  0.026   15.001  1.00 111.75 ? 6   G   B "O5'" 1 
ATOM   373  C  "C5'" . G   B 2 5  ? -6.347  -0.238  16.306  1.00 105.35 ? 6   G   B "C5'" 1 
ATOM   374  C  "C4'" . G   B 2 5  ? -6.279  -1.713  16.538  1.00 101.37 ? 6   G   B "C4'" 1 
ATOM   375  O  "O4'" . G   B 2 5  ? -7.469  -2.329  15.972  1.00 98.97  ? 6   G   B "O4'" 1 
ATOM   376  C  "C3'" . G   B 2 5  ? -5.163  -2.403  15.784  1.00 99.44  ? 6   G   B "C3'" 1 
ATOM   377  O  "O3'" . G   B 2 5  ? -3.934  -2.243  16.463  1.00 101.75 ? 6   G   B "O3'" 1 
ATOM   378  C  "C2'" . G   B 2 5  ? -5.660  -3.845  15.727  1.00 96.79  ? 6   G   B "C2'" 1 
ATOM   379  O  "O2'" . G   B 2 5  ? -5.502  -4.595  16.918  1.00 93.04  ? 6   G   B "O2'" 1 
ATOM   380  C  "C1'" . G   B 2 5  ? -7.149  -3.629  15.497  1.00 95.96  ? 6   G   B "C1'" 1 
ATOM   381  N  N9    . G   B 2 5  ? -7.470  -3.750  14.078  1.00 93.22  ? 6   G   B N9    1 
ATOM   382  C  C8    . G   B 2 5  ? -7.722  -2.751  13.159  1.00 91.91  ? 6   G   B C8    1 
ATOM   383  N  N7    . G   B 2 5  ? -7.932  -3.208  11.951  1.00 90.46  ? 6   G   B N7    1 
ATOM   384  C  C5    . G   B 2 5  ? -7.821  -4.593  12.084  1.00 89.81  ? 6   G   B C5    1 
ATOM   385  C  C6    . G   B 2 5  ? -7.942  -5.634  11.113  1.00 88.83  ? 6   G   B C6    1 
ATOM   386  O  O6    . G   B 2 5  ? -8.182  -5.532  9.900   1.00 88.30  ? 6   G   B O6    1 
ATOM   387  N  N1    . G   B 2 5  ? -7.748  -6.897  11.684  1.00 87.05  ? 6   G   B N1    1 
ATOM   388  C  C2    . G   B 2 5  ? -7.473  -7.134  13.010  1.00 86.66  ? 6   G   B C2    1 
ATOM   389  N  N2    . G   B 2 5  ? -7.313  -8.419  13.367  1.00 85.36  ? 6   G   B N2    1 
ATOM   390  N  N3    . G   B 2 5  ? -7.362  -6.178  13.920  1.00 87.93  ? 6   G   B N3    1 
ATOM   391  C  C4    . G   B 2 5  ? -7.545  -4.940  13.390  1.00 90.17  ? 6   G   B C4    1 
ATOM   392  P  P     . A   B 2 6  ? -2.551  -2.475  15.680  1.00 102.52 ? 7   A   B P     1 
ATOM   393  O  OP1   . A   B 2 6  ? -1.473  -2.245  16.678  1.00 103.68 ? 7   A   B OP1   1 
ATOM   394  O  OP2   . A   B 2 6  ? -2.587  -1.649  14.431  1.00 99.18  ? 7   A   B OP2   1 
ATOM   395  O  "O5'" . A   B 2 6  ? -2.541  -4.038  15.335  1.00 96.88  ? 7   A   B "O5'" 1 
ATOM   396  C  "C5'" . A   B 2 6  ? -2.452  -5.030  16.367  1.00 93.40  ? 7   A   B "C5'" 1 
ATOM   397  C  "C4'" . A   B 2 6  ? -2.658  -6.411  15.787  1.00 94.31  ? 7   A   B "C4'" 1 
ATOM   398  O  "O4'" . A   B 2 6  ? -3.959  -6.469  15.142  1.00 93.58  ? 7   A   B "O4'" 1 
ATOM   399  C  "C3'" . A   B 2 6  ? -1.695  -6.808  14.685  1.00 94.05  ? 7   A   B "C3'" 1 
ATOM   400  O  "O3'" . A   B 2 6  ? -0.480  -7.326  15.188  1.00 95.25  ? 7   A   B "O3'" 1 
ATOM   401  C  "C2'" . A   B 2 6  ? -2.481  -7.863  13.914  1.00 91.49  ? 7   A   B "C2'" 1 
ATOM   402  O  "O2'" . A   B 2 6  ? -2.474  -9.147  14.503  1.00 91.76  ? 7   A   B "O2'" 1 
ATOM   403  C  "C1'" . A   B 2 6  ? -3.887  -7.277  13.969  1.00 91.18  ? 7   A   B "C1'" 1 
ATOM   404  N  N9    . A   B 2 6  ? -4.194  -6.442  12.800  1.00 88.96  ? 7   A   B N9    1 
ATOM   405  C  C8    . A   B 2 6  ? -4.271  -5.060  12.723  1.00 87.71  ? 7   A   B C8    1 
ATOM   406  N  N7    . A   B 2 6  ? -4.622  -4.610  11.540  1.00 86.60  ? 7   A   B N7    1 
ATOM   407  C  C5    . A   B 2 6  ? -4.776  -5.766  10.781  1.00 86.28  ? 7   A   B C5    1 
ATOM   408  C  C6    . A   B 2 6  ? -5.160  -5.970  9.444   1.00 85.12  ? 7   A   B C6    1 
ATOM   409  N  N6    . A   B 2 6  ? -5.498  -4.970  8.614   1.00 81.54  ? 7   A   B N6    1 
ATOM   410  N  N1    . A   B 2 6  ? -5.197  -7.252  8.989   1.00 84.18  ? 7   A   B N1    1 
ATOM   411  C  C2    . A   B 2 6  ? -4.885  -8.251  9.839   1.00 85.16  ? 7   A   B C2    1 
ATOM   412  N  N3    . A   B 2 6  ? -4.530  -8.187  11.122  1.00 87.36  ? 7   A   B N3    1 
ATOM   413  C  C4    . A   B 2 6  ? -4.495  -6.901  11.538  1.00 87.70  ? 7   A   B C4    1 
ATOM   414  P  P     . G   B 2 7  ? 0.879   -7.084  14.366  1.00 99.00  ? 8   G   B P     1 
ATOM   415  O  OP1   . G   B 2 7  ? 1.973   -7.873  14.994  1.00 95.65  ? 8   G   B OP1   1 
ATOM   416  O  OP2   . G   B 2 7  ? 1.017   -5.595  14.218  1.00 92.21  ? 8   G   B OP2   1 
ATOM   417  O  "O5'" . G   B 2 7  ? 0.602   -7.742  12.933  1.00 97.17  ? 8   G   B "O5'" 1 
ATOM   418  C  "C5'" . G   B 2 7  ? 0.384   -9.155  12.775  1.00 92.86  ? 8   G   B "C5'" 1 
ATOM   419  C  "C4'" . G   B 2 7  ? 0.042   -9.479  11.326  1.00 90.56  ? 8   G   B "C4'" 1 
ATOM   420  O  "O4'" . G   B 2 7  ? -1.156  -8.757  10.936  1.00 89.91  ? 8   G   B "O4'" 1 
ATOM   421  C  "C3'" . G   B 2 7  ? 1.078   -9.108  10.274  1.00 89.29  ? 8   G   B "C3'" 1 
ATOM   422  O  "O3'" . G   B 2 7  ? 2.004   -10.193 10.150  1.00 87.71  ? 8   G   B "O3'" 1 
ATOM   423  C  "C2'" . G   B 2 7  ? 0.220   -8.945  9.019   1.00 88.30  ? 8   G   B "C2'" 1 
ATOM   424  O  "O2'" . G   B 2 7  ? -0.178  -10.171 8.441   1.00 92.08  ? 8   G   B "O2'" 1 
ATOM   425  C  "C1'" . G   B 2 7  ? -1.049  -8.330  9.593   1.00 85.26  ? 8   G   B "C1'" 1 
ATOM   426  N  N9    . G   B 2 7  ? -1.155  -6.875  9.572   1.00 81.95  ? 8   G   B N9    1 
ATOM   427  C  C8    . G   B 2 7  ? -0.839  -5.973  10.582  1.00 81.06  ? 8   G   B C8    1 
ATOM   428  N  N7    . G   B 2 7  ? -1.113  -4.738  10.300  1.00 78.99  ? 8   G   B N7    1 
ATOM   429  C  C5    . G   B 2 7  ? -1.670  -4.808  9.029   1.00 79.00  ? 8   G   B C5    1 
ATOM   430  C  C6    . G   B 2 7  ? -2.202  -3.782  8.232   1.00 79.31  ? 8   G   B C6    1 
ATOM   431  O  O6    . G   B 2 7  ? -2.324  -2.581  8.482   1.00 78.85  ? 8   G   B O6    1 
ATOM   432  N  N1    . G   B 2 7  ? -2.645  -4.275  7.004   1.00 77.61  ? 8   G   B N1    1 
ATOM   433  C  C2    . G   B 2 7  ? -2.571  -5.603  6.569   1.00 78.51  ? 8   G   B C2    1 
ATOM   434  N  N2    . G   B 2 7  ? -3.030  -5.816  5.344   1.00 77.96  ? 8   G   B N2    1 
ATOM   435  N  N3    . G   B 2 7  ? -2.064  -6.564  7.321   1.00 80.32  ? 8   G   B N3    1 
ATOM   436  C  C4    . G   B 2 7  ? -1.660  -6.103  8.545   1.00 80.06  ? 8   G   B C4    1 
ATOM   437  P  P     . A   B 2 8  ? 3.317   -10.033 9.228   1.00 88.62  ? 9   A   B P     1 
ATOM   438  O  OP1   . A   B 2 8  ? 4.478   -10.701 9.865   1.00 87.63  ? 9   A   B OP1   1 
ATOM   439  O  OP2   . A   B 2 8  ? 3.411   -8.591  8.820   1.00 85.68  ? 9   A   B OP2   1 
ATOM   440  O  "O5'" . A   B 2 8  ? 2.982   -10.927 7.962   1.00 86.28  ? 9   A   B "O5'" 1 
ATOM   441  C  "C5'" . A   B 2 8  ? 2.654   -12.304 8.095   1.00 81.47  ? 9   A   B "C5'" 1 
ATOM   442  C  "C4'" . A   B 2 8  ? 2.251   -12.846 6.747   1.00 82.18  ? 9   A   B "C4'" 1 
ATOM   443  O  "O4'" . A   B 2 8  ? 0.978   -12.265 6.357   1.00 80.35  ? 9   A   B "O4'" 1 
ATOM   444  C  "C3'" . A   B 2 8  ? 3.191   -12.479 5.611   1.00 81.56  ? 9   A   B "C3'" 1 
ATOM   445  O  "O3'" . A   B 2 8  ? 4.286   -13.386 5.555   1.00 82.71  ? 9   A   B "O3'" 1 
ATOM   446  C  "C2'" . A   B 2 8  ? 2.271   -12.581 4.401   1.00 81.28  ? 9   A   B "C2'" 1 
ATOM   447  O  "O2'" . A   B 2 8  ? 2.035   -13.922 4.030   1.00 80.24  ? 9   A   B "O2'" 1 
ATOM   448  C  "C1'" . A   B 2 8  ? 0.966   -12.022 4.964   1.00 80.13  ? 9   A   B "C1'" 1 
ATOM   449  N  N9    . A   B 2 8  ? 0.770   -10.588 4.768   1.00 79.36  ? 9   A   B N9    1 
ATOM   450  C  C8    . A   B 2 8  ? 0.907   -9.596  5.700   1.00 79.78  ? 9   A   B C8    1 
ATOM   451  N  N7    . A   B 2 8  ? 0.587   -8.405  5.264   1.00 78.67  ? 9   A   B N7    1 
ATOM   452  C  C5    . A   B 2 8  ? 0.223   -8.628  3.950   1.00 79.42  ? 9   A   B C5    1 
ATOM   453  C  C6    . A   B 2 8  ? -0.253  -7.772  2.956   1.00 78.36  ? 9   A   B C6    1 
ATOM   454  N  N6    . A   B 2 8  ? -0.478  -6.467  3.150   1.00 76.13  ? 9   A   B N6    1 
ATOM   455  N  N1    . A   B 2 8  ? -0.509  -8.309  1.742   1.00 78.17  ? 9   A   B N1    1 
ATOM   456  C  C2    . A   B 2 8  ? -0.309  -9.624  1.564   1.00 80.49  ? 9   A   B C2    1 
ATOM   457  N  N3    . A   B 2 8  ? 0.115   -10.535 2.432   1.00 81.53  ? 9   A   B N3    1 
ATOM   458  C  C4    . A   B 2 8  ? 0.362   -9.965  3.622   1.00 80.06  ? 9   A   B C4    1 
ATOM   459  P  P     . A   B 2 9  ? 5.740   -12.869 5.092   1.00 86.67  ? 10  A   B P     1 
ATOM   460  O  OP1   . A   B 2 9  ? 6.597   -14.080 5.055   1.00 86.67  ? 10  A   B OP1   1 
ATOM   461  O  OP2   . A   B 2 9  ? 6.165   -11.676 5.871   1.00 83.81  ? 10  A   B OP2   1 
ATOM   462  O  "O5'" . A   B 2 9  ? 5.529   -12.386 3.595   1.00 83.07  ? 10  A   B "O5'" 1 
ATOM   463  C  "C5'" . A   B 2 9  ? 5.417   -13.325 2.526   1.00 76.47  ? 10  A   B "C5'" 1 
ATOM   464  C  "C4'" . A   B 2 9  ? 5.149   -12.601 1.229   1.00 72.79  ? 10  A   B "C4'" 1 
ATOM   465  O  "O4'" . A   B 2 9  ? 3.873   -11.921 1.323   1.00 69.91  ? 10  A   B "O4'" 1 
ATOM   466  C  "C3'" . A   B 2 9  ? 6.135   -11.499 0.904   1.00 71.71  ? 10  A   B "C3'" 1 
ATOM   467  O  "O3'" . A   B 2 9  ? 7.263   -12.033 0.238   1.00 71.10  ? 10  A   B "O3'" 1 
ATOM   468  C  "C2'" . A   B 2 9  ? 5.318   -10.605 -0.010  1.00 70.41  ? 10  A   B "C2'" 1 
ATOM   469  O  "O2'" . A   B 2 9  ? 5.236   -11.103 -1.317  1.00 71.52  ? 10  A   B "O2'" 1 
ATOM   470  C  "C1'" . A   B 2 9  ? 3.940   -10.694 0.634   1.00 66.71  ? 10  A   B "C1'" 1 
ATOM   471  N  N9    . A   B 2 9  ? 3.689   -9.613  1.585   1.00 67.43  ? 10  A   B N9    1 
ATOM   472  C  C8    . A   B 2 9  ? 3.849   -9.577  2.949   1.00 67.85  ? 10  A   B C8    1 
ATOM   473  N  N7    . A   B 2 9  ? 3.553   -8.414  3.483   1.00 66.76  ? 10  A   B N7    1 
ATOM   474  C  C5    . A   B 2 9  ? 3.166   -7.643  2.398   1.00 63.64  ? 10  A   B C5    1 
ATOM   475  C  C6    . A   B 2 9  ? 2.740   -6.316  2.284   1.00 62.45  ? 10  A   B C6    1 
ATOM   476  N  N6    . A   B 2 9  ? 2.614   -5.486  3.310   1.00 60.05  ? 10  A   B N6    1 
ATOM   477  N  N1    . A   B 2 9  ? 2.436   -5.861  1.054   1.00 64.25  ? 10  A   B N1    1 
ATOM   478  C  C2    . A   B 2 9  ? 2.553   -6.689  0.020   1.00 62.66  ? 10  A   B C2    1 
ATOM   479  N  N3    . A   B 2 9  ? 2.939   -7.949  -0.003  1.00 62.66  ? 10  A   B N3    1 
ATOM   480  C  C4    . A   B 2 9  ? 3.239   -8.372  1.231   1.00 64.29  ? 10  A   B C4    1 
ATOM   481  P  P     . G   B 2 10 ? 8.715   -11.425 0.523   1.00 71.09  ? 11  G   B P     1 
ATOM   482  O  OP1   . G   B 2 10 ? 9.699   -12.251 -0.209  1.00 74.94  ? 11  G   B OP1   1 
ATOM   483  O  OP2   . G   B 2 10 ? 8.837   -11.254 1.998   1.00 73.33  ? 11  G   B OP2   1 
ATOM   484  O  "O5'" . G   B 2 10 ? 8.689   -10.010 -0.195  1.00 68.03  ? 11  G   B "O5'" 1 
ATOM   485  C  "C5'" . G   B 2 10 ? 8.536   -9.935  -1.595  1.00 61.25  ? 11  G   B "C5'" 1 
ATOM   486  C  "C4'" . G   B 2 10 ? 8.085   -8.563  -2.004  1.00 64.39  ? 11  G   B "C4'" 1 
ATOM   487  O  "O4'" . G   B 2 10 ? 6.811   -8.284  -1.380  1.00 63.48  ? 11  G   B "O4'" 1 
ATOM   488  C  "C3'" . G   B 2 10 ? 8.962   -7.421  -1.541  1.00 64.66  ? 11  G   B "C3'" 1 
ATOM   489  O  "O3'" . G   B 2 10 ? 10.062  -7.199  -2.395  1.00 64.86  ? 11  G   B "O3'" 1 
ATOM   490  C  "C2'" . G   B 2 10 ? 7.996   -6.256  -1.577  1.00 62.76  ? 11  G   B "C2'" 1 
ATOM   491  O  "O2'" . G   B 2 10 ? 7.753   -5.851  -2.904  1.00 65.01  ? 11  G   B "O2'" 1 
ATOM   492  C  "C1'" . G   B 2 10 ? 6.736   -6.913  -1.039  1.00 62.31  ? 11  G   B "C1'" 1 
ATOM   493  N  N9    . G   B 2 10 ? 6.625   -6.801  0.413   1.00 62.00  ? 11  G   B N9    1 
ATOM   494  C  C8    . G   B 2 10 ? 6.888   -7.769  1.350   1.00 62.31  ? 11  G   B C8    1 
ATOM   495  N  N7    . G   B 2 10 ? 6.652   -7.377  2.573   1.00 62.29  ? 11  G   B N7    1 
ATOM   496  C  C5    . G   B 2 10 ? 6.216   -6.065  2.434   1.00 59.57  ? 11  G   B C5    1 
ATOM   497  C  C6    . G   B 2 10 ? 5.800   -5.132  3.407   1.00 60.92  ? 11  G   B C6    1 
ATOM   498  O  O6    . G   B 2 10 ? 5.731   -5.288  4.637   1.00 60.22  ? 11  G   B O6    1 
ATOM   499  N  N1    . G   B 2 10 ? 5.435   -3.918  2.825   1.00 55.85  ? 11  G   B N1    1 
ATOM   500  C  C2    . G   B 2 10 ? 5.466   -3.644  1.481   1.00 57.40  ? 11  G   B C2    1 
ATOM   501  N  N2    . G   B 2 10 ? 5.074   -2.429  1.098   1.00 56.41  ? 11  G   B N2    1 
ATOM   502  N  N3    . G   B 2 10 ? 5.854   -4.504  0.572   1.00 58.00  ? 11  G   B N3    1 
ATOM   503  C  C4    . G   B 2 10 ? 6.209   -5.689  1.110   1.00 59.26  ? 11  G   B C4    1 
ATOM   504  P  P     . G   B 2 11 ? 11.390  -6.530  -1.799  1.00 71.14  ? 12  G   B P     1 
ATOM   505  O  OP1   . G   B 2 11 ? 12.482  -6.649  -2.787  1.00 72.49  ? 12  G   B OP1   1 
ATOM   506  O  OP2   . G   B 2 11 ? 11.539  -7.122  -0.449  1.00 66.90  ? 12  G   B OP2   1 
ATOM   507  O  "O5'" . G   B 2 11 ? 11.043  -4.981  -1.693  1.00 67.01  ? 12  G   B "O5'" 1 
ATOM   508  C  "C5'" . G   B 2 11 ? 10.887  -4.207  -2.875  1.00 62.88  ? 12  G   B "C5'" 1 
ATOM   509  C  "C4'" . G   B 2 11 ? 10.344  -2.835  -2.560  1.00 62.57  ? 12  G   B "C4'" 1 
ATOM   510  O  "O4'" . G   B 2 11 ? 9.105   -2.973  -1.816  1.00 56.44  ? 12  G   B "O4'" 1 
ATOM   511  C  "C3'" . G   B 2 11 ? 11.192  -1.973  -1.650  1.00 64.13  ? 12  G   B "C3'" 1 
ATOM   512  O  "O3'" . G   B 2 11 ? 12.273  -1.354  -2.316  1.00 68.80  ? 12  G   B "O3'" 1 
ATOM   513  C  "C2'" . G   B 2 11 ? 10.162  -0.993  -1.112  1.00 57.76  ? 12  G   B "C2'" 1 
ATOM   514  O  "O2'" . G   B 2 11 ? 9.759   -0.054  -2.095  1.00 59.88  ? 12  G   B "O2'" 1 
ATOM   515  C  "C1'" . G   B 2 11 ? 8.991   -1.927  -0.867  1.00 54.19  ? 12  G   B "C1'" 1 
ATOM   516  N  N9    . G   B 2 11 ? 9.029   -2.497  0.478   1.00 53.12  ? 12  G   B N9    1 
ATOM   517  C  C8    . G   B 2 11 ? 9.404   -3.762  0.849   1.00 50.20  ? 12  G   B C8    1 
ATOM   518  N  N7    . G   B 2 11 ? 9.253   -3.986  2.129   1.00 52.68  ? 12  G   B N7    1 
ATOM   519  C  C5    . G   B 2 11 ? 8.757   -2.792  2.631   1.00 49.52  ? 12  G   B C5    1 
ATOM   520  C  C6    . G   B 2 11 ? 8.370   -2.430  3.954   1.00 48.14  ? 12  G   B C6    1 
ATOM   521  O  O6    . G   B 2 11 ? 8.351   -3.130  4.969   1.00 51.28  ? 12  G   B O6    1 
ATOM   522  N  N1    . G   B 2 11 ? 7.961   -1.103  4.023   1.00 46.20  ? 12  G   B N1    1 
ATOM   523  C  C2    . G   B 2 11 ? 7.919   -0.236  2.963   1.00 47.79  ? 12  G   B C2    1 
ATOM   524  N  N2    . G   B 2 11 ? 7.528   1.016   3.232   1.00 47.21  ? 12  G   B N2    1 
ATOM   525  N  N3    . G   B 2 11 ? 8.246   -0.567  1.726   1.00 48.28  ? 12  G   B N3    1 
ATOM   526  C  C4    . G   B 2 11 ? 8.651   -1.852  1.634   1.00 50.07  ? 12  G   B C4    1 
ATOM   527  P  P     . G   B 2 12 ? 13.637  -1.075  -1.517  1.00 71.88  ? 13  G   B P     1 
ATOM   528  O  OP1   . G   B 2 12 ? 14.539  -0.447  -2.504  1.00 72.40  ? 13  G   B OP1   1 
ATOM   529  O  OP2   . G   B 2 12 ? 14.060  -2.307  -0.785  1.00 68.75  ? 13  G   B OP2   1 
ATOM   530  O  "O5'" . G   B 2 12 ? 13.245  0.062   -0.480  1.00 69.73  ? 13  G   B "O5'" 1 
ATOM   531  C  "C5'" . G   B 2 12 ? 12.735  1.303   -0.950  1.00 64.79  ? 13  G   B "C5'" 1 
ATOM   532  C  "C4'" . G   B 2 12 ? 12.271  2.161   0.203   1.00 67.49  ? 13  G   B "C4'" 1 
ATOM   533  O  "O4'" . G   B 2 12 ? 11.196  1.487   0.902   1.00 66.40  ? 13  G   B "O4'" 1 
ATOM   534  C  "C3'" . G   B 2 12 ? 13.310  2.391   1.286   1.00 68.57  ? 13  G   B "C3'" 1 
ATOM   535  O  "O3'" . G   B 2 12 ? 14.207  3.432   0.916   1.00 76.61  ? 13  G   B "O3'" 1 
ATOM   536  C  "C2'" . G   B 2 12 ? 12.440  2.728   2.493   1.00 64.05  ? 13  G   B "C2'" 1 
ATOM   537  O  "O2'" . G   B 2 12 ? 11.932  4.047   2.515   1.00 67.70  ? 13  G   B "O2'" 1 
ATOM   538  C  "C1'" . G   B 2 12 ? 11.272  1.778   2.279   1.00 58.99  ? 13  G   B "C1'" 1 
ATOM   539  N  N9    . G   B 2 12 ? 11.440  0.545   3.032   1.00 53.29  ? 13  G   B N9    1 
ATOM   540  C  C8    . G   B 2 12 ? 11.831  -0.696  2.595   1.00 54.05  ? 13  G   B C8    1 
ATOM   541  N  N7    . G   B 2 12 ? 11.870  -1.584  3.553   1.00 54.70  ? 13  G   B N7    1 
ATOM   542  C  C5    . G   B 2 12 ? 11.484  -0.875  4.681   1.00 49.40  ? 13  G   B C5    1 
ATOM   543  C  C6    . G   B 2 12 ? 11.328  -1.292  6.010   1.00 52.48  ? 13  G   B C6    1 
ATOM   544  O  O6    . G   B 2 12 ? 11.510  -2.420  6.490   1.00 53.45  ? 13  G   B O6    1 
ATOM   545  N  N1    . G   B 2 12 ? 10.916  -0.247  6.828   1.00 50.19  ? 13  G   B N1    1 
ATOM   546  C  C2    . G   B 2 12 ? 10.689  1.034   6.410   1.00 49.75  ? 13  G   B C2    1 
ATOM   547  N  N2    . G   B 2 12 ? 10.310  1.906   7.341   1.00 48.89  ? 13  G   B N2    1 
ATOM   548  N  N3    . G   B 2 12 ? 10.827  1.432   5.173   1.00 48.83  ? 13  G   B N3    1 
ATOM   549  C  C4    . G   B 2 12 ? 11.224  0.433   4.368   1.00 50.32  ? 13  G   B C4    1 
HETATM 550  P  P     . S9L B 2 13 ? 15.712  3.423   1.462   1.00 75.94  ? 14  S9L B P     1 
HETATM 551  O  O1P   . S9L B 2 13 ? 15.721  2.799   2.819   1.00 77.48  ? 14  S9L B O1P   1 
HETATM 552  O  O2P   . S9L B 2 13 ? 16.570  2.847   0.398   1.00 78.35  ? 14  S9L B O2P   1 
HETATM 553  O  "O5'" . S9L B 2 13 ? 16.045  4.959   1.599   1.00 80.43  ? 14  S9L B "O5'" 1 
HETATM 554  C  C12   . S9L B 2 13 ? 14.964  5.884   1.852   1.00 91.24  ? 14  S9L B C12   1 
HETATM 555  C  C22   . S9L B 2 13 ? 14.466  5.793   3.339   1.00 93.69  ? 14  S9L B C22   1 
HETATM 556  O  OH3   . S9L B 2 13 ? 15.517  6.032   4.303   1.00 103.99 ? 14  S9L B OH3   1 
HETATM 557  C  C13   . S9L B 2 13 ? 17.571  7.267   4.895   1.00 107.08 ? 14  S9L B C13   1 
HETATM 558  C  C23   . S9L B 2 13 ? 16.550  6.933   3.818   1.00 104.68 ? 14  S9L B C23   1 
HETATM 559  O  OH4   . S9L B 2 13 ? 17.030  8.348   5.643   1.00 108.50 ? 14  S9L B OH4   1 
HETATM 560  C  C14   . S9L B 2 13 ? 17.467  10.227  7.082   1.00 99.43  ? 14  S9L B C14   1 
HETATM 561  C  C24   . S9L B 2 13 ? 18.059  9.236   6.070   1.00 103.52 ? 14  S9L B C24   1 
HETATM 562  O  "O3'" . S9L B 2 13 ? 16.520  11.079  6.413   1.00 83.12  ? 14  S9L B "O3'" 1 
ATOM   563  P  P     . G   B 2 14 ? 14.981  11.289  6.006   1.00 74.87  ? 15  G   B P     1 
ATOM   564  O  OP1   . G   B 2 14 ? 14.371  9.940   5.809   1.00 81.26  ? 15  G   B OP1   1 
ATOM   565  O  OP2   . G   B 2 14 ? 14.937  12.295  4.907   1.00 77.55  ? 15  G   B OP2   1 
ATOM   566  O  "O5'" . G   B 2 14 ? 14.323  11.998  7.279   1.00 70.72  ? 15  G   B "O5'" 1 
ATOM   567  C  "C5'" . G   B 2 14 ? 14.785  11.768  8.623   1.00 56.31  ? 15  G   B "C5'" 1 
ATOM   568  C  "C4'" . G   B 2 14 ? 14.089  12.717  9.577   1.00 58.92  ? 15  G   B "C4'" 1 
ATOM   569  O  "O4'" . G   B 2 14 ? 14.783  13.984  9.625   1.00 59.56  ? 15  G   B "O4'" 1 
ATOM   570  C  "C3'" . G   B 2 14 ? 12.671  13.079  9.193   1.00 55.63  ? 15  G   B "C3'" 1 
ATOM   571  O  "O3'" . G   B 2 14 ? 11.760  12.114  9.694   1.00 58.32  ? 15  G   B "O3'" 1 
ATOM   572  C  "C2'" . G   B 2 14 ? 12.473  14.427  9.875   1.00 60.40  ? 15  G   B "C2'" 1 
ATOM   573  O  "O2'" . G   B 2 14 ? 12.140  14.357  11.242  1.00 61.20  ? 15  G   B "O2'" 1 
ATOM   574  C  "C1'" . G   B 2 14 ? 13.856  15.048  9.733   1.00 57.22  ? 15  G   B "C1'" 1 
ATOM   575  N  N9    . G   B 2 14 ? 14.010  15.881  8.551   1.00 60.83  ? 15  G   B N9    1 
ATOM   576  C  C8    . G   B 2 14 ? 14.625  15.525  7.384   1.00 58.20  ? 15  G   B C8    1 
ATOM   577  N  N7    . G   B 2 14 ? 14.620  16.470  6.493   1.00 59.99  ? 15  G   B N7    1 
ATOM   578  C  C5    . G   B 2 14 ? 13.961  17.516  7.115   1.00 60.96  ? 15  G   B C5    1 
ATOM   579  C  C6    . G   B 2 14 ? 13.658  18.799  6.646   1.00 60.71  ? 15  G   B C6    1 
ATOM   580  O  O6    . G   B 2 14 ? 13.923  19.288  5.551   1.00 63.18  ? 15  G   B O6    1 
ATOM   581  N  N1    . G   B 2 14 ? 12.976  19.545  7.597   1.00 58.80  ? 15  G   B N1    1 
ATOM   582  C  C2    . G   B 2 14 ? 12.635  19.100  8.845   1.00 59.55  ? 15  G   B C2    1 
ATOM   583  N  N2    . G   B 2 14 ? 11.968  19.948  9.631   1.00 61.17  ? 15  G   B N2    1 
ATOM   584  N  N3    . G   B 2 14 ? 12.922  17.902  9.298   1.00 58.90  ? 15  G   B N3    1 
ATOM   585  C  C4    . G   B 2 14 ? 13.579  17.166  8.386   1.00 59.72  ? 15  G   B C4    1 
ATOM   586  P  P     . G   B 2 15 ? 10.331  11.941  8.998   1.00 58.63  ? 16  G   B P     1 
ATOM   587  O  OP1   . G   B 2 15 ? 9.715   10.686  9.460   1.00 64.87  ? 16  G   B OP1   1 
ATOM   588  O  OP2   . G   B 2 15 ? 10.535  12.198  7.544   1.00 56.42  ? 16  G   B OP2   1 
ATOM   589  O  "O5'" . G   B 2 15 ? 9.445   13.144  9.532   1.00 61.48  ? 16  G   B "O5'" 1 
ATOM   590  C  "C5'" . G   B 2 15 ? 8.982   13.204  10.868  1.00 59.47  ? 16  G   B "C5'" 1 
ATOM   591  C  "C4'" . G   B 2 15 ? 8.299   14.530  11.096  1.00 62.85  ? 16  G   B "C4'" 1 
ATOM   592  O  "O4'" . G   B 2 15 ? 9.274   15.589  10.925  1.00 63.20  ? 16  G   B "O4'" 1 
ATOM   593  C  "C3'" . G   B 2 15 ? 7.230   14.862  10.079  1.00 63.51  ? 16  G   B "C3'" 1 
ATOM   594  O  "O3'" . G   B 2 15 ? 5.980   14.302  10.399  1.00 59.91  ? 16  G   B "O3'" 1 
ATOM   595  C  "C2'" . G   B 2 15 ? 7.183   16.374  10.124  1.00 60.46  ? 16  G   B "C2'" 1 
ATOM   596  O  "O2'" . G   B 2 15 ? 6.428   16.857  11.214  1.00 63.08  ? 16  G   B "O2'" 1 
ATOM   597  C  "C1'" . G   B 2 15 ? 8.665   16.703  10.284  1.00 61.99  ? 16  G   B "C1'" 1 
ATOM   598  N  N9    . G   B 2 15 ? 9.310   16.899  8.985   1.00 64.10  ? 16  G   B N9    1 
ATOM   599  C  C8    . G   B 2 15 ? 10.011  15.974  8.256   1.00 65.65  ? 16  G   B C8    1 
ATOM   600  N  N7    . G   B 2 15 ? 10.454  16.437  7.122   1.00 63.57  ? 16  G   B N7    1 
ATOM   601  C  C5    . G   B 2 15 ? 10.028  17.755  7.105   1.00 63.43  ? 16  G   B C5    1 
ATOM   602  C  C6    . G   B 2 15 ? 10.219  18.774  6.130   1.00 64.72  ? 16  G   B C6    1 
ATOM   603  O  O6    . G   B 2 15 ? 10.837  18.718  5.065   1.00 61.03  ? 16  G   B O6    1 
ATOM   604  N  N1    . G   B 2 15 ? 9.604   19.960  6.505   1.00 64.17  ? 16  G   B N1    1 
ATOM   605  C  C2    . G   B 2 15 ? 8.908   20.150  7.666   1.00 64.78  ? 16  G   B C2    1 
ATOM   606  N  N2    . G   B 2 15 ? 8.373   21.358  7.831   1.00 62.83  ? 16  G   B N2    1 
ATOM   607  N  N3    . G   B 2 15 ? 8.742   19.222  8.594   1.00 64.70  ? 16  G   B N3    1 
ATOM   608  C  C4    . G   B 2 15 ? 9.320   18.054  8.247   1.00 63.16  ? 16  G   B C4    1 
ATOM   609  P  P     . C   B 2 16 ? 4.996   13.868  9.211   1.00 61.18  ? 17  C   B P     1 
ATOM   610  O  OP1   . C   B 2 16 ? 3.877   13.144  9.846   1.00 59.62  ? 17  C   B OP1   1 
ATOM   611  O  OP2   . C   B 2 16 ? 5.787   13.218  8.145   1.00 59.24  ? 17  C   B OP2   1 
ATOM   612  O  "O5'" . C   B 2 16 ? 4.456   15.233  8.602   1.00 60.48  ? 17  C   B "O5'" 1 
ATOM   613  C  "C5'" . C   B 2 16 ? 3.526   16.002  9.330   1.00 63.00  ? 17  C   B "C5'" 1 
ATOM   614  C  "C4'" . C   B 2 16 ? 3.292   17.313  8.654   1.00 64.39  ? 17  C   B "C4'" 1 
ATOM   615  O  "O4'" . C   B 2 16 ? 4.566   17.980  8.530   1.00 66.15  ? 17  C   B "O4'" 1 
ATOM   616  C  "C3'" . C   B 2 16 ? 2.834   17.217  7.218   1.00 65.61  ? 17  C   B "C3'" 1 
ATOM   617  O  "O3'" . C   B 2 16 ? 1.456   16.965  7.078   1.00 69.48  ? 17  C   B "O3'" 1 
ATOM   618  C  "C2'" . C   B 2 16 ? 3.229   18.573  6.682   1.00 64.34  ? 17  C   B "C2'" 1 
ATOM   619  O  "O2'" . C   B 2 16 ? 2.358   19.578  7.165   1.00 62.11  ? 17  C   B "O2'" 1 
ATOM   620  C  "C1'" . C   B 2 16 ? 4.588   18.739  7.340   1.00 61.96  ? 17  C   B "C1'" 1 
ATOM   621  N  N1    . C   B 2 16 ? 5.638   18.217  6.466   1.00 62.42  ? 17  C   B N1    1 
ATOM   622  C  C2    . C   B 2 16 ? 6.126   19.048  5.470   1.00 62.42  ? 17  C   B C2    1 
ATOM   623  O  O2    . C   B 2 16 ? 5.675   20.204  5.387   1.00 62.21  ? 17  C   B O2    1 
ATOM   624  N  N3    . C   B 2 16 ? 7.070   18.587  4.624   1.00 63.07  ? 17  C   B N3    1 
ATOM   625  C  C4    . C   B 2 16 ? 7.522   17.345  4.754   1.00 62.05  ? 17  C   B C4    1 
ATOM   626  N  N4    . C   B 2 16 ? 8.439   16.920  3.879   1.00 59.26  ? 17  C   B N4    1 
ATOM   627  C  C5    . C   B 2 16 ? 7.054   16.481  5.780   1.00 62.40  ? 17  C   B C5    1 
ATOM   628  C  C6    . C   B 2 16 ? 6.119   16.952  6.607   1.00 62.00  ? 17  C   B C6    1 
ATOM   629  P  P     . A   B 2 17 ? 0.934   16.176  5.780   1.00 70.39  ? 18  A   B P     1 
ATOM   630  O  OP1   . A   B 2 17 ? -0.516  15.931  5.983   1.00 69.79  ? 18  A   B OP1   1 
ATOM   631  O  OP2   . A   B 2 17 ? 1.844   15.040  5.522   1.00 66.62  ? 18  A   B OP2   1 
ATOM   632  O  "O5'" . A   B 2 17 ? 1.143   17.220  4.601   1.00 68.79  ? 18  A   B "O5'" 1 
ATOM   633  C  "C5'" . A   B 2 17 ? 0.427   18.437  4.610   1.00 67.41  ? 18  A   B "C5'" 1 
ATOM   634  C  "C4'" . A   B 2 17 ? 0.794   19.283  3.428   1.00 67.73  ? 18  A   B "C4'" 1 
ATOM   635  O  "O4'" . A   B 2 17 ? 2.178   19.700  3.551   1.00 70.96  ? 18  A   B "O4'" 1 
ATOM   636  C  "C3'" . A   B 2 17 ? 0.752   18.581  2.088   1.00 69.72  ? 18  A   B "C3'" 1 
ATOM   637  O  "O3'" . A   B 2 17 ? -0.558  18.490  1.575   1.00 74.25  ? 18  A   B "O3'" 1 
ATOM   638  C  "C2'" . A   B 2 17 ? 1.668   19.457  1.253   1.00 70.96  ? 18  A   B "C2'" 1 
ATOM   639  O  "O2'" . A   B 2 17 ? 1.060   20.671  0.857   1.00 72.16  ? 18  A   B "O2'" 1 
ATOM   640  C  "C1'" . A   B 2 17 ? 2.762   19.771  2.267   1.00 68.74  ? 18  A   B "C1'" 1 
ATOM   641  N  N9    . A   B 2 17 ? 3.795   18.756  2.181   1.00 68.38  ? 18  A   B N9    1 
ATOM   642  C  C8    . A   B 2 17 ? 3.998   17.664  2.983   1.00 67.13  ? 18  A   B C8    1 
ATOM   643  N  N7    . A   B 2 17 ? 5.020   16.930  2.620   1.00 66.92  ? 18  A   B N7    1 
ATOM   644  C  C5    . A   B 2 17 ? 5.525   17.590  1.509   1.00 64.67  ? 18  A   B C5    1 
ATOM   645  C  C6    . A   B 2 17 ? 6.608   17.328  0.674   1.00 64.17  ? 18  A   B C6    1 
ATOM   646  N  N6    . A   B 2 17 ? 7.417   16.293  0.829   1.00 61.50  ? 18  A   B N6    1 
ATOM   647  N  N1    . A   B 2 17 ? 6.838   18.178  -0.342  1.00 64.89  ? 18  A   B N1    1 
ATOM   648  C  C2    . A   B 2 17 ? 6.024   19.222  -0.501  1.00 67.04  ? 18  A   B C2    1 
ATOM   649  N  N3    . A   B 2 17 ? 4.971   19.581  0.221   1.00 66.17  ? 18  A   B N3    1 
ATOM   650  C  C4    . A   B 2 17 ? 4.776   18.711  1.226   1.00 67.61  ? 18  A   B C4    1 
ATOM   651  P  P     . G   B 2 18 ? -0.928  17.311  0.552   1.00 76.91  ? 19  G   B P     1 
ATOM   652  O  OP1   . G   B 2 18 ? -2.380  17.500  0.307   1.00 77.36  ? 19  G   B OP1   1 
ATOM   653  O  OP2   . G   B 2 18 ? -0.428  16.000  1.065   1.00 75.04  ? 19  G   B OP2   1 
ATOM   654  O  "O5'" . G   B 2 18 ? -0.105  17.672  -0.769  1.00 76.99  ? 19  G   B "O5'" 1 
ATOM   655  C  "C5'" . G   B 2 18 ? -0.395  18.870  -1.479  1.00 73.45  ? 19  G   B "C5'" 1 
ATOM   656  C  "C4'" . G   B 2 18 ? 0.546   19.076  -2.651  1.00 72.76  ? 19  G   B "C4'" 1 
ATOM   657  O  "O4'" . G   B 2 18 ? 1.911   19.224  -2.176  1.00 71.34  ? 19  G   B "O4'" 1 
ATOM   658  C  "C3'" . G   B 2 18 ? 0.652   17.927  -3.635  1.00 73.39  ? 19  G   B "C3'" 1 
ATOM   659  O  "O3'" . G   B 2 18 ? -0.450  17.870  -4.531  1.00 77.77  ? 19  G   B "O3'" 1 
ATOM   660  C  "C2'" . G   B 2 18 ? 1.993   18.200  -4.310  1.00 72.40  ? 19  G   B "C2'" 1 
ATOM   661  O  "O2'" . G   B 2 18 ? 1.988   19.233  -5.269  1.00 74.70  ? 19  G   B "O2'" 1 
ATOM   662  C  "C1'" . G   B 2 18 ? 2.811   18.703  -3.136  1.00 69.76  ? 19  G   B "C1'" 1 
ATOM   663  N  N9    . G   B 2 18 ? 3.552   17.606  -2.552  1.00 68.29  ? 19  G   B N9    1 
ATOM   664  C  C8    . G   B 2 18 ? 3.275   16.913  -1.402  1.00 67.78  ? 19  G   B C8    1 
ATOM   665  N  N7    . G   B 2 18 ? 4.146   15.976  -1.153  1.00 69.47  ? 19  G   B N7    1 
ATOM   666  C  C5    . G   B 2 18 ? 5.051   16.067  -2.204  1.00 68.41  ? 19  G   B C5    1 
ATOM   667  C  C6    . G   B 2 18 ? 6.217   15.319  -2.478  1.00 68.04  ? 19  G   B C6    1 
ATOM   668  O  O6    . G   B 2 18 ? 6.721   14.410  -1.809  1.00 68.39  ? 19  G   B O6    1 
ATOM   669  N  N1    . G   B 2 18 ? 6.818   15.722  -3.669  1.00 68.92  ? 19  G   B N1    1 
ATOM   670  C  C2    . G   B 2 18 ? 6.360   16.720  -4.483  1.00 66.50  ? 19  G   B C2    1 
ATOM   671  N  N2    . G   B 2 18 ? 7.064   16.929  -5.601  1.00 67.06  ? 19  G   B N2    1 
ATOM   672  N  N3    . G   B 2 18 ? 5.289   17.446  -4.223  1.00 66.91  ? 19  G   B N3    1 
ATOM   673  C  C4    . G   B 2 18 ? 4.687   17.061  -3.077  1.00 67.75  ? 19  G   B C4    1 
ATOM   674  P  P     . A   B 2 19 ? -1.023  16.435  -4.989  1.00 80.23  ? 20  A   B P     1 
ATOM   675  O  OP1   . A   B 2 19 ? -2.199  16.706  -5.855  1.00 82.80  ? 20  A   B OP1   1 
ATOM   676  O  OP2   . A   B 2 19 ? -1.190  15.589  -3.775  1.00 83.19  ? 20  A   B OP2   1 
ATOM   677  O  "O5'" . A   B 2 19 ? 0.167   15.818  -5.867  1.00 77.61  ? 20  A   B "O5'" 1 
ATOM   678  C  "C5'" . A   B 2 19 ? 0.562   16.462  -7.073  1.00 73.58  ? 20  A   B "C5'" 1 
ATOM   679  C  "C4'" . A   B 2 19 ? 1.859   15.901  -7.607  1.00 72.84  ? 20  A   B "C4'" 1 
ATOM   680  O  "O4'" . A   B 2 19 ? 2.912   16.097  -6.630  1.00 72.77  ? 20  A   B "O4'" 1 
ATOM   681  C  "C3'" . A   B 2 19 ? 1.882   14.411  -7.870  1.00 72.36  ? 20  A   B "C3'" 1 
ATOM   682  O  "O3'" . A   B 2 19 ? 1.290   14.073  -9.109  1.00 74.25  ? 20  A   B "O3'" 1 
ATOM   683  C  "C2'" . A   B 2 19 ? 3.373   14.097  -7.814  1.00 71.48  ? 20  A   B "C2'" 1 
ATOM   684  O  "O2'" . A   B 2 19 ? 4.097   14.413  -8.984  1.00 72.04  ? 20  A   B "O2'" 1 
ATOM   685  C  "C1'" . A   B 2 19 ? 3.821   15.013  -6.681  1.00 71.84  ? 20  A   B "C1'" 1 
ATOM   686  N  N9    . A   B 2 19 ? 3.791   14.315  -5.398  1.00 68.89  ? 20  A   B N9    1 
ATOM   687  C  C8    . A   B 2 19 ? 2.888   14.405  -4.365  1.00 67.14  ? 20  A   B C8    1 
ATOM   688  N  N7    . A   B 2 19 ? 3.166   13.617  -3.357  1.00 65.64  ? 20  A   B N7    1 
ATOM   689  C  C5    . A   B 2 19 ? 4.330   12.973  -3.752  1.00 62.66  ? 20  A   B C5    1 
ATOM   690  C  C6    . A   B 2 19 ? 5.140   12.023  -3.128  1.00 63.29  ? 20  A   B C6    1 
ATOM   691  N  N6    . A   B 2 19 ? 4.907   11.549  -1.902  1.00 60.98  ? 20  A   B N6    1 
ATOM   692  N  N1    . A   B 2 19 ? 6.223   11.571  -3.808  1.00 63.74  ? 20  A   B N1    1 
ATOM   693  C  C2    . A   B 2 19 ? 6.469   12.063  -5.026  1.00 64.04  ? 20  A   B C2    1 
ATOM   694  N  N3    . A   B 2 19 ? 5.793   12.971  -5.709  1.00 63.32  ? 20  A   B N3    1 
ATOM   695  C  C4    . A   B 2 19 ? 4.722   13.389  -5.007  1.00 64.53  ? 20  A   B C4    1 
ATOM   696  P  P     . G   B 2 20 ? 0.574   12.647  -9.272  1.00 78.38  ? 21  G   B P     1 
ATOM   697  O  OP1   . G   B 2 20 ? 0.126   12.458  -10.677 1.00 83.22  ? 21  G   B OP1   1 
ATOM   698  O  OP2   . G   B 2 20 ? -0.416  12.555  -8.156  1.00 77.02  ? 21  G   B OP2   1 
ATOM   699  O  "O5'" . G   B 2 20 ? 1.753   11.607  -9.026  1.00 72.54  ? 21  G   B "O5'" 1 
ATOM   700  C  "C5'" . G   B 2 20 ? 2.859   11.534  -9.914  1.00 70.55  ? 21  G   B "C5'" 1 
ATOM   701  C  "C4'" . G   B 2 20 ? 3.850   10.507  -9.423  1.00 71.38  ? 21  G   B "C4'" 1 
ATOM   702  O  "O4'" . G   B 2 20 ? 4.384   10.939  -8.143  1.00 71.54  ? 21  G   B "O4'" 1 
ATOM   703  C  "C3'" . G   B 2 20 ? 3.287   9.125   -9.138  1.00 70.89  ? 21  G   B "C3'" 1 
ATOM   704  O  "O3'" . G   B 2 20 ? 3.219   8.320   -10.303 1.00 75.62  ? 21  G   B "O3'" 1 
ATOM   705  C  "C2'" . G   B 2 20 ? 4.306   8.575   -8.153  1.00 69.31  ? 21  G   B "C2'" 1 
ATOM   706  O  "O2'" . G   B 2 20 ? 5.509   8.204   -8.797  1.00 67.34  ? 21  G   B "O2'" 1 
ATOM   707  C  "C1'" . G   B 2 20 ? 4.586   9.810   -7.303  1.00 68.75  ? 21  G   B "C1'" 1 
ATOM   708  N  N9    . G   B 2 20 ? 3.702   9.908   -6.133  1.00 65.34  ? 21  G   B N9    1 
ATOM   709  C  C8    . G   B 2 20 ? 2.494   10.570  -6.032  1.00 63.23  ? 21  G   B C8    1 
ATOM   710  N  N7    . G   B 2 20 ? 1.970   10.507  -4.835  1.00 62.84  ? 21  G   B N7    1 
ATOM   711  C  C5    . G   B 2 20 ? 2.880   9.748   -4.100  1.00 61.62  ? 21  G   B C5    1 
ATOM   712  C  C6    . G   B 2 20 ? 2.868   9.347   -2.724  1.00 59.95  ? 21  G   B C6    1 
ATOM   713  O  O6    . G   B 2 20 ? 2.033   9.606   -1.836  1.00 59.61  ? 21  G   B O6    1 
ATOM   714  N  N1    . G   B 2 20 ? 3.982   8.570   -2.418  1.00 56.24  ? 21  G   B N1    1 
ATOM   715  C  C2    . G   B 2 20 ? 4.976   8.229   -3.294  1.00 59.48  ? 21  G   B C2    1 
ATOM   716  N  N2    . G   B 2 20 ? 5.949   7.463   -2.806  1.00 54.92  ? 21  G   B N2    1 
ATOM   717  N  N3    . G   B 2 20 ? 5.011   8.605   -4.553  1.00 60.48  ? 21  G   B N3    1 
ATOM   718  C  C4    . G   B 2 20 ? 3.943   9.355   -4.890  1.00 60.61  ? 21  G   B C4    1 
ATOM   719  P  P     . A   B 2 21 ? 1.834   7.608   -10.705 1.00 77.98  ? 22  A   B P     1 
ATOM   720  O  OP1   . A   B 2 21 ? 1.110   8.538   -11.609 1.00 76.34  ? 22  A   B OP1   1 
ATOM   721  O  OP2   . A   B 2 21 ? 1.147   7.082   -9.496  1.00 77.33  ? 22  A   B OP2   1 
ATOM   722  O  "O5'" . A   B 2 21 ? 2.325   6.342   -11.527 1.00 74.50  ? 22  A   B "O5'" 1 
ATOM   723  C  "C5'" . A   B 2 21 ? 2.742   5.159   -10.865 1.00 70.72  ? 22  A   B "C5'" 1 
ATOM   724  C  "C4'" . A   B 2 21 ? 4.211   4.936   -11.088 1.00 72.57  ? 22  A   B "C4'" 1 
ATOM   725  O  "O4'" . A   B 2 21 ? 4.976   5.685   -10.101 1.00 73.32  ? 22  A   B "O4'" 1 
ATOM   726  C  "C3'" . A   B 2 21 ? 4.639   3.505   -10.854 1.00 71.95  ? 22  A   B "C3'" 1 
ATOM   727  O  "O3'" . A   B 2 21 ? 4.382   2.723   -12.003 1.00 70.56  ? 22  A   B "O3'" 1 
ATOM   728  C  "C2'" . A   B 2 21 ? 6.125   3.648   -10.542 1.00 73.31  ? 22  A   B "C2'" 1 
ATOM   729  O  "O2'" . A   B 2 21 ? 6.964   3.725   -11.680 1.00 75.16  ? 22  A   B "O2'" 1 
ATOM   730  C  "C1'" . A   B 2 21 ? 6.139   4.948   -9.733  1.00 70.54  ? 22  A   B "C1'" 1 
ATOM   731  N  N9    . A   B 2 21 ? 6.089   4.664   -8.296  1.00 69.40  ? 22  A   B N9    1 
ATOM   732  C  C8    . A   B 2 21 ? 5.055   4.886   -7.430  1.00 67.56  ? 22  A   B C8    1 
ATOM   733  N  N7    . A   B 2 21 ? 5.290   4.469   -6.210  1.00 66.69  ? 22  A   B N7    1 
ATOM   734  C  C5    . A   B 2 21 ? 6.571   3.948   -6.274  1.00 65.84  ? 22  A   B C5    1 
ATOM   735  C  C6    . A   B 2 21 ? 7.393   3.340   -5.311  1.00 65.08  ? 22  A   B C6    1 
ATOM   736  N  N6    . A   B 2 21 ? 7.009   3.132   -4.057  1.00 64.31  ? 22  A   B N6    1 
ATOM   737  N  N1    . A   B 2 21 ? 8.626   2.943   -5.686  1.00 64.31  ? 22  A   B N1    1 
ATOM   738  C  C2    . A   B 2 21 ? 8.990   3.134   -6.952  1.00 65.46  ? 22  A   B C2    1 
ATOM   739  N  N3    . A   B 2 21 ? 8.302   3.679   -7.958  1.00 66.75  ? 22  A   B N3    1 
ATOM   740  C  C4    . A   B 2 21 ? 7.085   4.072   -7.546  1.00 66.92  ? 22  A   B C4    1 
ATOM   741  P  P     . A   B 2 22 ? 3.953   1.185   -11.835 1.00 72.76  ? 23  A   B P     1 
ATOM   742  O  OP1   . A   B 2 22 ? 3.761   0.608   -13.181 1.00 77.13  ? 23  A   B OP1   1 
ATOM   743  O  OP2   . A   B 2 22 ? 2.870   1.064   -10.832 1.00 66.88  ? 23  A   B OP2   1 
ATOM   744  O  "O5'" . A   B 2 22 ? 5.255   0.507   -11.242 1.00 70.18  ? 23  A   B "O5'" 1 
ATOM   745  C  "C5'" . A   B 2 22 ? 6.490   0.581   -11.931 1.00 66.65  ? 23  A   B "C5'" 1 
ATOM   746  C  "C4'" . A   B 2 22 ? 7.566   -0.007  -11.069 1.00 70.72  ? 23  A   B "C4'" 1 
ATOM   747  O  "O4'" . A   B 2 22 ? 7.800   0.894   -9.961  1.00 72.08  ? 23  A   B "O4'" 1 
ATOM   748  C  "C3'" . A   B 2 22 ? 7.211   -1.341  -10.416 1.00 71.26  ? 23  A   B "C3'" 1 
ATOM   749  O  "O3'" . A   B 2 22 ? 7.483   -2.448  -11.271 1.00 69.77  ? 23  A   B "O3'" 1 
ATOM   750  C  "C2'" . A   B 2 22 ? 8.115   -1.338  -9.191  1.00 70.62  ? 23  A   B "C2'" 1 
ATOM   751  O  "O2'" . A   B 2 22 ? 9.450   -1.727  -9.434  1.00 72.60  ? 23  A   B "O2'" 1 
ATOM   752  C  "C1'" . A   B 2 22 ? 8.062   0.136   -8.790  1.00 72.21  ? 23  A   B "C1'" 1 
ATOM   753  N  N9    . A   B 2 22 ? 6.965   0.350   -7.845  1.00 68.98  ? 23  A   B N9    1 
ATOM   754  C  C8    . A   B 2 22 ? 5.724   0.902   -8.061  1.00 65.63  ? 23  A   B C8    1 
ATOM   755  N  N7    . A   B 2 22 ? 4.961   0.914   -6.998  1.00 64.46  ? 23  A   B N7    1 
ATOM   756  C  C5    . A   B 2 22 ? 5.757   0.341   -6.010  1.00 63.04  ? 23  A   B C5    1 
ATOM   757  C  C6    . A   B 2 22 ? 5.532   0.062   -4.650  1.00 61.62  ? 23  A   B C6    1 
ATOM   758  N  N6    . A   B 2 22 ? 4.389   0.336   -4.014  1.00 59.99  ? 23  A   B N6    1 
ATOM   759  N  N1    . A   B 2 22 ? 6.535   -0.522  -3.953  1.00 61.52  ? 23  A   B N1    1 
ATOM   760  C  C2    . A   B 2 22 ? 7.677   -0.802  -4.582  1.00 62.95  ? 23  A   B C2    1 
ATOM   761  N  N3    . A   B 2 22 ? 8.007   -0.590  -5.850  1.00 65.58  ? 23  A   B N3    1 
ATOM   762  C  C4    . A   B 2 22 ? 6.991   -0.007  -6.518  1.00 64.09  ? 23  A   B C4    1 
ATOM   763  P  P     . A   B 2 23 ? 6.701   -3.842  -11.068 1.00 74.25  ? 24  A   B P     1 
ATOM   764  O  OP1   . A   B 2 23 ? 7.238   -4.815  -12.062 1.00 77.16  ? 24  A   B OP1   1 
ATOM   765  O  OP2   . A   B 2 23 ? 5.232   -3.583  -11.001 1.00 66.52  ? 24  A   B OP2   1 
ATOM   766  O  "O5'" . A   B 2 23 ? 7.175   -4.342  -9.642  1.00 69.06  ? 24  A   B "O5'" 1 
ATOM   767  C  "C5'" . A   B 2 23 ? 8.464   -4.902  -9.447  1.00 67.03  ? 24  A   B "C5'" 1 
ATOM   768  C  "C4'" . A   B 2 23 ? 8.608   -5.337  -8.013  1.00 68.30  ? 24  A   B "C4'" 1 
ATOM   769  O  "O4'" . A   B 2 23 ? 8.416   -4.180  -7.157  1.00 67.26  ? 24  A   B "O4'" 1 
ATOM   770  C  "C3'" . A   B 2 23 ? 7.562   -6.325  -7.542  1.00 65.74  ? 24  A   B "C3'" 1 
ATOM   771  O  "O3'" . A   B 2 23 ? 7.911   -7.657  -7.878  1.00 68.82  ? 24  A   B "O3'" 1 
ATOM   772  C  "C2'" . A   B 2 23 ? 7.547   -6.076  -6.041  1.00 66.41  ? 24  A   B "C2'" 1 
ATOM   773  O  "O2'" . A   B 2 23 ? 8.630   -6.691  -5.373  1.00 70.91  ? 24  A   B "O2'" 1 
ATOM   774  C  "C1'" . A   B 2 23 ? 7.699   -4.557  -5.996  1.00 65.46  ? 24  A   B "C1'" 1 
ATOM   775  N  N9    . A   B 2 23 ? 6.398   -3.879  -6.031  1.00 64.48  ? 24  A   B N9    1 
ATOM   776  C  C8    . A   B 2 23 ? 5.791   -3.248  -7.096  1.00 64.81  ? 24  A   B C8    1 
ATOM   777  N  N7    . A   B 2 23 ? 4.614   -2.729  -6.812  1.00 62.28  ? 24  A   B N7    1 
ATOM   778  C  C5    . A   B 2 23 ? 4.435   -3.034  -5.467  1.00 62.12  ? 24  A   B C5    1 
ATOM   779  C  C6    . A   B 2 23 ? 3.387   -2.752  -4.550  1.00 61.49  ? 24  A   B C6    1 
ATOM   780  N  N6    . A   B 2 23 ? 2.278   -2.061  -4.857  1.00 59.87  ? 24  A   B N6    1 
ATOM   781  N  N1    . A   B 2 23 ? 3.530   -3.209  -3.286  1.00 60.78  ? 24  A   B N1    1 
ATOM   782  C  C2    . A   B 2 23 ? 4.649   -3.891  -2.964  1.00 58.63  ? 24  A   B C2    1 
ATOM   783  N  N3    . A   B 2 23 ? 5.693   -4.208  -3.723  1.00 60.19  ? 24  A   B N3    1 
ATOM   784  C  C4    . A   B 2 23 ? 5.526   -3.747  -4.976  1.00 62.78  ? 24  A   B C4    1 
ATOM   785  P  P     . C   B 2 24 ? 6.750   -8.725  -8.163  1.00 72.02  ? 25  C   B P     1 
ATOM   786  O  OP1   . C   B 2 24 ? 7.387   -10.061 -8.305  1.00 69.52  ? 25  C   B OP1   1 
ATOM   787  O  OP2   . C   B 2 24 ? 5.898   -8.174  -9.258  1.00 65.93  ? 25  C   B OP2   1 
ATOM   788  O  "O5'" . C   B 2 24 ? 5.908   -8.740  -6.812  1.00 70.64  ? 25  C   B "O5'" 1 
ATOM   789  C  "C5'" . C   B 2 24 ? 6.472   -9.248  -5.605  1.00 67.24  ? 25  C   B "C5'" 1 
ATOM   790  C  "C4'" . C   B 2 24 ? 5.506   -9.076  -4.457  1.00 65.97  ? 25  C   B "C4'" 1 
ATOM   791  O  "O4'" . C   B 2 24 ? 5.192   -7.671  -4.316  1.00 65.40  ? 25  C   B "O4'" 1 
ATOM   792  C  "C3'" . C   B 2 24 ? 4.148   -9.717  -4.658  1.00 65.26  ? 25  C   B "C3'" 1 
ATOM   793  O  "O3'" . C   B 2 24 ? 4.167   -11.084 -4.283  1.00 68.38  ? 25  C   B "O3'" 1 
ATOM   794  C  "C2'" . C   B 2 24 ? 3.284   -8.916  -3.712  1.00 63.97  ? 25  C   B "C2'" 1 
ATOM   795  O  "O2'" . C   B 2 24 ? 3.542   -9.323  -2.395  1.00 66.97  ? 25  C   B "O2'" 1 
ATOM   796  C  "C1'" . C   B 2 24 ? 3.861   -7.522  -3.895  1.00 61.50  ? 25  C   B "C1'" 1 
ATOM   797  N  N1    . C   B 2 24 ? 3.153   -6.710  -4.882  1.00 60.93  ? 25  C   B N1    1 
ATOM   798  C  C2    . C   B 2 24 ? 1.976   -6.083  -4.495  1.00 59.80  ? 25  C   B C2    1 
ATOM   799  O  O2    . C   B 2 24 ? 1.551   -6.279  -3.362  1.00 60.63  ? 25  C   B O2    1 
ATOM   800  N  N3    . C   B 2 24 ? 1.321   -5.286  -5.362  1.00 59.76  ? 25  C   B N3    1 
ATOM   801  C  C4    . C   B 2 24 ? 1.798   -5.116  -6.588  1.00 59.76  ? 25  C   B C4    1 
ATOM   802  N  N4    . C   B 2 24 ? 1.119   -4.305  -7.410  1.00 57.61  ? 25  C   B N4    1 
ATOM   803  C  C5    . C   B 2 24 ? 2.993   -5.766  -7.026  1.00 59.31  ? 25  C   B C5    1 
ATOM   804  C  C6    . C   B 2 24 ? 3.635   -6.548  -6.144  1.00 60.58  ? 25  C   B C6    1 
ATOM   805  P  P     . A   B 2 25 ? 3.037   -12.079 -4.842  1.00 65.39  ? 26  A   B P     1 
ATOM   806  O  OP1   . A   B 2 25 ? 3.355   -13.442 -4.346  1.00 65.84  ? 26  A   B OP1   1 
ATOM   807  O  OP2   . A   B 2 25 ? 2.881   -11.832 -6.293  1.00 70.35  ? 26  A   B OP2   1 
ATOM   808  O  "O5'" . A   B 2 25 ? 1.701   -11.605 -4.134  1.00 64.50  ? 26  A   B "O5'" 1 
ATOM   809  C  "C5'" . A   B 2 25 ? 1.477   -11.914 -2.781  1.00 61.89  ? 26  A   B "C5'" 1 
ATOM   810  C  "C4'" . A   B 2 25 ? 0.208   -11.273 -2.316  1.00 63.78  ? 26  A   B "C4'" 1 
ATOM   811  O  "O4'" . A   B 2 25 ? 0.285   -9.866  -2.612  1.00 61.64  ? 26  A   B "O4'" 1 
ATOM   812  C  "C3'" . A   B 2 25 ? -1.020  -11.706 -3.076  1.00 63.90  ? 26  A   B "C3'" 1 
ATOM   813  O  "O3'" . A   B 2 25 ? -1.521  -12.934 -2.614  1.00 69.72  ? 26  A   B "O3'" 1 
ATOM   814  C  "C2'" . A   B 2 25 ? -1.966  -10.539 -2.856  1.00 59.80  ? 26  A   B "C2'" 1 
ATOM   815  O  "O2'" . A   B 2 25 ? -2.528  -10.525 -1.561  1.00 63.20  ? 26  A   B "O2'" 1 
ATOM   816  C  "C1'" . A   B 2 25 ? -0.993  -9.381  -2.975  1.00 56.78  ? 26  A   B "C1'" 1 
ATOM   817  N  N9    . A   B 2 25 ? -0.892  -8.866  -4.331  1.00 54.90  ? 26  A   B N9    1 
ATOM   818  C  C8    . A   B 2 25 ? 0.147   -9.028  -5.201  1.00 53.38  ? 26  A   B C8    1 
ATOM   819  N  N7    . A   B 2 25 ? 0.001   -8.372  -6.322  1.00 54.51  ? 26  A   B N7    1 
ATOM   820  C  C5    . A   B 2 25 ? -1.228  -7.745  -6.184  1.00 50.07  ? 26  A   B C5    1 
ATOM   821  C  C6    . A   B 2 25 ? -1.943  -6.874  -7.019  1.00 53.43  ? 26  A   B C6    1 
ATOM   822  N  N6    . A   B 2 25 ? -1.507  -6.467  -8.218  1.00 52.32  ? 26  A   B N6    1 
ATOM   823  N  N1    . A   B 2 25 ? -3.138  -6.426  -6.581  1.00 53.59  ? 26  A   B N1    1 
ATOM   824  C  C2    . A   B 2 25 ? -3.577  -6.841  -5.380  1.00 54.22  ? 26  A   B C2    1 
ATOM   825  N  N3    . A   B 2 25 ? -2.994  -7.656  -4.507  1.00 54.03  ? 26  A   B N3    1 
ATOM   826  C  C4    . A   B 2 25 ? -1.804  -8.069  -4.974  1.00 51.88  ? 26  A   B C4    1 
ATOM   827  P  P     . C   B 2 26 ? -2.208  -13.930 -3.658  1.00 68.79  ? 27  C   B P     1 
ATOM   828  O  OP1   . C   B 2 26 ? -2.581  -15.099 -2.835  1.00 65.18  ? 27  C   B OP1   1 
ATOM   829  O  OP2   . C   B 2 26 ? -1.316  -14.093 -4.841  1.00 65.74  ? 27  C   B OP2   1 
ATOM   830  O  "O5'" . C   B 2 26 ? -3.535  -13.157 -4.084  1.00 64.50  ? 27  C   B "O5'" 1 
ATOM   831  C  "C5'" . C   B 2 26 ? -4.535  -12.917 -3.110  1.00 60.44  ? 27  C   B "C5'" 1 
ATOM   832  C  "C4'" . C   B 2 26 ? -5.559  -11.940 -3.615  1.00 61.60  ? 27  C   B "C4'" 1 
ATOM   833  O  "O4'" . C   B 2 26 ? -4.894  -10.724 -4.041  1.00 59.77  ? 27  C   B "O4'" 1 
ATOM   834  C  "C3'" . C   B 2 26 ? -6.288  -12.367 -4.869  1.00 60.31  ? 27  C   B "C3'" 1 
ATOM   835  O  "O3'" . C   B 2 26 ? -7.322  -13.302 -4.607  1.00 69.01  ? 27  C   B "O3'" 1 
ATOM   836  C  "C2'" . C   B 2 26 ? -6.789  -11.037 -5.413  1.00 59.06  ? 27  C   B "C2'" 1 
ATOM   837  O  "O2'" . C   B 2 26 ? -7.904  -10.519 -4.720  1.00 62.88  ? 27  C   B "O2'" 1 
ATOM   838  C  "C1'" . C   B 2 26 ? -5.604  -10.140 -5.118  1.00 59.22  ? 27  C   B "C1'" 1 
ATOM   839  N  N1    . C   B 2 26 ? -4.718  -10.033 -6.270  1.00 52.68  ? 27  C   B N1    1 
ATOM   840  C  C2    . C   B 2 26 ? -5.030  -9.104  -7.266  1.00 51.98  ? 27  C   B C2    1 
ATOM   841  O  O2    . C   B 2 26 ? -6.073  -8.444  -7.163  1.00 49.85  ? 27  C   B O2    1 
ATOM   842  N  N3    . C   B 2 26 ? -4.195  -8.954  -8.313  1.00 52.87  ? 27  C   B N3    1 
ATOM   843  C  C4    . C   B 2 26 ? -3.087  -9.695  -8.392  1.00 51.75  ? 27  C   B C4    1 
ATOM   844  N  N4    . C   B 2 26 ? -2.267  -9.481  -9.412  1.00 52.87  ? 27  C   B N4    1 
ATOM   845  C  C5    . C   B 2 26 ? -2.766  -10.679 -7.414  1.00 50.94  ? 27  C   B C5    1 
ATOM   846  C  C6    . C   B 2 26 ? -3.601  -10.813 -6.374  1.00 52.73  ? 27  C   B C6    1 
ATOM   847  P  P     . A   B 2 27 ? -7.674  -14.421 -5.708  1.00 66.19  ? 28  A   B P     1 
ATOM   848  O  OP1   . A   B 2 27 ? -8.669  -15.328 -5.086  1.00 68.09  ? 28  A   B OP1   1 
ATOM   849  O  OP2   . A   B 2 27 ? -6.399  -14.983 -6.238  1.00 66.19  ? 28  A   B OP2   1 
ATOM   850  O  "O5'" . A   B 2 27 ? -8.415  -13.592 -6.847  1.00 62.88  ? 28  A   B "O5'" 1 
ATOM   851  C  "C5'" . A   B 2 27 ? -9.679  -13.015 -6.580  1.00 54.71  ? 28  A   B "C5'" 1 
ATOM   852  C  "C4'" . A   B 2 27 ? -10.152 -12.196 -7.748  1.00 61.67  ? 28  A   B "C4'" 1 
ATOM   853  O  "O4'" . A   B 2 27 ? -9.250  -11.081 -7.939  1.00 61.51  ? 28  A   B "O4'" 1 
ATOM   854  C  "C3'" . A   B 2 27 ? -10.186 -12.883 -9.101  1.00 61.76  ? 28  A   B "C3'" 1 
ATOM   855  O  "O3'" . A   B 2 27 ? -11.374 -13.642 -9.274  1.00 64.64  ? 28  A   B "O3'" 1 
ATOM   856  C  "C2'" . A   B 2 27 ? -10.115 -11.690 -10.046 1.00 61.85  ? 28  A   B "C2'" 1 
ATOM   857  O  "O2'" . A   B 2 27 ? -11.330 -10.966 -10.103 1.00 65.46  ? 28  A   B "O2'" 1 
ATOM   858  C  "C1'" . A   B 2 27 ? -9.108  -10.810 -9.322  1.00 61.24  ? 28  A   B "C1'" 1 
ATOM   859  N  N9    . A   B 2 27 ? -7.737  -11.124 -9.719  1.00 58.61  ? 28  A   B N9    1 
ATOM   860  C  C8    . A   B 2 27 ? -6.840  -11.973 -9.121  1.00 57.13  ? 28  A   B C8    1 
ATOM   861  N  N7    . A   B 2 27 ? -5.674  -12.012 -9.716  1.00 56.31  ? 28  A   B N7    1 
ATOM   862  C  C5    . A   B 2 27 ? -5.816  -11.134 -10.780 1.00 54.92  ? 28  A   B C5    1 
ATOM   863  C  C6    . A   B 2 27 ? -4.935  -10.719 -11.784 1.00 53.58  ? 28  A   B C6    1 
ATOM   864  N  N6    . A   B 2 27 ? -3.677  -11.143 -11.883 1.00 49.43  ? 28  A   B N6    1 
ATOM   865  N  N1    . A   B 2 27 ? -5.390  -9.835  -12.700 1.00 54.13  ? 28  A   B N1    1 
ATOM   866  C  C2    . A   B 2 27 ? -6.656  -9.399  -12.602 1.00 50.57  ? 28  A   B C2    1 
ATOM   867  N  N3    . A   B 2 27 ? -7.578  -9.707  -11.697 1.00 54.71  ? 28  A   B N3    1 
ATOM   868  C  C4    . A   B 2 27 ? -7.086  -10.589 -10.802 1.00 55.20  ? 28  A   B C4    1 
ATOM   869  P  P     . C   B 2 28 ? -11.346 -14.988 -10.157 1.00 65.48  ? 29  C   B P     1 
ATOM   870  O  OP1   . C   B 2 28 ? -12.708 -15.569 -10.029 1.00 68.27  ? 29  C   B OP1   1 
ATOM   871  O  OP2   . C   B 2 28 ? -10.162 -15.802 -9.763  1.00 64.10  ? 29  C   B OP2   1 
ATOM   872  O  "O5'" . C   B 2 28 ? -11.174 -14.470 -11.660 1.00 62.53  ? 29  C   B "O5'" 1 
ATOM   873  C  "C5'" . C   B 2 28 ? -12.246 -13.775 -12.295 1.00 59.40  ? 29  C   B "C5'" 1 
ATOM   874  C  "C4'" . C   B 2 28 ? -11.785 -13.043 -13.540 1.00 58.26  ? 29  C   B "C4'" 1 
ATOM   875  O  "O4'" . C   B 2 28 ? -10.698 -12.148 -13.195 1.00 58.04  ? 29  C   B "O4'" 1 
ATOM   876  C  "C3'" . C   B 2 28 ? -11.211 -13.887 -14.660 1.00 56.94  ? 29  C   B "C3'" 1 
ATOM   877  O  "O3'" . C   B 2 28 ? -12.217 -14.483 -15.466 1.00 55.17  ? 29  C   B "O3'" 1 
ATOM   878  C  "C2'" . C   B 2 28 ? -10.376 -12.865 -15.417 1.00 54.27  ? 29  C   B "C2'" 1 
ATOM   879  O  "O2'" . C   B 2 28 ? -11.141 -11.991 -16.220 1.00 56.26  ? 29  C   B "O2'" 1 
ATOM   880  C  "C1'" . C   B 2 28 ? -9.788  -12.065 -14.265 1.00 56.55  ? 29  C   B "C1'" 1 
ATOM   881  N  N1    . C   B 2 28 ? -8.509  -12.628 -13.839 1.00 53.44  ? 29  C   B N1    1 
ATOM   882  C  C2    . C   B 2 28 ? -7.369  -12.252 -14.537 1.00 53.53  ? 29  C   B C2    1 
ATOM   883  O  O2    . C   B 2 28 ? -7.485  -11.435 -15.480 1.00 54.02  ? 29  C   B O2    1 
ATOM   884  N  N3    . C   B 2 28 ? -6.174  -12.776 -14.184 1.00 51.83  ? 29  C   B N3    1 
ATOM   885  C  C4    . C   B 2 28 ? -6.104  -13.650 -13.183 1.00 51.73  ? 29  C   B C4    1 
ATOM   886  N  N4    . C   B 2 28 ? -4.912  -14.158 -12.884 1.00 49.46  ? 29  C   B N4    1 
ATOM   887  C  C5    . C   B 2 28 ? -7.253  -14.045 -12.447 1.00 52.18  ? 29  C   B C5    1 
ATOM   888  C  C6    . C   B 2 28 ? -8.425  -13.510 -12.803 1.00 53.02  ? 29  C   B C6    1 
ATOM   889  P  P     . G   B 2 29 ? -11.904 -15.856 -16.235 1.00 58.21  ? 30  G   B P     1 
ATOM   890  O  OP1   . G   B 2 29 ? -13.162 -16.292 -16.884 1.00 63.99  ? 30  G   B OP1   1 
ATOM   891  O  OP2   . G   B 2 29 ? -11.187 -16.769 -15.304 1.00 57.74  ? 30  G   B OP2   1 
ATOM   892  O  "O5'" . G   B 2 29 ? -10.909 -15.412 -17.387 1.00 56.63  ? 30  G   B "O5'" 1 
ATOM   893  C  "C5'" . G   B 2 29 ? -11.300 -14.415 -18.319 1.00 53.83  ? 30  G   B "C5'" 1 
ATOM   894  C  "C4'" . G   B 2 29 ? -10.192 -14.146 -19.315 1.00 62.30  ? 30  G   B "C4'" 1 
ATOM   895  O  "O4'" . G   B 2 29 ? -9.150  -13.359 -18.682 1.00 60.86  ? 30  G   B "O4'" 1 
ATOM   896  C  "C3'" . G   B 2 29 ? -9.457  -15.359 -19.871 1.00 60.19  ? 30  G   B "C3'" 1 
ATOM   897  O  "O3'" . G   B 2 29 ? -10.144 -15.999 -20.944 1.00 57.67  ? 30  G   B "O3'" 1 
ATOM   898  C  "C2'" . G   B 2 29 ? -8.144  -14.733 -20.314 1.00 54.74  ? 30  G   B "C2'" 1 
ATOM   899  O  "O2'" . G   B 2 29 ? -8.283  -13.982 -21.502 1.00 58.03  ? 30  G   B "O2'" 1 
ATOM   900  C  "C1'" . G   B 2 29 ? -7.888  -13.756 -19.175 1.00 56.38  ? 30  G   B "C1'" 1 
ATOM   901  N  N9    . G   B 2 29 ? -7.159  -14.420 -18.103 1.00 55.77  ? 30  G   B N9    1 
ATOM   902  C  C8    . G   B 2 29 ? -7.665  -14.991 -16.959 1.00 55.20  ? 30  G   B C8    1 
ATOM   903  N  N7    . G   B 2 29 ? -6.745  -15.532 -16.206 1.00 52.71  ? 30  G   B N7    1 
ATOM   904  C  C5    . G   B 2 29 ? -5.560  -15.283 -16.890 1.00 55.26  ? 30  G   B C5    1 
ATOM   905  C  C6    . G   B 2 29 ? -4.223  -15.616 -16.569 1.00 53.85  ? 30  G   B C6    1 
ATOM   906  O  O6    . G   B 2 29 ? -3.792  -16.182 -15.560 1.00 54.65  ? 30  G   B O6    1 
ATOM   907  N  N1    . G   B 2 29 ? -3.342  -15.214 -17.574 1.00 55.90  ? 30  G   B N1    1 
ATOM   908  C  C2    . G   B 2 29 ? -3.704  -14.560 -18.727 1.00 57.96  ? 30  G   B C2    1 
ATOM   909  N  N2    . G   B 2 29 ? -2.730  -14.287 -19.616 1.00 59.57  ? 30  G   B N2    1 
ATOM   910  N  N3    . G   B 2 29 ? -4.933  -14.209 -19.005 1.00 56.01  ? 30  G   B N3    1 
ATOM   911  C  C4    . G   B 2 29 ? -5.805  -14.607 -18.061 1.00 53.57  ? 30  G   B C4    1 
ATOM   912  P  P     . A   B 2 30 ? -9.952  -17.577 -21.192 1.00 58.12  ? 31  A   B P     1 
ATOM   913  O  OP1   . A   B 2 30 ? -10.710 -17.821 -22.443 1.00 62.77  ? 31  A   B OP1   1 
ATOM   914  O  OP2   . A   B 2 30 ? -10.249 -18.351 -19.961 1.00 56.83  ? 31  A   B OP2   1 
ATOM   915  O  "O5'" . A   B 2 30 ? -8.403  -17.758 -21.498 1.00 53.71  ? 31  A   B "O5'" 1 
ATOM   916  C  "C5'" . A   B 2 30 ? -7.828  -17.155 -22.652 1.00 58.63  ? 31  A   B "C5'" 1 
ATOM   917  C  "C4'" . A   B 2 30 ? -6.337  -17.415 -22.738 1.00 61.58  ? 31  A   B "C4'" 1 
ATOM   918  O  "O4'" . A   B 2 30 ? -5.652  -16.744 -21.653 1.00 63.09  ? 31  A   B "O4'" 1 
ATOM   919  C  "C3'" . A   B 2 30 ? -5.906  -18.861 -22.578 1.00 63.53  ? 31  A   B "C3'" 1 
ATOM   920  O  "O3'" . A   B 2 30 ? -6.116  -19.698 -23.697 1.00 70.28  ? 31  A   B "O3'" 1 
ATOM   921  C  "C2'" . A   B 2 30 ? -4.452  -18.726 -22.164 1.00 63.09  ? 31  A   B "C2'" 1 
ATOM   922  O  "O2'" . A   B 2 30 ? -3.564  -18.464 -23.228 1.00 73.61  ? 31  A   B "O2'" 1 
ATOM   923  C  "C1'" . A   B 2 30 ? -4.510  -17.496 -21.271 1.00 62.09  ? 31  A   B "C1'" 1 
ATOM   924  N  N9    . A   B 2 30 ? -4.632  -17.916 -19.882 1.00 60.08  ? 31  A   B N9    1 
ATOM   925  C  C8    . A   B 2 30 ? -5.761  -18.141 -19.140 1.00 60.31  ? 31  A   B C8    1 
ATOM   926  N  N7    . A   B 2 30 ? -5.516  -18.594 -17.932 1.00 58.99  ? 31  A   B N7    1 
ATOM   927  C  C5    . A   B 2 30 ? -4.128  -18.647 -17.874 1.00 56.27  ? 31  A   B C5    1 
ATOM   928  C  C6    . A   B 2 30 ? -3.234  -19.051 -16.869 1.00 55.17  ? 31  A   B C6    1 
ATOM   929  N  N6    . A   B 2 30 ? -3.621  -19.472 -15.654 1.00 51.23  ? 31  A   B N6    1 
ATOM   930  N  N1    . A   B 2 30 ? -1.913  -19.004 -17.152 1.00 51.05  ? 31  A   B N1    1 
ATOM   931  C  C2    . A   B 2 30 ? -1.531  -18.559 -18.349 1.00 49.09  ? 31  A   B C2    1 
ATOM   932  N  N3    . A   B 2 30 ? -2.272  -18.140 -19.364 1.00 53.55  ? 31  A   B N3    1 
ATOM   933  C  C4    . A   B 2 30 ? -3.576  -18.217 -19.063 1.00 57.24  ? 31  A   B C4    1 
ATOM   934  O  "O5'" . U   C 3 1  ? 4.794   -19.154 -11.930 1.00 60.69  ? 31  U   C "O5'" 1 
ATOM   935  C  "C5'" . U   C 3 1  ? 6.034   -19.259 -12.638 1.00 60.27  ? 31  U   C "C5'" 1 
ATOM   936  C  "C4'" . U   C 3 1  ? 5.853   -19.087 -14.122 1.00 61.66  ? 31  U   C "C4'" 1 
ATOM   937  O  "O4'" . U   C 3 1  ? 4.923   -20.100 -14.588 1.00 59.64  ? 31  U   C "O4'" 1 
ATOM   938  C  "C3'" . U   C 3 1  ? 5.244   -17.766 -14.572 1.00 57.28  ? 31  U   C "C3'" 1 
ATOM   939  O  "O3'" . U   C 3 1  ? 6.236   -16.746 -14.720 1.00 56.83  ? 31  U   C "O3'" 1 
ATOM   940  C  "C2'" . U   C 3 1  ? 4.663   -18.165 -15.918 1.00 60.44  ? 31  U   C "C2'" 1 
ATOM   941  O  "O2'" . U   C 3 1  ? 5.713   -18.300 -16.853 1.00 61.09  ? 31  U   C "O2'" 1 
ATOM   942  C  "C1'" . U   C 3 1  ? 4.117   -19.562 -15.614 1.00 60.29  ? 31  U   C "C1'" 1 
ATOM   943  N  N1    . U   C 3 1  ? 2.722   -19.575 -15.152 1.00 62.23  ? 31  U   C N1    1 
ATOM   944  C  C2    . U   C 3 1  ? 1.716   -19.276 -16.065 1.00 58.97  ? 31  U   C C2    1 
ATOM   945  O  O2    . U   C 3 1  ? 1.927   -19.026 -17.243 1.00 62.00  ? 31  U   C O2    1 
ATOM   946  N  N3    . U   C 3 1  ? 0.447   -19.289 -15.547 1.00 59.30  ? 31  U   C N3    1 
ATOM   947  C  C4    . U   C 3 1  ? 0.082   -19.576 -14.247 1.00 59.58  ? 31  U   C C4    1 
ATOM   948  O  O4    . U   C 3 1  ? -1.109  -19.580 -13.938 1.00 53.30  ? 31  U   C O4    1 
ATOM   949  C  C5    . U   C 3 1  ? 1.169   -19.886 -13.378 1.00 58.33  ? 31  U   C C5    1 
ATOM   950  C  C6    . U   C 3 1  ? 2.421   -19.875 -13.848 1.00 58.36  ? 31  U   C C6    1 
ATOM   951  P  P     . C   C 3 2  ? 5.863   -15.192 -14.441 1.00 58.66  ? 32  C   C P     1 
ATOM   952  O  OP1   . C   C 3 2  ? 7.141   -14.440 -14.319 1.00 62.86  ? 32  C   C OP1   1 
ATOM   953  O  OP2   . C   C 3 2  ? 4.852   -15.128 -13.359 1.00 56.42  ? 32  C   C OP2   1 
ATOM   954  O  "O5'" . C   C 3 2  ? 5.174   -14.673 -15.775 1.00 56.02  ? 32  C   C "O5'" 1 
ATOM   955  C  "C5'" . C   C 3 2  ? 5.873   -14.741 -17.000 1.00 54.46  ? 32  C   C "C5'" 1 
ATOM   956  C  "C4'" . C   C 3 2  ? 4.924   -14.607 -18.150 1.00 57.14  ? 32  C   C "C4'" 1 
ATOM   957  O  "O4'" . C   C 3 2  ? 4.015   -15.739 -18.164 1.00 56.13  ? 32  C   C "O4'" 1 
ATOM   958  C  "C3'" . C   C 3 2  ? 4.003   -13.407 -18.063 1.00 55.87  ? 32  C   C "C3'" 1 
ATOM   959  O  "O3'" . C   C 3 2  ? 4.626   -12.244 -18.569 1.00 50.83  ? 32  C   C "O3'" 1 
ATOM   960  C  "C2'" . C   C 3 2  ? 2.860   -13.837 -18.965 1.00 54.61  ? 32  C   C "C2'" 1 
ATOM   961  O  "O2'" . C   C 3 2  ? 3.213   -13.749 -20.327 1.00 52.89  ? 32  C   C "O2'" 1 
ATOM   962  C  "C1'" . C   C 3 2  ? 2.745   -15.312 -18.615 1.00 51.44  ? 32  C   C "C1'" 1 
ATOM   963  N  N1    . C   C 3 2  ? 1.767   -15.524 -17.546 1.00 55.64  ? 32  C   C N1    1 
ATOM   964  C  C2    . C   C 3 2  ? 0.405   -15.383 -17.844 1.00 53.31  ? 32  C   C C2    1 
ATOM   965  O  O2    . C   C 3 2  ? 0.071   -15.069 -18.987 1.00 48.58  ? 32  C   C O2    1 
ATOM   966  N  N3    . C   C 3 2  ? -0.513  -15.593 -16.882 1.00 54.78  ? 32  C   C N3    1 
ATOM   967  C  C4    . C   C 3 2  ? -0.121  -15.938 -15.662 1.00 56.40  ? 32  C   C C4    1 
ATOM   968  N  N4    . C   C 3 2  ? -1.066  -16.164 -14.755 1.00 56.36  ? 32  C   C N4    1 
ATOM   969  C  C5    . C   C 3 2  ? 1.259   -16.072 -15.321 1.00 56.56  ? 32  C   C C5    1 
ATOM   970  C  C6    . C   C 3 2  ? 2.162   -15.858 -16.288 1.00 55.74  ? 32  C   C C6    1 
ATOM   971  P  P     . G   C 3 3  ? 4.201   -10.812 -18.007 1.00 55.60  ? 33  G   C P     1 
ATOM   972  O  OP1   . G   C 3 3  ? 5.255   -9.893  -18.486 1.00 58.85  ? 33  G   C OP1   1 
ATOM   973  O  OP2   . G   C 3 3  ? 3.947   -10.977 -16.553 1.00 53.61  ? 33  G   C OP2   1 
ATOM   974  O  "O5'" . G   C 3 3  ? 2.831   -10.443 -18.730 1.00 57.75  ? 33  G   C "O5'" 1 
ATOM   975  C  "C5'" . G   C 3 3  ? 2.724   -10.285 -20.149 1.00 55.82  ? 33  G   C "C5'" 1 
ATOM   976  C  "C4'" . G   C 3 3  ? 1.268   -10.125 -20.524 1.00 59.89  ? 33  G   C "C4'" 1 
ATOM   977  O  "O4'" . G   C 3 3  ? 0.546   -11.314 -20.127 1.00 62.08  ? 33  G   C "O4'" 1 
ATOM   978  C  "C3'" . G   C 3 3  ? 0.551   -8.996  -19.810 1.00 60.58  ? 33  G   C "C3'" 1 
ATOM   979  O  "O3'" . G   C 3 3  ? 0.691   -7.806  -20.570 1.00 59.30  ? 33  G   C "O3'" 1 
ATOM   980  C  "C2'" . G   C 3 3  ? -0.898  -9.459  -19.824 1.00 59.11  ? 33  G   C "C2'" 1 
ATOM   981  O  "O2'" . G   C 3 3  ? -1.529  -9.231  -21.057 1.00 56.94  ? 33  G   C "O2'" 1 
ATOM   982  C  "C1'" . G   C 3 3  ? -0.734  -10.962 -19.650 1.00 56.09  ? 33  G   C "C1'" 1 
ATOM   983  N  N9    . G   C 3 3  ? -0.838  -11.444 -18.282 1.00 57.73  ? 33  G   C N9    1 
ATOM   984  C  C8    . G   C 3 3  ? 0.188   -11.901 -17.492 1.00 58.90  ? 33  G   C C8    1 
ATOM   985  N  N7    . G   C 3 3  ? -0.218  -12.359 -16.337 1.00 58.46  ? 33  G   C N7    1 
ATOM   986  C  C5    . G   C 3 3  ? -1.593  -12.173 -16.361 1.00 56.71  ? 33  G   C C5    1 
ATOM   987  C  C6    . G   C 3 3  ? -2.584  -12.502 -15.400 1.00 57.93  ? 33  G   C C6    1 
ATOM   988  O  O6    . G   C 3 3  ? -2.439  -13.046 -14.301 1.00 57.70  ? 33  G   C O6    1 
ATOM   989  N  N1    . G   C 3 3  ? -3.857  -12.146 -15.834 1.00 56.77  ? 33  G   C N1    1 
ATOM   990  C  C2    . G   C 3 3  ? -4.145  -11.562 -17.043 1.00 57.27  ? 33  G   C C2    1 
ATOM   991  N  N2    . G   C 3 3  ? -5.436  -11.309 -17.294 1.00 54.08  ? 33  G   C N2    1 
ATOM   992  N  N3    . G   C 3 3  ? -3.235  -11.254 -17.947 1.00 58.00  ? 33  G   C N3    1 
ATOM   993  C  C4    . G   C 3 3  ? -1.989  -11.586 -17.546 1.00 57.29  ? 33  G   C C4    1 
ATOM   994  P  P     . U   C 3 4  ? 0.515   -6.386  -19.860 1.00 61.36  ? 34  U   C P     1 
ATOM   995  O  OP1   . U   C 3 4  ? 0.664   -5.329  -20.896 1.00 65.78  ? 34  U   C OP1   1 
ATOM   996  O  OP2   . U   C 3 4  ? 1.398   -6.390  -18.664 1.00 62.47  ? 34  U   C OP2   1 
ATOM   997  O  "O5'" . U   C 3 4  ? -0.998  -6.368  -19.389 1.00 65.38  ? 34  U   C "O5'" 1 
ATOM   998  C  "C5'" . U   C 3 4  ? -1.989  -6.007  -20.317 1.00 62.19  ? 34  U   C "C5'" 1 
ATOM   999  C  "C4'" . U   C 3 4  ? -3.360  -6.229  -19.756 1.00 63.21  ? 34  U   C "C4'" 1 
ATOM   1000 O  "O4'" . U   C 3 4  ? -3.421  -7.554  -19.171 1.00 59.02  ? 34  U   C "O4'" 1 
ATOM   1001 C  "C3'" . U   C 3 4  ? -3.702  -5.339  -18.587 1.00 63.64  ? 34  U   C "C3'" 1 
ATOM   1002 O  "O3'" . U   C 3 4  ? -4.121  -4.068  -19.029 1.00 67.64  ? 34  U   C "O3'" 1 
ATOM   1003 C  "C2'" . U   C 3 4  ? -4.816  -6.120  -17.916 1.00 60.54  ? 34  U   C "C2'" 1 
ATOM   1004 O  "O2'" . U   C 3 4  ? -6.022  -6.064  -18.639 1.00 62.95  ? 34  U   C "O2'" 1 
ATOM   1005 C  "C1'" . U   C 3 4  ? -4.309  -7.539  -18.074 1.00 57.79  ? 34  U   C "C1'" 1 
ATOM   1006 N  N1    . U   C 3 4  ? -3.625  -8.026  -16.877 1.00 60.56  ? 34  U   C N1    1 
ATOM   1007 C  C2    . U   C 3 4  ? -4.435  -8.475  -15.868 1.00 61.06  ? 34  U   C C2    1 
ATOM   1008 O  O2    . U   C 3 4  ? -5.660  -8.422  -15.938 1.00 63.27  ? 34  U   C O2    1 
ATOM   1009 N  N3    . U   C 3 4  ? -3.778  -8.982  -14.779 1.00 59.41  ? 34  U   C N3    1 
ATOM   1010 C  C4    . U   C 3 4  ? -2.421  -9.068  -14.603 1.00 60.82  ? 34  U   C C4    1 
ATOM   1011 O  O4    . U   C 3 4  ? -1.985  -9.659  -13.623 1.00 60.59  ? 34  U   C O4    1 
ATOM   1012 C  C5    . U   C 3 4  ? -1.645  -8.542  -15.680 1.00 59.21  ? 34  U   C C5    1 
ATOM   1013 C  C6    . U   C 3 4  ? -2.260  -8.051  -16.759 1.00 60.71  ? 34  U   C C6    1 
ATOM   1014 P  P     . G   C 3 5  ? -3.971  -2.805  -18.052 1.00 66.52  ? 35  G   C P     1 
ATOM   1015 O  OP1   . G   C 3 5  ? -4.292  -1.613  -18.883 1.00 65.14  ? 35  G   C OP1   1 
ATOM   1016 O  OP2   . G   C 3 5  ? -2.648  -2.894  -17.371 1.00 68.10  ? 35  G   C OP2   1 
ATOM   1017 O  "O5'" . G   C 3 5  ? -5.125  -3.033  -16.968 1.00 67.57  ? 35  G   C "O5'" 1 
ATOM   1018 C  "C5'" . G   C 3 5  ? -6.479  -3.178  -17.377 1.00 62.13  ? 35  G   C "C5'" 1 
ATOM   1019 C  "C4'" . G   C 3 5  ? -7.364  -3.559  -16.212 1.00 63.31  ? 35  G   C "C4'" 1 
ATOM   1020 O  "O4'" . G   C 3 5  ? -7.033  -4.887  -15.749 1.00 63.50  ? 35  G   C "O4'" 1 
ATOM   1021 C  "C3'" . G   C 3 5  ? -7.250  -2.694  -14.978 1.00 63.77  ? 35  G   C "C3'" 1 
ATOM   1022 O  "O3'" . G   C 3 5  ? -8.063  -1.537  -15.138 1.00 69.08  ? 35  G   C "O3'" 1 
ATOM   1023 C  "C2'" . G   C 3 5  ? -7.757  -3.635  -13.888 1.00 64.06  ? 35  G   C "C2'" 1 
ATOM   1024 O  "O2'" . G   C 3 5  ? -9.159  -3.771  -13.856 1.00 63.10  ? 35  G   C "O2'" 1 
ATOM   1025 C  "C1'" . G   C 3 5  ? -7.184  -4.966  -14.348 1.00 62.02  ? 35  G   C "C1'" 1 
ATOM   1026 N  N9    . G   C 3 5  ? -5.890  -5.324  -13.777 1.00 61.47  ? 35  G   C N9    1 
ATOM   1027 C  C8    . G   C 3 5  ? -4.648  -5.084  -14.323 1.00 61.13  ? 35  G   C C8    1 
ATOM   1028 N  N7    . G   C 3 5  ? -3.672  -5.586  -13.618 1.00 60.62  ? 35  G   C N7    1 
ATOM   1029 C  C5    . G   C 3 5  ? -4.306  -6.189  -12.540 1.00 59.09  ? 35  G   C C5    1 
ATOM   1030 C  C6    . G   C 3 5  ? -3.771  -6.910  -11.462 1.00 57.98  ? 35  G   C C6    1 
ATOM   1031 O  O6    . G   C 3 5  ? -2.596  -7.210  -11.258 1.00 60.89  ? 35  G   C O6    1 
ATOM   1032 N  N1    . G   C 3 5  ? -4.756  -7.304  -10.563 1.00 57.28  ? 35  G   C N1    1 
ATOM   1033 C  C2    . G   C 3 5  ? -6.089  -7.039  -10.694 1.00 58.67  ? 35  G   C C2    1 
ATOM   1034 N  N2    . G   C 3 5  ? -6.862  -7.428  -9.680  1.00 57.06  ? 35  G   C N2    1 
ATOM   1035 N  N3    . G   C 3 5  ? -6.617  -6.414  -11.731 1.00 58.38  ? 35  G   C N3    1 
ATOM   1036 C  C4    . G   C 3 5  ? -5.671  -6.010  -12.608 1.00 59.84  ? 35  G   C C4    1 
ATOM   1037 P  P     . G   C 3 6  ? -7.717  -0.213  -14.379 1.00 72.44  ? 36  G   C P     1 
ATOM   1038 O  OP1   . G   C 3 6  ? -8.465  0.895   -15.043 1.00 71.79  ? 36  G   C OP1   1 
ATOM   1039 O  OP2   . G   C 3 6  ? -6.219  -0.082  -14.280 1.00 71.23  ? 36  G   C OP2   1 
ATOM   1040 O  "O5'" . G   C 3 6  ? -8.305  -0.450  -12.917 1.00 67.72  ? 36  G   C "O5'" 1 
ATOM   1041 C  "C5'" . G   C 3 6  ? -9.695  -0.795  -12.772 1.00 68.40  ? 36  G   C "C5'" 1 
ATOM   1042 C  "C4'" . G   C 3 6  ? -9.998  -1.124  -11.315 1.00 71.38  ? 36  G   C "C4'" 1 
ATOM   1043 O  "O4'" . G   C 3 6  ? -9.094  -2.165  -10.845 1.00 68.03  ? 36  G   C "O4'" 1 
ATOM   1044 C  "C3'" . G   C 3 6  ? -9.849  -0.029  -10.311 1.00 70.09  ? 36  G   C "C3'" 1 
ATOM   1045 O  "O3'" . G   C 3 6  ? -10.797 -0.185  -9.249  1.00 77.16  ? 36  G   C "O3'" 1 
ATOM   1046 C  "C2'" . G   C 3 6  ? -8.376  -0.124  -9.895  1.00 69.68  ? 36  G   C "C2'" 1 
ATOM   1047 O  "O2'" . G   C 3 6  ? -8.073  0.501   -8.656  1.00 69.26  ? 36  G   C "O2'" 1 
ATOM   1048 C  "C1'" . G   C 3 6  ? -8.216  -1.634  -9.870  1.00 67.49  ? 36  G   C "C1'" 1 
ATOM   1049 N  N9    . G   C 3 6  ? -6.860  -2.175  -10.087 1.00 62.34  ? 36  G   C N9    1 
ATOM   1050 C  C8    . G   C 3 6  ? -5.884  -1.835  -10.998 1.00 61.17  ? 36  G   C C8    1 
ATOM   1051 N  N7    . G   C 3 6  ? -4.802  -2.553  -10.876 1.00 60.58  ? 36  G   C N7    1 
ATOM   1052 C  C5    . G   C 3 6  ? -5.088  -3.411  -9.818  1.00 58.86  ? 36  G   C C5    1 
ATOM   1053 C  C6    . G   C 3 6  ? -4.292  -4.405  -9.205  1.00 58.27  ? 36  G   C C6    1 
ATOM   1054 O  O6    . G   C 3 6  ? -3.143  -4.727  -9.471  1.00 59.84  ? 36  G   C O6    1 
ATOM   1055 N  N1    . G   C 3 6  ? -4.985  -5.060  -8.189  1.00 53.23  ? 36  G   C N1    1 
ATOM   1056 C  C2    . G   C 3 6  ? -6.278  -4.777  -7.809  1.00 56.76  ? 36  G   C C2    1 
ATOM   1057 N  N2    . G   C 3 6  ? -6.748  -5.501  -6.801  1.00 52.38  ? 36  G   C N2    1 
ATOM   1058 N  N3    . G   C 3 6  ? -7.040  -3.843  -8.369  1.00 56.15  ? 36  G   C N3    1 
ATOM   1059 C  C4    . G   C 3 6  ? -6.361  -3.196  -9.344  1.00 58.13  ? 36  G   C C4    1 
ATOM   1060 P  P     . U   C 3 7  ? -11.785 1.010   -8.837  1.00 80.28  ? 37  U   C P     1 
ATOM   1061 O  OP1   . U   C 3 7  ? -13.026 0.464   -8.266  1.00 76.85  ? 37  U   C OP1   1 
ATOM   1062 O  OP2   . U   C 3 7  ? -11.879 1.980   -9.925  1.00 78.61  ? 37  U   C OP2   1 
ATOM   1063 O  "O5'" . U   C 3 7  ? -10.941 1.738   -7.681  1.00 83.48  ? 37  U   C "O5'" 1 
ATOM   1064 C  "C5'" . U   C 3 7  ? -11.636 2.367   -6.578  1.00 88.12  ? 37  U   C "C5'" 1 
ATOM   1065 C  "C4'" . U   C 3 7  ? -11.109 1.813   -5.286  1.00 88.72  ? 37  U   C "C4'" 1 
ATOM   1066 O  "O4'" . U   C 3 7  ? -11.417 0.413   -5.274  1.00 93.37  ? 37  U   C "O4'" 1 
ATOM   1067 C  "C3'" . U   C 3 7  ? -9.609  1.925   -5.103  1.00 88.18  ? 37  U   C "C3'" 1 
ATOM   1068 O  "O3'" . U   C 3 7  ? -9.300  2.512   -3.849  1.00 84.90  ? 37  U   C "O3'" 1 
ATOM   1069 C  "C2'" . U   C 3 7  ? -9.072  0.501   -5.320  1.00 90.13  ? 37  U   C "C2'" 1 
ATOM   1070 O  "O2'" . U   C 3 7  ? -7.889  0.234   -4.557  1.00 88.54  ? 37  U   C "O2'" 1 
ATOM   1071 C  "C1'" . U   C 3 7  ? -10.293 -0.337  -4.893  1.00 91.53  ? 37  U   C "C1'" 1 
ATOM   1072 N  N1    . U   C 3 7  ? -10.365 -1.703  -5.450  1.00 92.68  ? 37  U   C N1    1 
ATOM   1073 C  C2    . U   C 3 7  ? -9.921  -2.782  -4.676  1.00 93.44  ? 37  U   C C2    1 
ATOM   1074 O  O2    . U   C 3 7  ? -9.431  -2.628  -3.571  1.00 92.49  ? 37  U   C O2    1 
ATOM   1075 N  N3    . U   C 3 7  ? -10.068 -4.020  -5.264  1.00 95.46  ? 37  U   C N3    1 
ATOM   1076 C  C4    . U   C 3 7  ? -10.561 -4.277  -6.515  1.00 96.60  ? 37  U   C C4    1 
ATOM   1077 O  O4    . U   C 3 7  ? -10.645 -5.449  -6.902  1.00 97.19  ? 37  U   C O4    1 
ATOM   1078 C  C5    . U   C 3 7  ? -10.963 -3.126  -7.277  1.00 95.72  ? 37  U   C C5    1 
ATOM   1079 C  C6    . U   C 3 7  ? -10.854 -1.910  -6.710  1.00 94.29  ? 37  U   C C6    1 
ATOM   1080 P  P     . G   C 3 8  ? -7.966  3.353   -3.625  1.00 76.62  ? 38  G   C P     1 
ATOM   1081 O  OP1   . G   C 3 8  ? -7.548  3.126   -2.232  1.00 80.32  ? 38  G   C OP1   1 
ATOM   1082 O  OP2   . G   C 3 8  ? -8.196  4.724   -4.076  1.00 76.84  ? 38  G   C OP2   1 
ATOM   1083 O  "O5'" . G   C 3 8  ? -6.886  2.695   -4.595  1.00 82.80  ? 38  G   C "O5'" 1 
ATOM   1084 C  "C5'" . G   C 3 8  ? -5.550  3.127   -4.472  1.00 79.15  ? 38  G   C "C5'" 1 
ATOM   1085 C  "C4'" . G   C 3 8  ? -4.654  2.814   -5.667  1.00 80.94  ? 38  G   C "C4'" 1 
ATOM   1086 O  "O4'" . G   C 3 8  ? -3.381  2.263   -5.168  1.00 78.37  ? 38  G   C "O4'" 1 
ATOM   1087 C  "C3'" . G   C 3 8  ? -5.237  1.707   -6.545  1.00 81.03  ? 38  G   C "C3'" 1 
ATOM   1088 O  "O3'" . G   C 3 8  ? -4.854  1.897   -7.947  1.00 83.58  ? 38  G   C "O3'" 1 
ATOM   1089 C  "C2'" . G   C 3 8  ? -4.544  0.423   -6.090  1.00 79.36  ? 38  G   C "C2'" 1 
ATOM   1090 O  "O2'" . G   C 3 8  ? -4.458  -0.589  -7.083  1.00 82.59  ? 38  G   C "O2'" 1 
ATOM   1091 C  "C1'" . G   C 3 8  ? -3.186  0.952   -5.648  1.00 72.20  ? 38  G   C "C1'" 1 
ATOM   1092 N  N9    . G   C 3 8  ? -2.371  0.191   -4.725  1.00 65.54  ? 38  G   C N9    1 
ATOM   1093 C  C8    . G   C 3 8  ? -1.065  -0.214  -4.889  1.00 62.76  ? 38  G   C C8    1 
ATOM   1094 N  N7    . G   C 3 8  ? -0.619  -0.899  -3.864  1.00 59.18  ? 38  G   C N7    1 
ATOM   1095 C  C5    . G   C 3 8  ? -1.705  -0.938  -2.989  1.00 63.37  ? 38  G   C C5    1 
ATOM   1096 C  C6    . G   C 3 8  ? -1.832  -1.550  -1.690  1.00 66.69  ? 38  G   C C6    1 
ATOM   1097 O  O6    . G   C 3 8  ? -0.979  -2.197  -1.033  1.00 70.21  ? 38  G   C O6    1 
ATOM   1098 N  N1    . G   C 3 8  ? -3.108  -1.351  -1.161  1.00 68.17  ? 38  G   C N1    1 
ATOM   1099 C  C2    . G   C 3 8  ? -4.122  -0.661  -1.775  1.00 68.21  ? 38  G   C C2    1 
ATOM   1100 N  N2    . G   C 3 8  ? -5.274  -0.580  -1.087  1.00 71.26  ? 38  G   C N2    1 
ATOM   1101 N  N3    . G   C 3 8  ? -4.019  -0.085  -2.974  1.00 64.84  ? 38  G   C N3    1 
ATOM   1102 C  C4    . G   C 3 8  ? -2.787  -0.270  -3.514  1.00 62.18  ? 38  G   C C4    1 
ATOM   1103 P  P     . C   C 3 9  ? -5.495  3.104   -8.852  1.00 89.49  ? 39  C   C P     1 
ATOM   1104 O  OP1   . C   C 3 9  ? -6.874  2.784   -9.229  1.00 87.79  ? 39  C   C OP1   1 
ATOM   1105 O  OP2   . C   C 3 9  ? -4.516  3.359   -9.934  1.00 91.45  ? 39  C   C OP2   1 
ATOM   1106 O  "O5'" . C   C 3 9  ? -5.469  4.388   -7.892  1.00 91.06  ? 39  C   C "O5'" 1 
ATOM   1107 C  "C5'" . C   C 3 9  ? -4.649  5.472   -8.212  1.00 90.58  ? 39  C   C "C5'" 1 
ATOM   1108 C  "C4'" . C   C 3 9  ? -5.246  6.819   -7.827  1.00 92.02  ? 39  C   C "C4'" 1 
ATOM   1109 O  "O4'" . C   C 3 9  ? -6.613  6.924   -8.354  1.00 92.53  ? 39  C   C "O4'" 1 
ATOM   1110 C  "C3'" . C   C 3 9  ? -5.401  6.893   -6.288  1.00 90.68  ? 39  C   C "C3'" 1 
ATOM   1111 O  "O3'" . C   C 3 9  ? -4.841  8.137   -5.769  1.00 87.52  ? 39  C   C "O3'" 1 
ATOM   1112 C  "C2'" . C   C 3 9  ? -6.882  6.642   -6.010  1.00 91.71  ? 39  C   C "C2'" 1 
ATOM   1113 O  "O2'" . C   C 3 9  ? -7.394  7.245   -4.862  1.00 88.57  ? 39  C   C "O2'" 1 
ATOM   1114 C  "C1'" . C   C 3 9  ? -7.498  7.186   -7.285  1.00 95.18  ? 39  C   C "C1'" 1 
ATOM   1115 N  N1    . C   C 3 9  ? -8.890  6.799   -7.562  1.00 100.72 ? 39  C   C N1    1 
ATOM   1116 C  C2    . C   C 3 9  ? -9.880  7.754   -7.302  1.00 102.66 ? 39  C   C C2    1 
ATOM   1117 O  O2    . C   C 3 9  ? -9.553  8.892   -6.947  1.00 103.00 ? 39  C   C O2    1 
ATOM   1118 N  N3    . C   C 3 9  ? -11.180 7.394   -7.435  1.00 104.33 ? 39  C   C N3    1 
ATOM   1119 C  C4    . C   C 3 9  ? -11.492 6.162   -7.831  1.00 104.55 ? 39  C   C C4    1 
ATOM   1120 N  N4    . C   C 3 9  ? -12.792 5.862   -7.910  1.00 105.80 ? 39  C   C N4    1 
ATOM   1121 C  C5    . C   C 3 9  ? -10.493 5.193   -8.144  1.00 103.10 ? 39  C   C C5    1 
ATOM   1122 C  C6    . C   C 3 9  ? -9.204  5.556   -7.997  1.00 101.79 ? 39  C   C C6    1 
ATOM   1123 P  P     . A   C 3 10 ? -4.074  8.226   -4.341  1.00 82.86  ? 40  A   C P     1 
ATOM   1124 O  OP1   . A   C 3 10 ? -4.912  9.108   -3.487  1.00 80.55  ? 40  A   C OP1   1 
ATOM   1125 O  OP2   . A   C 3 10 ? -2.668  8.599   -4.641  1.00 83.32  ? 40  A   C OP2   1 
ATOM   1126 O  "O5'" . A   C 3 10 ? -4.062  6.774   -3.703  1.00 78.43  ? 40  A   C "O5'" 1 
ATOM   1127 C  "C5'" . A   C 3 10 ? -4.508  6.595   -2.377  1.00 66.90  ? 40  A   C "C5'" 1 
ATOM   1128 C  "C4'" . A   C 3 10 ? -3.801  5.430   -1.727  1.00 68.27  ? 40  A   C "C4'" 1 
ATOM   1129 O  "O4'" . A   C 3 10 ? -3.553  4.416   -2.735  1.00 64.98  ? 40  A   C "O4'" 1 
ATOM   1130 C  "C3'" . A   C 3 10 ? -2.406  5.704   -1.196  1.00 63.24  ? 40  A   C "C3'" 1 
ATOM   1131 O  "O3'" . A   C 3 10 ? -2.457  6.238   0.102   1.00 64.07  ? 40  A   C "O3'" 1 
ATOM   1132 C  "C2'" . A   C 3 10 ? -1.790  4.313   -1.158  1.00 60.51  ? 40  A   C "C2'" 1 
ATOM   1133 O  "O2'" . A   C 3 10 ? -2.236  3.522   -0.076  1.00 61.37  ? 40  A   C "O2'" 1 
ATOM   1134 C  "C1'" . A   C 3 10 ? -2.362  3.717   -2.431  1.00 60.47  ? 40  A   C "C1'" 1 
ATOM   1135 N  N9    . A   C 3 10 ? -1.449  3.778   -3.564  1.00 57.40  ? 40  A   C N9    1 
ATOM   1136 C  C8    . A   C 3 10 ? -1.515  4.524   -4.714  1.00 56.03  ? 40  A   C C8    1 
ATOM   1137 N  N7    . A   C 3 10 ? -0.530  4.295   -5.545  1.00 55.84  ? 40  A   C N7    1 
ATOM   1138 C  C5    . A   C 3 10 ? 0.246   3.341   -4.889  1.00 55.25  ? 40  A   C C5    1 
ATOM   1139 C  C6    . A   C 3 10 ? 1.434   2.690   -5.237  1.00 55.65  ? 40  A   C C6    1 
ATOM   1140 N  N6    . A   C 3 10 ? 2.096   2.902   -6.370  1.00 59.34  ? 40  A   C N6    1 
ATOM   1141 N  N1    . A   C 3 10 ? 1.935   1.799   -4.361  1.00 58.40  ? 40  A   C N1    1 
ATOM   1142 C  C2    . A   C 3 10 ? 1.290   1.596   -3.218  1.00 57.08  ? 40  A   C C2    1 
ATOM   1143 N  N3    . A   C 3 10 ? 0.174   2.151   -2.772  1.00 56.52  ? 40  A   C N3    1 
ATOM   1144 C  C4    . A   C 3 10 ? -0.309  3.028   -3.675  1.00 55.32  ? 40  A   C C4    1 
ATOM   1145 P  P     . U   C 3 11 ? -1.399  7.345   0.534   1.00 60.03  ? 41  U   C P     1 
ATOM   1146 O  OP1   . U   C 3 11 ? -1.771  7.710   1.923   1.00 62.95  ? 41  U   C OP1   1 
ATOM   1147 O  OP2   . U   C 3 11 ? -1.353  8.385   -0.531  1.00 62.42  ? 41  U   C OP2   1 
ATOM   1148 O  "O5'" . U   C 3 11 ? -0.009  6.573   0.575   1.00 57.68  ? 41  U   C "O5'" 1 
ATOM   1149 C  "C5'" . U   C 3 11 ? 0.227   5.574   1.545   1.00 55.50  ? 41  U   C "C5'" 1 
ATOM   1150 C  "C4'" . U   C 3 11 ? 1.582   4.954   1.339   1.00 57.58  ? 41  U   C "C4'" 1 
ATOM   1151 O  "O4'" . U   C 3 11 ? 1.740   4.591   -0.056  1.00 54.90  ? 41  U   C "O4'" 1 
ATOM   1152 C  "C3'" . U   C 3 11 ? 2.696   5.952   1.638   1.00 53.54  ? 41  U   C "C3'" 1 
ATOM   1153 O  "O3'" . U   C 3 11 ? 3.689   5.242   2.399   1.00 57.31  ? 41  U   C "O3'" 1 
ATOM   1154 C  "C2'" . U   C 3 11 ? 3.104   6.523   0.277   1.00 56.20  ? 41  U   C "C2'" 1 
ATOM   1155 O  "O2'" . U   C 3 11 ? 4.474   6.807   0.103   1.00 54.86  ? 41  U   C "O2'" 1 
ATOM   1156 C  "C1'" . U   C 3 11 ? 2.768   5.347   -0.630  1.00 57.41  ? 41  U   C "C1'" 1 
ATOM   1157 N  N1    . U   C 3 11 ? 2.544   5.570   -2.064  1.00 58.15  ? 41  U   C N1    1 
ATOM   1158 C  C2    . U   C 3 11 ? 3.509   5.061   -2.923  1.00 59.53  ? 41  U   C C2    1 
ATOM   1159 O  O2    . U   C 3 11 ? 4.434   4.359   -2.539  1.00 57.19  ? 41  U   C O2    1 
ATOM   1160 N  N3    . U   C 3 11 ? 3.343   5.392   -4.245  1.00 60.54  ? 41  U   C N3    1 
ATOM   1161 C  C4    . U   C 3 11 ? 2.314   6.136   -4.790  1.00 62.31  ? 41  U   C C4    1 
ATOM   1162 O  O4    . U   C 3 11 ? 2.332   6.408   -5.995  1.00 65.24  ? 41  U   C O4    1 
ATOM   1163 C  C5    . U   C 3 11 ? 1.323   6.570   -3.843  1.00 60.35  ? 41  U   C C5    1 
ATOM   1164 C  C6    . U   C 3 11 ? 1.468   6.277   -2.545  1.00 58.65  ? 41  U   C C6    1 
ATOM   1165 P  P     . U   C 3 12 ? 4.883   5.968   3.126   1.00 55.54  ? 42  U   C P     1 
ATOM   1166 O  OP1   . U   C 3 12 ? 4.588   5.991   4.594   1.00 53.19  ? 42  U   C OP1   1 
ATOM   1167 O  OP2   . U   C 3 12 ? 5.165   7.294   2.515   1.00 50.26  ? 42  U   C OP2   1 
ATOM   1168 O  "O5'" . U   C 3 12 ? 6.098   4.971   2.876   1.00 56.50  ? 42  U   C "O5'" 1 
ATOM   1169 C  "C5'" . U   C 3 12 ? 7.413   5.428   3.206   1.00 60.27  ? 42  U   C "C5'" 1 
ATOM   1170 C  "C4'" . U   C 3 12 ? 8.281   5.117   2.032   1.00 62.39  ? 42  U   C "C4'" 1 
ATOM   1171 O  "O4'" . U   C 3 12 ? 8.037   3.755   1.631   1.00 60.98  ? 42  U   C "O4'" 1 
ATOM   1172 C  "C3'" . U   C 3 12 ? 8.033   5.967   0.798   1.00 62.41  ? 42  U   C "C3'" 1 
ATOM   1173 O  "O3'" . U   C 3 12 ? 9.167   6.256   0.052   1.00 65.18  ? 42  U   C "O3'" 1 
ATOM   1174 C  "C2'" . U   C 3 12 ? 7.077   5.130   -0.001  1.00 58.91  ? 42  U   C "C2'" 1 
ATOM   1175 O  "O2'" . U   C 3 12 ? 7.106   5.466   -1.374  1.00 66.85  ? 42  U   C "O2'" 1 
ATOM   1176 C  "C1'" . U   C 3 12 ? 7.618   3.751   0.282   1.00 58.33  ? 42  U   C "C1'" 1 
ATOM   1177 N  N1    . U   C 3 12 ? 6.735   2.614   0.054   1.00 58.29  ? 42  U   C N1    1 
ATOM   1178 C  C2    . U   C 3 12 ? 7.105   1.762   -0.948  1.00 59.30  ? 42  U   C C2    1 
ATOM   1179 O  O2    . U   C 3 12 ? 8.149   1.871   -1.562  1.00 57.89  ? 42  U   C O2    1 
ATOM   1180 N  N3    . U   C 3 12 ? 6.212   0.764   -1.206  1.00 57.34  ? 42  U   C N3    1 
ATOM   1181 C  C4    . U   C 3 12 ? 5.034   0.540   -0.562  1.00 60.09  ? 42  U   C C4    1 
ATOM   1182 O  O4    . U   C 3 12 ? 4.309   -0.391  -0.892  1.00 60.01  ? 42  U   C O4    1 
ATOM   1183 C  C5    . U   C 3 12 ? 4.755   1.452   0.492   1.00 59.60  ? 42  U   C C5    1 
ATOM   1184 C  C6    . U   C 3 12 ? 5.602   2.431   0.756   1.00 60.33  ? 42  U   C C6    1 
ATOM   1185 P  P     . A   C 3 13 ? 9.891   7.628   0.265   1.00 64.92  ? 43  A   C P     1 
ATOM   1186 O  OP1   . A   C 3 13 ? 10.291  7.729   1.693   1.00 65.60  ? 43  A   C OP1   1 
ATOM   1187 O  OP2   . A   C 3 13 ? 9.039   8.701   -0.341  1.00 61.90  ? 43  A   C OP2   1 
ATOM   1188 O  "O5'" . A   C 3 13 ? 11.188  7.310   -0.605  1.00 63.70  ? 43  A   C "O5'" 1 
ATOM   1189 C  "C5'" . A   C 3 13 ? 12.109  6.282   -0.200  1.00 63.39  ? 43  A   C "C5'" 1 
ATOM   1190 C  "C4'" . A   C 3 13 ? 12.651  5.537   -1.402  1.00 66.00  ? 43  A   C "C4'" 1 
ATOM   1191 O  "O4'" . A   C 3 13 ? 11.587  4.790   -2.028  1.00 69.19  ? 43  A   C "O4'" 1 
ATOM   1192 C  "C3'" . A   C 3 13 ? 13.231  6.374   -2.522  1.00 68.67  ? 43  A   C "C3'" 1 
ATOM   1193 O  "O3'" . A   C 3 13 ? 14.594  6.640   -2.250  1.00 73.94  ? 43  A   C "O3'" 1 
ATOM   1194 C  "C2'" . A   C 3 13 ? 13.087  5.449   -3.724  1.00 65.48  ? 43  A   C "C2'" 1 
ATOM   1195 O  "O2'" . A   C 3 13 ? 14.056  4.428   -3.721  1.00 63.99  ? 43  A   C "O2'" 1 
ATOM   1196 C  "C1'" . A   C 3 13 ? 11.743  4.797   -3.436  1.00 65.47  ? 43  A   C "C1'" 1 
ATOM   1197 N  N9    . A   C 3 13 ? 10.595  5.501   -4.006  1.00 64.31  ? 43  A   C N9    1 
ATOM   1198 C  C8    . A   C 3 13 ? 9.480   5.904   -3.326  1.00 64.17  ? 43  A   C C8    1 
ATOM   1199 N  N7    . A   C 3 13 ? 8.576   6.485   -4.075  1.00 62.82  ? 43  A   C N7    1 
ATOM   1200 C  C5    . A   C 3 13 ? 9.135   6.471   -5.335  1.00 64.05  ? 43  A   C C5    1 
ATOM   1201 C  C6    . A   C 3 13 ? 8.664   6.939   -6.579  1.00 64.40  ? 43  A   C C6    1 
ATOM   1202 N  N6    . A   C 3 13 ? 7.472   7.515   -6.755  1.00 59.75  ? 43  A   C N6    1 
ATOM   1203 N  N1    . A   C 3 13 ? 9.470   6.787   -7.648  1.00 66.09  ? 43  A   C N1    1 
ATOM   1204 C  C2    . A   C 3 13 ? 10.666  6.190   -7.467  1.00 67.16  ? 43  A   C C2    1 
ATOM   1205 N  N3    . A   C 3 13 ? 11.213  5.698   -6.347  1.00 66.62  ? 43  A   C N3    1 
ATOM   1206 C  C4    . A   C 3 13 ? 10.388  5.874   -5.309  1.00 64.87  ? 43  A   C C4    1 
ATOM   1207 P  P     . C   C 3 14 ? 15.112  8.158   -2.198  1.00 73.40  ? 44  C   C P     1 
ATOM   1208 O  OP1   . C   C 3 14 ? 16.576  8.028   -2.068  1.00 75.34  ? 44  C   C OP1   1 
ATOM   1209 O  OP2   . C   C 3 14 ? 14.349  8.900   -1.173  1.00 72.23  ? 44  C   C OP2   1 
ATOM   1210 O  "O5'" . C   C 3 14 ? 14.752  8.756   -3.634  1.00 72.58  ? 44  C   C "O5'" 1 
ATOM   1211 C  "C5'" . C   C 3 14 ? 15.419  8.300   -4.819  1.00 72.74  ? 44  C   C "C5'" 1 
ATOM   1212 C  "C4'" . C   C 3 14 ? 14.787  8.918   -6.049  1.00 72.97  ? 44  C   C "C4'" 1 
ATOM   1213 O  "O4'" . C   C 3 14 ? 13.492  8.320   -6.305  1.00 73.84  ? 44  C   C "O4'" 1 
ATOM   1214 C  "C3'" . C   C 3 14 ? 14.497  10.399  -5.931  1.00 74.64  ? 44  C   C "C3'" 1 
ATOM   1215 O  "O3'" . C   C 3 14 ? 15.652  11.157  -6.238  1.00 73.75  ? 44  C   C "O3'" 1 
ATOM   1216 C  "C2'" . C   C 3 14 ? 13.366  10.609  -6.934  1.00 72.96  ? 44  C   C "C2'" 1 
ATOM   1217 O  "O2'" . C   C 3 14 ? 13.755  10.816  -8.275  1.00 76.64  ? 44  C   C "O2'" 1 
ATOM   1218 C  "C1'" . C   C 3 14 ? 12.589  9.304   -6.788  1.00 70.74  ? 44  C   C "C1'" 1 
ATOM   1219 N  N1    . C   C 3 14 ? 11.523  9.437   -5.800  1.00 71.05  ? 44  C   C N1    1 
ATOM   1220 C  C2    . C   C 3 14 ? 10.326  10.065  -6.167  1.00 70.95  ? 44  C   C C2    1 
ATOM   1221 O  O2    . C   C 3 14 ? 10.199  10.507  -7.327  1.00 71.59  ? 44  C   C O2    1 
ATOM   1222 N  N3    . C   C 3 14 ? 9.337   10.175  -5.246  1.00 70.74  ? 44  C   C N3    1 
ATOM   1223 C  C4    . C   C 3 14 ? 9.517   9.693   -4.010  1.00 70.25  ? 44  C   C C4    1 
ATOM   1224 N  N4    . C   C 3 14 ? 8.516   9.821   -3.135  1.00 70.30  ? 44  C   C N4    1 
ATOM   1225 C  C5    . C   C 3 14 ? 10.730  9.056   -3.617  1.00 68.22  ? 44  C   C C5    1 
ATOM   1226 C  C6    . C   C 3 14 ? 11.694  8.953   -4.532  1.00 69.02  ? 44  C   C C6    1 
ATOM   1227 P  P     . C   C 3 15 ? 15.870  12.583  -5.540  1.00 79.54  ? 45  C   C P     1 
ATOM   1228 O  OP1   . C   C 3 15 ? 17.189  13.058  -6.014  1.00 80.29  ? 45  C   C OP1   1 
ATOM   1229 O  OP2   . C   C 3 15 ? 15.623  12.438  -4.078  1.00 75.76  ? 45  C   C OP2   1 
ATOM   1230 O  "O5'" . C   C 3 15 ? 14.744  13.508  -6.185  1.00 75.53  ? 45  C   C "O5'" 1 
ATOM   1231 C  "C5'" . C   C 3 15 ? 14.798  13.839  -7.558  1.00 72.59  ? 45  C   C "C5'" 1 
ATOM   1232 C  "C4'" . C   C 3 15 ? 13.626  14.700  -7.941  1.00 76.85  ? 45  C   C "C4'" 1 
ATOM   1233 O  "O4'" . C   C 3 15 ? 12.404  13.924  -7.827  1.00 79.62  ? 45  C   C "O4'" 1 
ATOM   1234 C  "C3'" . C   C 3 15 ? 13.382  15.899  -7.040  1.00 80.20  ? 45  C   C "C3'" 1 
ATOM   1235 O  "O3'" . C   C 3 15 ? 14.220  17.008  -7.347  1.00 80.94  ? 45  C   C "O3'" 1 
ATOM   1236 C  "C2'" . C   C 3 15 ? 11.900  16.186  -7.271  1.00 80.66  ? 45  C   C "C2'" 1 
ATOM   1237 O  "O2'" . C   C 3 15 ? 11.589  16.962  -8.413  1.00 80.78  ? 45  C   C "O2'" 1 
ATOM   1238 C  "C1'" . C   C 3 15 ? 11.339  14.772  -7.406  1.00 81.45  ? 45  C   C "C1'" 1 
ATOM   1239 N  N1    . C   C 3 15 ? 10.821  14.285  -6.121  1.00 80.30  ? 45  C   C N1    1 
ATOM   1240 C  C2    . C   C 3 15 ? 9.547   14.688  -5.725  1.00 80.37  ? 45  C   C C2    1 
ATOM   1241 O  O2    . C   C 3 15 ? 8.882   15.411  -6.487  1.00 80.78  ? 45  C   C O2    1 
ATOM   1242 N  N3    . C   C 3 15 ? 9.070   14.277  -4.534  1.00 79.82  ? 45  C   C N3    1 
ATOM   1243 C  C4    . C   C 3 15 ? 9.808   13.476  -3.761  1.00 79.35  ? 45  C   C C4    1 
ATOM   1244 N  N4    . C   C 3 15 ? 9.291   13.075  -2.606  1.00 76.32  ? 45  C   C N4    1 
ATOM   1245 C  C5    . C   C 3 15 ? 11.107  13.044  -4.145  1.00 78.89  ? 45  C   C C5    1 
ATOM   1246 C  C6    . C   C 3 15 ? 11.571  13.468  -5.321  1.00 80.40  ? 45  C   C C6    1 
ATOM   1247 P  P     . U   C 3 16 ? 14.513  18.115  -6.217  1.00 84.79  ? 46  U   C P     1 
ATOM   1248 O  OP1   . U   C 3 16 ? 15.478  19.093  -6.754  1.00 87.25  ? 46  U   C OP1   1 
ATOM   1249 O  OP2   . U   C 3 16 ? 14.836  17.381  -4.962  1.00 81.61  ? 46  U   C OP2   1 
ATOM   1250 O  "O5'" . U   C 3 16 ? 13.130  18.889  -6.090  1.00 77.57  ? 46  U   C "O5'" 1 
ATOM   1251 C  "C5'" . U   C 3 16 ? 12.641  19.623  -7.189  1.00 77.75  ? 46  U   C "C5'" 1 
ATOM   1252 C  "C4'" . U   C 3 16 ? 11.402  20.382  -6.812  1.00 80.89  ? 46  U   C "C4'" 1 
ATOM   1253 O  "O4'" . U   C 3 16 ? 10.298  19.458  -6.640  1.00 82.99  ? 46  U   C "O4'" 1 
ATOM   1254 C  "C3'" . U   C 3 16 ? 11.450  21.154  -5.509  1.00 80.01  ? 46  U   C "C3'" 1 
ATOM   1255 O  "O3'" . U   C 3 16 ? 12.079  22.414  -5.646  1.00 84.17  ? 46  U   C "O3'" 1 
ATOM   1256 C  "C2'" . U   C 3 16 ? 9.971   21.281  -5.172  1.00 81.42  ? 46  U   C "C2'" 1 
ATOM   1257 O  "O2'" . U   C 3 16 ? 9.320   22.276  -5.935  1.00 82.51  ? 46  U   C "O2'" 1 
ATOM   1258 C  "C1'" . U   C 3 16 ? 9.457   19.904  -5.588  1.00 79.98  ? 46  U   C "C1'" 1 
ATOM   1259 N  N1    . U   C 3 16 ? 9.591   18.958  -4.471  1.00 78.31  ? 46  U   C N1    1 
ATOM   1260 C  C2    . U   C 3 16 ? 8.603   18.934  -3.513  1.00 75.77  ? 46  U   C C2    1 
ATOM   1261 O  O2    . U   C 3 16 ? 7.597   19.633  -3.576  1.00 75.55  ? 46  U   C O2    1 
ATOM   1262 N  N3    . U   C 3 16 ? 8.833   18.060  -2.480  1.00 73.95  ? 46  U   C N3    1 
ATOM   1263 C  C4    . U   C 3 16 ? 9.923   17.226  -2.319  1.00 73.96  ? 46  U   C C4    1 
ATOM   1264 O  O4    . U   C 3 16 ? 10.022  16.538  -1.302  1.00 71.14  ? 46  U   C O4    1 
ATOM   1265 C  C5    . U   C 3 16 ? 10.880  17.297  -3.363  1.00 75.10  ? 46  U   C C5    1 
ATOM   1266 C  C6    . U   C 3 16 ? 10.687  18.138  -4.378  1.00 76.62  ? 46  U   C C6    1 
ATOM   1267 P  P     . G   C 3 17 ? 12.753  23.103  -4.361  1.00 84.60  ? 47  G   C P     1 
ATOM   1268 O  OP1   . G   C 3 17 ? 13.482  24.308  -4.826  1.00 89.12  ? 47  G   C OP1   1 
ATOM   1269 O  OP2   . G   C 3 17 ? 13.499  22.033  -3.643  1.00 85.64  ? 47  G   C OP2   1 
ATOM   1270 O  "O5'" . G   C 3 17 ? 11.503  23.602  -3.501  1.00 81.81  ? 47  G   C "O5'" 1 
ATOM   1271 C  "C5'" . G   C 3 17 ? 10.563  24.514  -4.061  1.00 76.24  ? 47  G   C "C5'" 1 
ATOM   1272 C  "C4'" . G   C 3 17 ? 9.436   24.789  -3.092  1.00 76.51  ? 47  G   C "C4'" 1 
ATOM   1273 O  "O4'" . G   C 3 17 ? 8.646   23.586  -2.915  1.00 76.32  ? 47  G   C "O4'" 1 
ATOM   1274 C  "C3'" . G   C 3 17 ? 9.845   25.173  -1.682  1.00 78.09  ? 47  G   C "C3'" 1 
ATOM   1275 O  "O3'" . G   C 3 17 ? 10.152  26.553  -1.560  1.00 77.58  ? 47  G   C "O3'" 1 
ATOM   1276 C  "C2'" . G   C 3 17 ? 8.613   24.791  -0.873  1.00 77.72  ? 47  G   C "C2'" 1 
ATOM   1277 O  "O2'" . G   C 3 17 ? 7.569   25.744  -0.935  1.00 83.16  ? 47  G   C "O2'" 1 
ATOM   1278 C  "C1'" . G   C 3 17 ? 8.193   23.501  -1.573  1.00 74.25  ? 47  G   C "C1'" 1 
ATOM   1279 N  N9    . G   C 3 17 ? 8.790   22.314  -0.958  1.00 70.57  ? 47  G   C N9    1 
ATOM   1280 C  C8    . G   C 3 17 ? 9.874   21.602  -1.415  1.00 69.19  ? 47  G   C C8    1 
ATOM   1281 N  N7    . G   C 3 17 ? 10.174  20.579  -0.659  1.00 68.15  ? 47  G   C N7    1 
ATOM   1282 C  C5    . G   C 3 17 ? 9.228   20.614  0.360   1.00 68.01  ? 47  G   C C5    1 
ATOM   1283 C  C6    . G   C 3 17 ? 9.045   19.754  1.474   1.00 66.34  ? 47  G   C C6    1 
ATOM   1284 O  O6    . G   C 3 17 ? 9.688   18.737  1.778   1.00 66.59  ? 47  G   C O6    1 
ATOM   1285 N  N1    . G   C 3 17 ? 7.986   20.174  2.272   1.00 64.62  ? 47  G   C N1    1 
ATOM   1286 C  C2    . G   C 3 17 ? 7.202   21.269  2.028   1.00 66.34  ? 47  G   C C2    1 
ATOM   1287 N  N2    . G   C 3 17 ? 6.248   21.519  2.922   1.00 65.22  ? 47  G   C N2    1 
ATOM   1288 N  N3    . G   C 3 17 ? 7.347   22.064  0.986   1.00 66.63  ? 47  G   C N3    1 
ATOM   1289 C  C4    . G   C 3 17 ? 8.373   21.683  0.199   1.00 67.53  ? 47  G   C C4    1 
ATOM   1290 P  P     . C   C 3 18 ? 11.095  27.051  -0.355  1.00 82.53  ? 48  C   C P     1 
ATOM   1291 O  OP1   . C   C 3 18 ? 11.204  28.523  -0.470  1.00 82.36  ? 48  C   C OP1   1 
ATOM   1292 O  OP2   . C   C 3 18 ? 12.339  26.223  -0.327  1.00 73.12  ? 48  C   C OP2   1 
ATOM   1293 O  "O5'" . C   C 3 18 ? 10.213  26.768  0.937   1.00 79.08  ? 48  C   C "O5'" 1 
ATOM   1294 C  "C5'" . C   C 3 18 ? 9.008   27.488  1.143   1.00 73.86  ? 48  C   C "C5'" 1 
ATOM   1295 C  "C4'" . C   C 3 18 ? 8.463   27.211  2.515   1.00 74.19  ? 48  C   C "C4'" 1 
ATOM   1296 O  "O4'" . C   C 3 18 ? 7.911   25.871  2.546   1.00 75.77  ? 48  C   C "O4'" 1 
ATOM   1297 C  "C3'" . C   C 3 18 ? 9.476   27.223  3.646   1.00 73.61  ? 48  C   C "C3'" 1 
ATOM   1298 O  "O3'" . C   C 3 18 ? 9.758   28.534  4.114   1.00 70.89  ? 48  C   C "O3'" 1 
ATOM   1299 C  "C2'" . C   C 3 18 ? 8.773   26.368  4.688   1.00 72.59  ? 48  C   C "C2'" 1 
ATOM   1300 O  "O2'" . C   C 3 18 ? 7.718   27.047  5.328   1.00 72.56  ? 48  C   C "O2'" 1 
ATOM   1301 C  "C1'" . C   C 3 18 ? 8.150   25.287  3.815   1.00 73.43  ? 48  C   C "C1'" 1 
ATOM   1302 N  N1    . C   C 3 18 ? 9.074   24.152  3.650   1.00 72.19  ? 48  C   C N1    1 
ATOM   1303 C  C2    . C   C 3 18 ? 9.080   23.143  4.621   1.00 71.14  ? 48  C   C C2    1 
ATOM   1304 O  O2    . C   C 3 18 ? 8.303   23.235  5.587   1.00 68.57  ? 48  C   C O2    1 
ATOM   1305 N  N3    . C   C 3 18 ? 9.925   22.099  4.484   1.00 67.24  ? 48  C   C N3    1 
ATOM   1306 C  C4    . C   C 3 18 ? 10.735  22.034  3.429   1.00 67.74  ? 48  C   C C4    1 
ATOM   1307 N  N4    . C   C 3 18 ? 11.532  20.974  3.319   1.00 65.30  ? 48  C   C N4    1 
ATOM   1308 C  C5    . C   C 3 18 ? 10.758  23.052  2.431   1.00 68.04  ? 48  C   C C5    1 
ATOM   1309 C  C6    . C   C 3 18 ? 9.919   24.081  2.578   1.00 68.95  ? 48  C   C C6    1 
ATOM   1310 P  P     . C   C 3 19 ? 11.130  28.824  4.912   1.00 74.75  ? 49  C   C P     1 
ATOM   1311 O  OP1   . C   C 3 19 ? 11.114  30.253  5.291   1.00 75.95  ? 49  C   C OP1   1 
ATOM   1312 O  OP2   . C   C 3 19 ? 12.304  28.261  4.177   1.00 70.36  ? 49  C   C OP2   1 
ATOM   1313 O  "O5'" . C   C 3 19 ? 10.989  27.991  6.265   1.00 73.98  ? 49  C   C "O5'" 1 
ATOM   1314 C  "C5'" . C   C 3 19 ? 9.967   28.284  7.223   1.00 68.57  ? 49  C   C "C5'" 1 
ATOM   1315 C  "C4'" . C   C 3 19 ? 10.012  27.282  8.369   1.00 72.25  ? 49  C   C "C4'" 1 
ATOM   1316 O  "O4'" . C   C 3 19 ? 9.662   25.958  7.867   1.00 70.68  ? 49  C   C "O4'" 1 
ATOM   1317 C  "C3'" . C   C 3 19 ? 11.366  27.074  9.042   1.00 71.34  ? 49  C   C "C3'" 1 
ATOM   1318 O  "O3'" . C   C 3 19 ? 11.804  28.043  10.006  1.00 74.28  ? 49  C   C "O3'" 1 
ATOM   1319 C  "C2'" . C   C 3 19 ? 11.201  25.691  9.648   1.00 71.21  ? 49  C   C "C2'" 1 
ATOM   1320 O  "O2'" . C   C 3 19 ? 10.347  25.736  10.770  1.00 65.72  ? 49  C   C "O2'" 1 
ATOM   1321 C  "C1'" . C   C 3 19 ? 10.422  24.972  8.547   1.00 68.48  ? 49  C   C "C1'" 1 
ATOM   1322 N  N1    . C   C 3 19 ? 11.297  24.282  7.581   1.00 70.37  ? 49  C   C N1    1 
ATOM   1323 C  C2    . C   C 3 19 ? 11.697  22.991  7.863   1.00 69.14  ? 49  C   C C2    1 
ATOM   1324 O  O2    . C   C 3 19 ? 11.272  22.455  8.885   1.00 69.10  ? 49  C   C O2    1 
ATOM   1325 N  N3    . C   C 3 19 ? 12.526  22.351  7.019   1.00 69.17  ? 49  C   C N3    1 
ATOM   1326 C  C4    . C   C 3 19 ? 12.938  22.954  5.914   1.00 68.90  ? 49  C   C C4    1 
ATOM   1327 N  N4    . C   C 3 19 ? 13.755  22.286  5.112   1.00 65.30  ? 49  C   C N4    1 
ATOM   1328 C  C5    . C   C 3 19 ? 12.530  24.268  5.583   1.00 68.96  ? 49  C   C C5    1 
ATOM   1329 C  C6    . C   C 3 19 ? 11.718  24.894  6.439   1.00 70.46  ? 49  C   C C6    1 
HETATM 1330 S  S     . SO4 D 4 .  ? 9.106   -6.437  10.602  1.00 169.98 ? 103 SO4 A S     1 
HETATM 1331 O  O1    . SO4 D 4 .  ? 8.646   -7.429  9.607   1.00 169.83 ? 103 SO4 A O1    1 
HETATM 1332 O  O2    . SO4 D 4 .  ? 8.818   -5.091  10.085  1.00 169.27 ? 103 SO4 A O2    1 
HETATM 1333 O  O3    . SO4 D 4 .  ? 8.375   -6.608  11.871  1.00 168.71 ? 103 SO4 A O3    1 
HETATM 1334 O  O4    . SO4 D 4 .  ? 10.565  -6.606  10.828  1.00 169.85 ? 103 SO4 A O4    1 
HETATM 1335 CO CO    . NCO E 5 .  ? -1.500  11.791  -2.588  1.00 96.74  ? 101 NCO B CO    1 
HETATM 1336 N  N1    . NCO E 5 .  ? -2.596  10.911  -1.113  1.00 93.24  ? 101 NCO B N1    1 
HETATM 1337 N  N2    . NCO E 5 .  ? -3.142  11.583  -3.742  1.00 93.46  ? 101 NCO B N2    1 
HETATM 1338 N  N3    . NCO E 5 .  ? -1.906  13.633  -1.948  1.00 93.52  ? 101 NCO B N3    1 
HETATM 1339 N  N4    . NCO E 5 .  ? -0.959  10.040  -3.309  1.00 93.82  ? 101 NCO B N4    1 
HETATM 1340 N  N5    . NCO E 5 .  ? -0.459  12.562  -4.068  1.00 94.07  ? 101 NCO B N5    1 
HETATM 1341 N  N6    . NCO E 5 .  ? 0.121   11.907  -1.372  1.00 94.28  ? 101 NCO B N6    1 
HETATM 1342 CO CO    . NCO F 5 .  ? 10.499  -6.626  5.734   1.00 171.67 ? 102 NCO B CO    1 
HETATM 1343 N  N1    . NCO F 5 .  ? 11.040  -8.313  4.755   1.00 170.27 ? 102 NCO B N1    1 
HETATM 1344 N  N2    . NCO F 5 .  ? 11.224  -7.498  7.409   1.00 170.03 ? 102 NCO B N2    1 
HETATM 1345 N  N3    . NCO F 5 .  ? 12.175  -5.623  5.300   1.00 169.66 ? 102 NCO B N3    1 
HETATM 1346 N  N4    . NCO F 5 .  ? 8.770   -7.445  6.226   1.00 169.97 ? 102 NCO B N4    1 
HETATM 1347 N  N5    . NCO F 5 .  ? 9.895   -5.048  6.717   1.00 170.78 ? 102 NCO B N5    1 
HETATM 1348 N  N6    . NCO F 5 .  ? 9.740   -5.854  4.033   1.00 169.88 ? 102 NCO B N6    1 
HETATM 1349 O  O     . HOH G 6 .  ? -25.483 2.314   11.035  1.00 82.25  ? 104 HOH A O     1 
HETATM 1350 O  O     . HOH G 6 .  ? 5.814   -2.243  12.052  1.00 65.73  ? 105 HOH A O     1 
HETATM 1351 O  O     . HOH H 6 .  ? 15.497  16.107  3.837   1.00 84.20  ? 103 HOH B O     1 
HETATM 1352 O  O     . HOH H 6 .  ? -9.049  -17.433 -11.670 1.00 64.75  ? 104 HOH B O     1 
HETATM 1353 O  O     . HOH H 6 .  ? 2.873   22.268  6.223   1.00 55.93  ? 105 HOH B O     1 
HETATM 1354 O  O     . HOH H 6 .  ? 12.359  16.568  3.745   1.00 67.04  ? 106 HOH B O     1 
HETATM 1355 O  O     . HOH H 6 .  ? 7.250   13.502  -8.458  1.00 68.12  ? 107 HOH B O     1 
HETATM 1356 O  O     . HOH I 6 .  ? 8.558   -17.763 -16.155 1.00 66.71  ? 50  HOH C O     1 
HETATM 1357 O  O     . HOH I 6 .  ? 6.668   -10.692 -15.010 1.00 74.45  ? 51  HOH C O     1 
HETATM 1358 O  O     . HOH I 6 .  ? -0.003  -6.279  -12.403 1.00 83.10  ? 52  HOH C O     1 
# 
loop_
_pdbx_poly_seq_scheme.asym_id 
_pdbx_poly_seq_scheme.entity_id 
_pdbx_poly_seq_scheme.seq_id 
_pdbx_poly_seq_scheme.mon_id 
_pdbx_poly_seq_scheme.ndb_seq_num 
_pdbx_poly_seq_scheme.pdb_seq_num 
_pdbx_poly_seq_scheme.auth_seq_num 
_pdbx_poly_seq_scheme.pdb_mon_id 
_pdbx_poly_seq_scheme.auth_mon_id 
_pdbx_poly_seq_scheme.pdb_strand_id 
_pdbx_poly_seq_scheme.pdb_ins_code 
_pdbx_poly_seq_scheme.hetero 
A 1 1  U   1  1  1  U   U   A . n 
A 1 2  C   2  2  2  C   C   A . n 
A 1 3  C   3  3  3  C   C   A . n 
A 1 4  C   4  4  4  C   C   A . n 
A 1 5  A2M 5  5  5  A2M A2M A . n 
A 1 6  G   6  6  6  G   G   A . n 
A 1 7  U   7  7  7  U   U   A . n 
A 1 8  C   8  8  8  C   C   A . n 
A 1 9  C   9  9  9  C   C   A . n 
A 1 10 A   10 10 10 A   A   A . n 
A 1 11 C   11 11 11 C   C   A . n 
A 1 12 C   12 12 12 C   C   A . n 
A 1 13 G   13 13 13 G   G   A . n 
B 2 1  C   1  2  2  C   C   B . n 
B 2 2  G   2  3  3  G   G   B . n 
B 2 3  G   3  4  4  G   G   B . n 
B 2 4  U   4  5  5  U   U   B . n 
B 2 5  G   5  6  6  G   G   B . n 
B 2 6  A   6  7  7  A   A   B . n 
B 2 7  G   7  8  8  G   G   B . n 
B 2 8  A   8  9  9  A   A   B . n 
B 2 9  A   9  10 10 A   A   B . n 
B 2 10 G   10 11 11 G   G   B . n 
B 2 11 G   11 12 12 G   G   B . n 
B 2 12 G   12 13 13 G   G   B . n 
B 2 13 S9L 13 14 14 S9L S9L B . n 
B 2 14 G   14 15 15 G   G   B . n 
B 2 15 G   15 16 16 G   G   B . n 
B 2 16 C   16 17 17 C   C   B . n 
B 2 17 A   17 18 18 A   A   B . n 
B 2 18 G   18 19 19 G   G   B . n 
B 2 19 A   19 20 20 A   A   B . n 
B 2 20 G   20 21 21 G   G   B . n 
B 2 21 A   21 22 22 A   A   B . n 
B 2 22 A   22 23 23 A   A   B . n 
B 2 23 A   23 24 24 A   A   B . n 
B 2 24 C   24 25 25 C   C   B . n 
B 2 25 A   25 26 26 A   A   B . n 
B 2 26 C   26 27 27 C   C   B . n 
B 2 27 A   27 28 28 A   A   B . n 
B 2 28 C   28 29 29 C   C   B . n 
B 2 29 G   29 30 30 G   G   B . n 
B 2 30 A   30 31 31 A   A   B . n 
C 3 1  U   1  31 31 U   U   C . n 
C 3 2  C   2  32 32 C   C   C . n 
C 3 3  G   3  33 33 G   G   C . n 
C 3 4  U   4  34 34 U   U   C . n 
C 3 5  G   5  35 35 G   G   C . n 
C 3 6  G   6  36 36 G   G   C . n 
C 3 7  U   7  37 37 U   U   C . n 
C 3 8  G   8  38 38 G   G   C . n 
C 3 9  C   9  39 39 C   C   C . n 
C 3 10 A   10 40 40 A   A   C . n 
C 3 11 U   11 41 41 U   U   C . n 
C 3 12 U   12 42 42 U   U   C . n 
C 3 13 A   13 43 43 A   A   C . n 
C 3 14 C   14 44 44 C   C   C . n 
C 3 15 C   15 45 45 C   C   C . n 
C 3 16 U   16 46 46 U   U   C . n 
C 3 17 G   17 47 47 G   G   C . n 
C 3 18 C   18 48 48 C   C   C . n 
C 3 19 C   19 49 49 C   C   C . n 
# 
loop_
_pdbx_nonpoly_scheme.asym_id 
_pdbx_nonpoly_scheme.entity_id 
_pdbx_nonpoly_scheme.mon_id 
_pdbx_nonpoly_scheme.ndb_seq_num 
_pdbx_nonpoly_scheme.pdb_seq_num 
_pdbx_nonpoly_scheme.auth_seq_num 
_pdbx_nonpoly_scheme.pdb_mon_id 
_pdbx_nonpoly_scheme.auth_mon_id 
_pdbx_nonpoly_scheme.pdb_strand_id 
_pdbx_nonpoly_scheme.pdb_ins_code 
D 4 SO4 1 103 103 SO4 SO4 A . 
E 5 NCO 1 101 101 NCO NCO B . 
F 5 NCO 1 102 102 NCO NCO B . 
G 6 HOH 1 104 4   HOH HOH A . 
G 6 HOH 2 105 6   HOH HOH A . 
H 6 HOH 1 103 3   HOH HOH B . 
H 6 HOH 2 104 5   HOH HOH B . 
H 6 HOH 3 105 7   HOH HOH B . 
H 6 HOH 4 106 8   HOH HOH B . 
H 6 HOH 5 107 9   HOH HOH B . 
I 6 HOH 1 50  1   HOH HOH C . 
I 6 HOH 2 51  2   HOH HOH C . 
I 6 HOH 3 52  10  HOH HOH C . 
# 
_pdbx_struct_mod_residue.id               1 
_pdbx_struct_mod_residue.label_asym_id    A 
_pdbx_struct_mod_residue.label_comp_id    A2M 
_pdbx_struct_mod_residue.label_seq_id     5 
_pdbx_struct_mod_residue.auth_asym_id     A 
_pdbx_struct_mod_residue.auth_comp_id     A2M 
_pdbx_struct_mod_residue.auth_seq_id      5 
_pdbx_struct_mod_residue.PDB_ins_code     ? 
_pdbx_struct_mod_residue.parent_comp_id   A 
_pdbx_struct_mod_residue.details          "2'-O-METHYL-ADENOSINE-5'-MONOPHOSPHATE" 
# 
_pdbx_struct_assembly.id                   1 
_pdbx_struct_assembly.details              author_and_software_defined_assembly 
_pdbx_struct_assembly.method_details       PISA 
_pdbx_struct_assembly.oligomeric_details   trimeric 
_pdbx_struct_assembly.oligomeric_count     3 
# 
_pdbx_struct_assembly_gen.assembly_id       1 
_pdbx_struct_assembly_gen.oper_expression   1 
_pdbx_struct_assembly_gen.asym_id_list      A,B,C,D,E,F,G,H,I 
# 
loop_
_pdbx_struct_assembly_prop.biol_id 
_pdbx_struct_assembly_prop.type 
_pdbx_struct_assembly_prop.value 
_pdbx_struct_assembly_prop.details 
1 'ABSA (A^2)' 6060 ? 
1 MORE         -31  ? 
1 'SSA (A^2)'  9370 ? 
# 
_pdbx_struct_oper_list.id                   1 
_pdbx_struct_oper_list.type                 'identity operation' 
_pdbx_struct_oper_list.name                 1_555 
_pdbx_struct_oper_list.symmetry_operation   x,y,z 
_pdbx_struct_oper_list.matrix[1][1]         1.0000000000 
_pdbx_struct_oper_list.matrix[1][2]         0.0000000000 
_pdbx_struct_oper_list.matrix[1][3]         0.0000000000 
_pdbx_struct_oper_list.vector[1]            0.0000000000 
_pdbx_struct_oper_list.matrix[2][1]         0.0000000000 
_pdbx_struct_oper_list.matrix[2][2]         1.0000000000 
_pdbx_struct_oper_list.matrix[2][3]         0.0000000000 
_pdbx_struct_oper_list.vector[2]            0.0000000000 
_pdbx_struct_oper_list.matrix[3][1]         0.0000000000 
_pdbx_struct_oper_list.matrix[3][2]         0.0000000000 
_pdbx_struct_oper_list.matrix[3][3]         1.0000000000 
_pdbx_struct_oper_list.vector[3]            0.0000000000 
# 
loop_
_pdbx_audit_revision_history.ordinal 
_pdbx_audit_revision_history.data_content_type 
_pdbx_audit_revision_history.major_revision 
_pdbx_audit_revision_history.minor_revision 
_pdbx_audit_revision_history.revision_date 
1 'Structure model' 1 0 2008-08-12 
2 'Structure model' 1 1 2011-07-13 
3 'Structure model' 1 2 2017-10-25 
4 'Structure model' 1 3 2023-08-30 
# 
_pdbx_audit_revision_details.ordinal             1 
_pdbx_audit_revision_details.revision_ordinal    1 
_pdbx_audit_revision_details.data_content_type   'Structure model' 
_pdbx_audit_revision_details.provider            repository 
_pdbx_audit_revision_details.type                'Initial release' 
_pdbx_audit_revision_details.description         ? 
_pdbx_audit_revision_details.details             ? 
# 
loop_
_pdbx_audit_revision_group.ordinal 
_pdbx_audit_revision_group.revision_ordinal 
_pdbx_audit_revision_group.data_content_type 
_pdbx_audit_revision_group.group 
1 2 'Structure model' 'Non-polymer description'   
2 2 'Structure model' 'Version format compliance' 
3 3 'Structure model' 'Refinement description'    
4 4 'Structure model' 'Data collection'           
5 4 'Structure model' 'Database references'       
6 4 'Structure model' 'Derived calculations'      
7 4 'Structure model' 'Refinement description'    
# 
loop_
_pdbx_audit_revision_category.ordinal 
_pdbx_audit_revision_category.revision_ordinal 
_pdbx_audit_revision_category.data_content_type 
_pdbx_audit_revision_category.category 
1 3 'Structure model' software                      
2 4 'Structure model' chem_comp_atom                
3 4 'Structure model' chem_comp_bond                
4 4 'Structure model' database_2                    
5 4 'Structure model' pdbx_initial_refinement_model 
6 4 'Structure model' struct_conn                   
7 4 'Structure model' struct_ref_seq                
# 
loop_
_pdbx_audit_revision_item.ordinal 
_pdbx_audit_revision_item.revision_ordinal 
_pdbx_audit_revision_item.data_content_type 
_pdbx_audit_revision_item.item 
1 3 'Structure model' '_software.classification'            
2 3 'Structure model' '_software.name'                      
3 4 'Structure model' '_database_2.pdbx_DOI'                
4 4 'Structure model' '_database_2.pdbx_database_accession' 
5 4 'Structure model' '_struct_conn.pdbx_leaving_atom_flag' 
6 4 'Structure model' '_struct_ref_seq.db_align_beg'        
7 4 'Structure model' '_struct_ref_seq.db_align_end'        
# 
loop_
_software.name 
_software.classification 
_software.version 
_software.citation_id 
_software.pdbx_ordinal 
Adxv         'data processing' . ? 1 
CNS          refinement        . ? 2 
CrystalClear 'data reduction'  . ? 3 
CrystalClear 'data scaling'    . ? 4 
CNS          phasing           . ? 5 
# 
_pdbx_validate_rmsd_angle.id                         1 
_pdbx_validate_rmsd_angle.PDB_model_num              1 
_pdbx_validate_rmsd_angle.auth_atom_id_1             "O4'" 
_pdbx_validate_rmsd_angle.auth_asym_id_1             C 
_pdbx_validate_rmsd_angle.auth_comp_id_1             C 
_pdbx_validate_rmsd_angle.auth_seq_id_1              39 
_pdbx_validate_rmsd_angle.PDB_ins_code_1             ? 
_pdbx_validate_rmsd_angle.label_alt_id_1             ? 
_pdbx_validate_rmsd_angle.auth_atom_id_2             "C1'" 
_pdbx_validate_rmsd_angle.auth_asym_id_2             C 
_pdbx_validate_rmsd_angle.auth_comp_id_2             C 
_pdbx_validate_rmsd_angle.auth_seq_id_2              39 
_pdbx_validate_rmsd_angle.PDB_ins_code_2             ? 
_pdbx_validate_rmsd_angle.label_alt_id_2             ? 
_pdbx_validate_rmsd_angle.auth_atom_id_3             N1 
_pdbx_validate_rmsd_angle.auth_asym_id_3             C 
_pdbx_validate_rmsd_angle.auth_comp_id_3             C 
_pdbx_validate_rmsd_angle.auth_seq_id_3              39 
_pdbx_validate_rmsd_angle.PDB_ins_code_3             ? 
_pdbx_validate_rmsd_angle.label_alt_id_3             ? 
_pdbx_validate_rmsd_angle.angle_value                113.67 
_pdbx_validate_rmsd_angle.angle_target_value         108.50 
_pdbx_validate_rmsd_angle.angle_deviation            5.17 
_pdbx_validate_rmsd_angle.angle_standard_deviation   0.70 
_pdbx_validate_rmsd_angle.linker_flag                N 
# 
loop_
_chem_comp_atom.comp_id 
_chem_comp_atom.atom_id 
_chem_comp_atom.type_symbol 
_chem_comp_atom.pdbx_aromatic_flag 
_chem_comp_atom.pdbx_stereo_config 
_chem_comp_atom.pdbx_ordinal 
A   OP3    O  N N 1   
A   P      P  N N 2   
A   OP1    O  N N 3   
A   OP2    O  N N 4   
A   "O5'"  O  N N 5   
A   "C5'"  C  N N 6   
A   "C4'"  C  N R 7   
A   "O4'"  O  N N 8   
A   "C3'"  C  N S 9   
A   "O3'"  O  N N 10  
A   "C2'"  C  N R 11  
A   "O2'"  O  N N 12  
A   "C1'"  C  N R 13  
A   N9     N  Y N 14  
A   C8     C  Y N 15  
A   N7     N  Y N 16  
A   C5     C  Y N 17  
A   C6     C  Y N 18  
A   N6     N  N N 19  
A   N1     N  Y N 20  
A   C2     C  Y N 21  
A   N3     N  Y N 22  
A   C4     C  Y N 23  
A   HOP3   H  N N 24  
A   HOP2   H  N N 25  
A   "H5'"  H  N N 26  
A   "H5''" H  N N 27  
A   "H4'"  H  N N 28  
A   "H3'"  H  N N 29  
A   "HO3'" H  N N 30  
A   "H2'"  H  N N 31  
A   "HO2'" H  N N 32  
A   "H1'"  H  N N 33  
A   H8     H  N N 34  
A   H61    H  N N 35  
A   H62    H  N N 36  
A   H2     H  N N 37  
A2M P      P  N N 38  
A2M OP1    O  N N 39  
A2M OP3    O  N N 40  
A2M "O5'"  O  N N 41  
A2M "C5'"  C  N N 42  
A2M "C4'"  C  N R 43  
A2M "O4'"  O  N N 44  
A2M "C3'"  C  N R 45  
A2M "O3'"  O  N N 46  
A2M "C2'"  C  N R 47  
A2M "O2'"  O  N N 48  
A2M "C1'"  C  N R 49  
A2M "CM'"  C  N N 50  
A2M N9     N  Y N 51  
A2M C8     C  Y N 52  
A2M N7     N  Y N 53  
A2M C5     C  Y N 54  
A2M C6     C  Y N 55  
A2M N6     N  N N 56  
A2M N1     N  Y N 57  
A2M C2     C  Y N 58  
A2M N3     N  Y N 59  
A2M C4     C  Y N 60  
A2M HOP3   H  N N 61  
A2M "H5'"  H  N N 62  
A2M "H5''" H  N N 63  
A2M "H4'"  H  N N 64  
A2M "H3'"  H  N N 65  
A2M "HO3'" H  N N 66  
A2M "H2'"  H  N N 67  
A2M "H1'"  H  N N 68  
A2M "HM'1" H  N N 69  
A2M "HM'2" H  N N 70  
A2M "HM'3" H  N N 71  
A2M H8     H  N N 72  
A2M H61    H  N N 73  
A2M H62    H  N N 74  
A2M H2     H  N N 75  
A2M OP2    O  N N 76  
A2M HOP2   H  N N 77  
C   OP3    O  N N 78  
C   P      P  N N 79  
C   OP1    O  N N 80  
C   OP2    O  N N 81  
C   "O5'"  O  N N 82  
C   "C5'"  C  N N 83  
C   "C4'"  C  N R 84  
C   "O4'"  O  N N 85  
C   "C3'"  C  N S 86  
C   "O3'"  O  N N 87  
C   "C2'"  C  N R 88  
C   "O2'"  O  N N 89  
C   "C1'"  C  N R 90  
C   N1     N  N N 91  
C   C2     C  N N 92  
C   O2     O  N N 93  
C   N3     N  N N 94  
C   C4     C  N N 95  
C   N4     N  N N 96  
C   C5     C  N N 97  
C   C6     C  N N 98  
C   HOP3   H  N N 99  
C   HOP2   H  N N 100 
C   "H5'"  H  N N 101 
C   "H5''" H  N N 102 
C   "H4'"  H  N N 103 
C   "H3'"  H  N N 104 
C   "HO3'" H  N N 105 
C   "H2'"  H  N N 106 
C   "HO2'" H  N N 107 
C   "H1'"  H  N N 108 
C   H41    H  N N 109 
C   H42    H  N N 110 
C   H5     H  N N 111 
C   H6     H  N N 112 
G   OP3    O  N N 113 
G   P      P  N N 114 
G   OP1    O  N N 115 
G   OP2    O  N N 116 
G   "O5'"  O  N N 117 
G   "C5'"  C  N N 118 
G   "C4'"  C  N R 119 
G   "O4'"  O  N N 120 
G   "C3'"  C  N S 121 
G   "O3'"  O  N N 122 
G   "C2'"  C  N R 123 
G   "O2'"  O  N N 124 
G   "C1'"  C  N R 125 
G   N9     N  Y N 126 
G   C8     C  Y N 127 
G   N7     N  Y N 128 
G   C5     C  Y N 129 
G   C6     C  N N 130 
G   O6     O  N N 131 
G   N1     N  N N 132 
G   C2     C  N N 133 
G   N2     N  N N 134 
G   N3     N  N N 135 
G   C4     C  Y N 136 
G   HOP3   H  N N 137 
G   HOP2   H  N N 138 
G   "H5'"  H  N N 139 
G   "H5''" H  N N 140 
G   "H4'"  H  N N 141 
G   "H3'"  H  N N 142 
G   "HO3'" H  N N 143 
G   "H2'"  H  N N 144 
G   "HO2'" H  N N 145 
G   "H1'"  H  N N 146 
G   H8     H  N N 147 
G   H1     H  N N 148 
G   H21    H  N N 149 
G   H22    H  N N 150 
HOH O      O  N N 151 
HOH H1     H  N N 152 
HOH H2     H  N N 153 
NCO CO     CO N N 154 
NCO N1     N  N N 155 
NCO N2     N  N N 156 
NCO N3     N  N N 157 
NCO N4     N  N N 158 
NCO N5     N  N N 159 
NCO N6     N  N N 160 
NCO HN11   H  N N 161 
NCO HN12   H  N N 162 
NCO HN13   H  N N 163 
NCO HN21   H  N N 164 
NCO HN22   H  N N 165 
NCO HN23   H  N N 166 
NCO HN31   H  N N 167 
NCO HN32   H  N N 168 
NCO HN33   H  N N 169 
NCO HN41   H  N N 170 
NCO HN42   H  N N 171 
NCO HN43   H  N N 172 
NCO HN51   H  N N 173 
NCO HN52   H  N N 174 
NCO HN53   H  N N 175 
NCO HN61   H  N N 176 
NCO HN62   H  N N 177 
NCO HN63   H  N N 178 
S9L O3P    O  N N 179 
S9L P      P  N N 180 
S9L O1P    O  N N 181 
S9L O2P    O  N N 182 
S9L "O5'"  O  N N 183 
S9L C12    C  N N 184 
S9L C22    C  N N 185 
S9L OH3    O  N N 186 
S9L C13    C  N N 187 
S9L C23    C  N N 188 
S9L OH4    O  N N 189 
S9L C14    C  N N 190 
S9L C24    C  N N 191 
S9L "O3'"  O  N N 192 
S9L HO3P   H  N N 193 
S9L HO1P   H  N N 194 
S9L H121   H  N N 195 
S9L H122   H  N N 196 
S9L H221   H  N N 197 
S9L H222   H  N N 198 
S9L H131   H  N N 199 
S9L H132   H  N N 200 
S9L H231   H  N N 201 
S9L H232   H  N N 202 
S9L H141   H  N N 203 
S9L H142   H  N N 204 
S9L H241   H  N N 205 
S9L H242   H  N N 206 
S9L "HO3'" H  N N 207 
SO4 S      S  N N 208 
SO4 O1     O  N N 209 
SO4 O2     O  N N 210 
SO4 O3     O  N N 211 
SO4 O4     O  N N 212 
U   OP3    O  N N 213 
U   P      P  N N 214 
U   OP1    O  N N 215 
U   OP2    O  N N 216 
U   "O5'"  O  N N 217 
U   "C5'"  C  N N 218 
U   "C4'"  C  N R 219 
U   "O4'"  O  N N 220 
U   "C3'"  C  N S 221 
U   "O3'"  O  N N 222 
U   "C2'"  C  N R 223 
U   "O2'"  O  N N 224 
U   "C1'"  C  N R 225 
U   N1     N  N N 226 
U   C2     C  N N 227 
U   O2     O  N N 228 
U   N3     N  N N 229 
U   C4     C  N N 230 
U   O4     O  N N 231 
U   C5     C  N N 232 
U   C6     C  N N 233 
U   HOP3   H  N N 234 
U   HOP2   H  N N 235 
U   "H5'"  H  N N 236 
U   "H5''" H  N N 237 
U   "H4'"  H  N N 238 
U   "H3'"  H  N N 239 
U   "HO3'" H  N N 240 
U   "H2'"  H  N N 241 
U   "HO2'" H  N N 242 
U   "H1'"  H  N N 243 
U   H3     H  N N 244 
U   H5     H  N N 245 
U   H6     H  N N 246 
# 
loop_
_chem_comp_bond.comp_id 
_chem_comp_bond.atom_id_1 
_chem_comp_bond.atom_id_2 
_chem_comp_bond.value_order 
_chem_comp_bond.pdbx_aromatic_flag 
_chem_comp_bond.pdbx_stereo_config 
_chem_comp_bond.pdbx_ordinal 
A   OP3   P      sing N N 1   
A   OP3   HOP3   sing N N 2   
A   P     OP1    doub N N 3   
A   P     OP2    sing N N 4   
A   P     "O5'"  sing N N 5   
A   OP2   HOP2   sing N N 6   
A   "O5'" "C5'"  sing N N 7   
A   "C5'" "C4'"  sing N N 8   
A   "C5'" "H5'"  sing N N 9   
A   "C5'" "H5''" sing N N 10  
A   "C4'" "O4'"  sing N N 11  
A   "C4'" "C3'"  sing N N 12  
A   "C4'" "H4'"  sing N N 13  
A   "O4'" "C1'"  sing N N 14  
A   "C3'" "O3'"  sing N N 15  
A   "C3'" "C2'"  sing N N 16  
A   "C3'" "H3'"  sing N N 17  
A   "O3'" "HO3'" sing N N 18  
A   "C2'" "O2'"  sing N N 19  
A   "C2'" "C1'"  sing N N 20  
A   "C2'" "H2'"  sing N N 21  
A   "O2'" "HO2'" sing N N 22  
A   "C1'" N9     sing N N 23  
A   "C1'" "H1'"  sing N N 24  
A   N9    C8     sing Y N 25  
A   N9    C4     sing Y N 26  
A   C8    N7     doub Y N 27  
A   C8    H8     sing N N 28  
A   N7    C5     sing Y N 29  
A   C5    C6     sing Y N 30  
A   C5    C4     doub Y N 31  
A   C6    N6     sing N N 32  
A   C6    N1     doub Y N 33  
A   N6    H61    sing N N 34  
A   N6    H62    sing N N 35  
A   N1    C2     sing Y N 36  
A   C2    N3     doub Y N 37  
A   C2    H2     sing N N 38  
A   N3    C4     sing Y N 39  
A2M P     OP1    doub N N 40  
A2M P     OP3    sing N N 41  
A2M P     "O5'"  sing N N 42  
A2M OP3   HOP3   sing N N 43  
A2M "O5'" "C5'"  sing N N 44  
A2M "C5'" "C4'"  sing N N 45  
A2M "C5'" "H5'"  sing N N 46  
A2M "C5'" "H5''" sing N N 47  
A2M "C4'" "O4'"  sing N N 48  
A2M "C4'" "C3'"  sing N N 49  
A2M "C4'" "H4'"  sing N N 50  
A2M "O4'" "C1'"  sing N N 51  
A2M "C3'" "O3'"  sing N N 52  
A2M "C3'" "C2'"  sing N N 53  
A2M "C3'" "H3'"  sing N N 54  
A2M "O3'" "HO3'" sing N N 55  
A2M "C2'" "O2'"  sing N N 56  
A2M "C2'" "C1'"  sing N N 57  
A2M "C2'" "H2'"  sing N N 58  
A2M "O2'" "CM'"  sing N N 59  
A2M "C1'" N9     sing N N 60  
A2M "C1'" "H1'"  sing N N 61  
A2M "CM'" "HM'1" sing N N 62  
A2M "CM'" "HM'2" sing N N 63  
A2M "CM'" "HM'3" sing N N 64  
A2M N9    C8     sing Y N 65  
A2M N9    C4     sing Y N 66  
A2M C8    N7     doub Y N 67  
A2M C8    H8     sing N N 68  
A2M N7    C5     sing Y N 69  
A2M C5    C6     sing Y N 70  
A2M C5    C4     doub Y N 71  
A2M C6    N6     sing N N 72  
A2M C6    N1     doub Y N 73  
A2M N6    H61    sing N N 74  
A2M N6    H62    sing N N 75  
A2M N1    C2     sing Y N 76  
A2M C2    N3     doub Y N 77  
A2M C2    H2     sing N N 78  
A2M N3    C4     sing Y N 79  
A2M P     OP2    sing N N 80  
A2M OP2   HOP2   sing N N 81  
C   OP3   P      sing N N 82  
C   OP3   HOP3   sing N N 83  
C   P     OP1    doub N N 84  
C   P     OP2    sing N N 85  
C   P     "O5'"  sing N N 86  
C   OP2   HOP2   sing N N 87  
C   "O5'" "C5'"  sing N N 88  
C   "C5'" "C4'"  sing N N 89  
C   "C5'" "H5'"  sing N N 90  
C   "C5'" "H5''" sing N N 91  
C   "C4'" "O4'"  sing N N 92  
C   "C4'" "C3'"  sing N N 93  
C   "C4'" "H4'"  sing N N 94  
C   "O4'" "C1'"  sing N N 95  
C   "C3'" "O3'"  sing N N 96  
C   "C3'" "C2'"  sing N N 97  
C   "C3'" "H3'"  sing N N 98  
C   "O3'" "HO3'" sing N N 99  
C   "C2'" "O2'"  sing N N 100 
C   "C2'" "C1'"  sing N N 101 
C   "C2'" "H2'"  sing N N 102 
C   "O2'" "HO2'" sing N N 103 
C   "C1'" N1     sing N N 104 
C   "C1'" "H1'"  sing N N 105 
C   N1    C2     sing N N 106 
C   N1    C6     sing N N 107 
C   C2    O2     doub N N 108 
C   C2    N3     sing N N 109 
C   N3    C4     doub N N 110 
C   C4    N4     sing N N 111 
C   C4    C5     sing N N 112 
C   N4    H41    sing N N 113 
C   N4    H42    sing N N 114 
C   C5    C6     doub N N 115 
C   C5    H5     sing N N 116 
C   C6    H6     sing N N 117 
G   OP3   P      sing N N 118 
G   OP3   HOP3   sing N N 119 
G   P     OP1    doub N N 120 
G   P     OP2    sing N N 121 
G   P     "O5'"  sing N N 122 
G   OP2   HOP2   sing N N 123 
G   "O5'" "C5'"  sing N N 124 
G   "C5'" "C4'"  sing N N 125 
G   "C5'" "H5'"  sing N N 126 
G   "C5'" "H5''" sing N N 127 
G   "C4'" "O4'"  sing N N 128 
G   "C4'" "C3'"  sing N N 129 
G   "C4'" "H4'"  sing N N 130 
G   "O4'" "C1'"  sing N N 131 
G   "C3'" "O3'"  sing N N 132 
G   "C3'" "C2'"  sing N N 133 
G   "C3'" "H3'"  sing N N 134 
G   "O3'" "HO3'" sing N N 135 
G   "C2'" "O2'"  sing N N 136 
G   "C2'" "C1'"  sing N N 137 
G   "C2'" "H2'"  sing N N 138 
G   "O2'" "HO2'" sing N N 139 
G   "C1'" N9     sing N N 140 
G   "C1'" "H1'"  sing N N 141 
G   N9    C8     sing Y N 142 
G   N9    C4     sing Y N 143 
G   C8    N7     doub Y N 144 
G   C8    H8     sing N N 145 
G   N7    C5     sing Y N 146 
G   C5    C6     sing N N 147 
G   C5    C4     doub Y N 148 
G   C6    O6     doub N N 149 
G   C6    N1     sing N N 150 
G   N1    C2     sing N N 151 
G   N1    H1     sing N N 152 
G   C2    N2     sing N N 153 
G   C2    N3     doub N N 154 
G   N2    H21    sing N N 155 
G   N2    H22    sing N N 156 
G   N3    C4     sing N N 157 
HOH O     H1     sing N N 158 
HOH O     H2     sing N N 159 
NCO CO    N1     sing N N 160 
NCO CO    N2     sing N N 161 
NCO CO    N3     sing N N 162 
NCO CO    N4     sing N N 163 
NCO CO    N5     sing N N 164 
NCO CO    N6     sing N N 165 
NCO N1    HN11   sing N N 166 
NCO N1    HN12   sing N N 167 
NCO N1    HN13   sing N N 168 
NCO N2    HN21   sing N N 169 
NCO N2    HN22   sing N N 170 
NCO N2    HN23   sing N N 171 
NCO N3    HN31   sing N N 172 
NCO N3    HN32   sing N N 173 
NCO N3    HN33   sing N N 174 
NCO N4    HN41   sing N N 175 
NCO N4    HN42   sing N N 176 
NCO N4    HN43   sing N N 177 
NCO N5    HN51   sing N N 178 
NCO N5    HN52   sing N N 179 
NCO N5    HN53   sing N N 180 
NCO N6    HN61   sing N N 181 
NCO N6    HN62   sing N N 182 
NCO N6    HN63   sing N N 183 
S9L O3P   P      sing N N 184 
S9L O3P   HO3P   sing N N 185 
S9L P     O2P    doub N N 186 
S9L P     O1P    sing N N 187 
S9L P     "O5'"  sing N N 188 
S9L O1P   HO1P   sing N N 189 
S9L "O5'" C12    sing N N 190 
S9L C12   C22    sing N N 191 
S9L C12   H121   sing N N 192 
S9L C12   H122   sing N N 193 
S9L C22   OH3    sing N N 194 
S9L C22   H221   sing N N 195 
S9L C22   H222   sing N N 196 
S9L OH3   C23    sing N N 197 
S9L C13   C23    sing N N 198 
S9L C13   OH4    sing N N 199 
S9L C13   H131   sing N N 200 
S9L C13   H132   sing N N 201 
S9L C23   H231   sing N N 202 
S9L C23   H232   sing N N 203 
S9L OH4   C24    sing N N 204 
S9L C14   C24    sing N N 205 
S9L C14   "O3'"  sing N N 206 
S9L C14   H141   sing N N 207 
S9L C14   H142   sing N N 208 
S9L C24   H241   sing N N 209 
S9L C24   H242   sing N N 210 
S9L "O3'" "HO3'" sing N N 211 
SO4 S     O1     doub N N 212 
SO4 S     O2     doub N N 213 
SO4 S     O3     sing N N 214 
SO4 S     O4     sing N N 215 
U   OP3   P      sing N N 216 
U   OP3   HOP3   sing N N 217 
U   P     OP1    doub N N 218 
U   P     OP2    sing N N 219 
U   P     "O5'"  sing N N 220 
U   OP2   HOP2   sing N N 221 
U   "O5'" "C5'"  sing N N 222 
U   "C5'" "C4'"  sing N N 223 
U   "C5'" "H5'"  sing N N 224 
U   "C5'" "H5''" sing N N 225 
U   "C4'" "O4'"  sing N N 226 
U   "C4'" "C3'"  sing N N 227 
U   "C4'" "H4'"  sing N N 228 
U   "O4'" "C1'"  sing N N 229 
U   "C3'" "O3'"  sing N N 230 
U   "C3'" "C2'"  sing N N 231 
U   "C3'" "H3'"  sing N N 232 
U   "O3'" "HO3'" sing N N 233 
U   "C2'" "O2'"  sing N N 234 
U   "C2'" "C1'"  sing N N 235 
U   "C2'" "H2'"  sing N N 236 
U   "O2'" "HO2'" sing N N 237 
U   "C1'" N1     sing N N 238 
U   "C1'" "H1'"  sing N N 239 
U   N1    C2     sing N N 240 
U   N1    C6     sing N N 241 
U   C2    O2     doub N N 242 
U   C2    N3     sing N N 243 
U   N3    C4     sing N N 244 
U   N3    H3     sing N N 245 
U   C4    O4     doub N N 246 
U   C4    C5     sing N N 247 
U   C5    C6     doub N N 248 
U   C5    H5     sing N N 249 
U   C6    H6     sing N N 250 
# 
loop_
_ndb_struct_conf_na.entry_id 
_ndb_struct_conf_na.feature 
3B5A 'double helix'         
3B5A 'a-form double helix'  
3B5A 'mismatched base pair' 
3B5A 'internal loop'        
# 
loop_
_ndb_struct_na_base_pair.model_number 
_ndb_struct_na_base_pair.i_label_asym_id 
_ndb_struct_na_base_pair.i_label_comp_id 
_ndb_struct_na_base_pair.i_label_seq_id 
_ndb_struct_na_base_pair.i_symmetry 
_ndb_struct_na_base_pair.j_label_asym_id 
_ndb_struct_na_base_pair.j_label_comp_id 
_ndb_struct_na_base_pair.j_label_seq_id 
_ndb_struct_na_base_pair.j_symmetry 
_ndb_struct_na_base_pair.shear 
_ndb_struct_na_base_pair.stretch 
_ndb_struct_na_base_pair.stagger 
_ndb_struct_na_base_pair.buckle 
_ndb_struct_na_base_pair.propeller 
_ndb_struct_na_base_pair.opening 
_ndb_struct_na_base_pair.pair_number 
_ndb_struct_na_base_pair.pair_name 
_ndb_struct_na_base_pair.i_auth_asym_id 
_ndb_struct_na_base_pair.i_auth_seq_id 
_ndb_struct_na_base_pair.i_PDB_ins_code 
_ndb_struct_na_base_pair.j_auth_asym_id 
_ndb_struct_na_base_pair.j_auth_seq_id 
_ndb_struct_na_base_pair.j_PDB_ins_code 
_ndb_struct_na_base_pair.hbond_type_28 
_ndb_struct_na_base_pair.hbond_type_12 
1 A C 2  1_555 B G 12 1_555 0.238  -0.075 -0.208 7.783   -20.730 3.753    1  A_C2:G13_B  A 2  ? B 13 ? 19 1  
1 A C 3  1_555 B G 11 1_555 0.055  -0.175 -0.202 -3.434  -6.071  0.843    2  A_C3:G12_B  A 3  ? B 12 ? 19 1  
1 A C 4  1_555 B G 10 1_555 0.543  -0.137 0.389  -5.480  8.032   4.620    3  A_C4:G11_B  A 4  ? B 11 ? 19 1  
1 A U 7  1_555 B G 7  1_555 -7.709 -3.088 -0.078 15.479  1.304   0.529    4  A_U7:G8_B   A 7  ? B 8  ? ?  ?  
1 A C 8  1_555 B A 6  1_555 -2.040 0.625  -1.018 25.486  -15.124 3.557    5  A_C8:A7_B   A 8  ? B 7  ? ?  ?  
1 A C 9  1_555 B G 5  1_555 0.091  0.047  -0.115 10.200  -10.777 -0.151   6  A_C9:G6_B   A 9  ? B 6  ? 19 1  
1 A A 10 1_555 B U 4  1_555 0.730  -0.064 0.368  7.153   -9.090  -0.629   7  A_A10:U5_B  A 10 ? B 5  ? 20 1  
1 A C 11 1_555 B G 3  1_555 0.259  -0.063 0.185  7.403   -12.460 1.033    8  A_C11:G4_B  A 11 ? B 4  ? 19 1  
1 A C 12 1_555 B G 2  1_555 0.244  -0.181 0.297  2.674   -13.026 3.470    9  A_C12:G3_B  A 12 ? B 3  ? 19 1  
1 A G 13 1_555 B C 1  1_555 -0.182 -0.159 0.241  0.651   -9.211  1.578    10 A_G13:C2_B  A 13 ? B 2  ? 19 1  
1 B G 14 1_555 C C 19 1_555 -0.207 -0.162 0.482  2.090   -8.881  1.493    11 B_G15:C49_C B 15 ? C 49 ? 19 1  
1 B G 15 1_555 C C 18 1_555 -0.287 -0.109 0.339  8.368   -12.661 -1.883   12 B_G16:C48_C B 16 ? C 48 ? 19 1  
1 B C 16 1_555 C G 17 1_555 -0.029 0.000  -0.018 8.162   -13.251 1.246    13 B_C17:G47_C B 17 ? C 47 ? 19 1  
1 B A 17 1_555 C U 16 1_555 0.022  0.050  -0.034 -0.111  -12.733 8.704    14 B_A18:U46_C B 18 ? C 46 ? 20 1  
1 B G 18 1_555 C C 15 1_555 -0.305 -0.199 -0.435 -8.582  -9.490  5.338    15 B_G19:C45_C B 19 ? C 45 ? 19 1  
1 B A 19 1_555 C C 14 1_555 2.228  0.283  -0.378 -14.662 -4.263  14.160   16 B_A20:C44_C B 20 ? C 44 ? ?  1  
1 B G 20 1_555 C A 13 1_555 7.089  -4.566 -0.197 -5.894  3.897   -6.996   17 B_G21:A43_C B 21 ? C 43 ? 11 10 
1 B A 21 1_555 C U 11 1_555 -4.271 -1.783 -0.142 -4.963  -9.796  -103.024 18 B_A22:U41_C B 22 ? C 41 ? 24 4  
1 B A 22 1_555 C A 10 1_555 -4.170 1.310  -0.270 0.299   -17.848 -98.729  19 B_A23:A40_C B 23 ? C 40 ? ?  ?  
1 B A 23 1_555 C G 8  1_555 4.936  3.735  -0.296 1.934   -12.435 -152.137 20 B_A24:G38_C B 24 ? C 38 ? ?  ?  
1 B C 24 1_555 A G 6  1_555 0.225  -0.142 0.108  18.375  -14.425 0.627    21 B_C25:G6_A  B 25 ? A 6  ? 19 1  
1 B A 25 1_555 C G 6  1_555 0.224  1.346  -0.475 -9.121  -13.512 -18.787  22 B_A26:G36_C B 26 ? C 36 ? 8  ?  
1 B C 26 1_555 C G 5  1_555 -0.088 -0.148 0.075  8.795   -24.772 -0.494   23 B_C27:G35_C B 27 ? C 35 ? 19 1  
1 B A 27 1_555 C U 4  1_555 0.004  -0.213 0.128  1.785   -22.256 -1.623   24 B_A28:U34_C B 28 ? C 34 ? 20 1  
1 B C 28 1_555 C G 3  1_555 0.135  -0.071 0.034  6.019   -14.904 2.784    25 B_C29:G33_C B 29 ? C 33 ? 19 1  
1 B G 29 1_555 C C 2  1_555 -0.194 -0.132 0.149  -5.376  -13.577 -3.118   26 B_G30:C32_C B 30 ? C 32 ? 19 1  
1 B A 30 1_555 C U 1  1_555 0.476  -0.069 0.351  -1.494  -7.197  1.839    27 B_A31:U31_C B 31 ? C 31 ? 20 1  
# 
loop_
_ndb_struct_na_base_pair_step.model_number 
_ndb_struct_na_base_pair_step.i_label_asym_id_1 
_ndb_struct_na_base_pair_step.i_label_comp_id_1 
_ndb_struct_na_base_pair_step.i_label_seq_id_1 
_ndb_struct_na_base_pair_step.i_symmetry_1 
_ndb_struct_na_base_pair_step.j_label_asym_id_1 
_ndb_struct_na_base_pair_step.j_label_comp_id_1 
_ndb_struct_na_base_pair_step.j_label_seq_id_1 
_ndb_struct_na_base_pair_step.j_symmetry_1 
_ndb_struct_na_base_pair_step.i_label_asym_id_2 
_ndb_struct_na_base_pair_step.i_label_comp_id_2 
_ndb_struct_na_base_pair_step.i_label_seq_id_2 
_ndb_struct_na_base_pair_step.i_symmetry_2 
_ndb_struct_na_base_pair_step.j_label_asym_id_2 
_ndb_struct_na_base_pair_step.j_label_comp_id_2 
_ndb_struct_na_base_pair_step.j_label_seq_id_2 
_ndb_struct_na_base_pair_step.j_symmetry_2 
_ndb_struct_na_base_pair_step.shift 
_ndb_struct_na_base_pair_step.slide 
_ndb_struct_na_base_pair_step.rise 
_ndb_struct_na_base_pair_step.tilt 
_ndb_struct_na_base_pair_step.roll 
_ndb_struct_na_base_pair_step.twist 
_ndb_struct_na_base_pair_step.x_displacement 
_ndb_struct_na_base_pair_step.y_displacement 
_ndb_struct_na_base_pair_step.helical_rise 
_ndb_struct_na_base_pair_step.inclination 
_ndb_struct_na_base_pair_step.tip 
_ndb_struct_na_base_pair_step.helical_twist 
_ndb_struct_na_base_pair_step.step_number 
_ndb_struct_na_base_pair_step.step_name 
_ndb_struct_na_base_pair_step.i_auth_asym_id_1 
_ndb_struct_na_base_pair_step.i_auth_seq_id_1 
_ndb_struct_na_base_pair_step.i_PDB_ins_code_1 
_ndb_struct_na_base_pair_step.j_auth_asym_id_1 
_ndb_struct_na_base_pair_step.j_auth_seq_id_1 
_ndb_struct_na_base_pair_step.j_PDB_ins_code_1 
_ndb_struct_na_base_pair_step.i_auth_asym_id_2 
_ndb_struct_na_base_pair_step.i_auth_seq_id_2 
_ndb_struct_na_base_pair_step.i_PDB_ins_code_2 
_ndb_struct_na_base_pair_step.j_auth_asym_id_2 
_ndb_struct_na_base_pair_step.j_auth_seq_id_2 
_ndb_struct_na_base_pair_step.j_PDB_ins_code_2 
1 A C 2  1_555 B G 12 1_555 A C 3  1_555 B G 11 1_555 -0.618 -1.732 3.578 -0.928 11.114 31.906  -4.808 0.912  2.848 19.488  1.626 
33.751  1  AA_C2C3:G12G13_BB   A 2  ? B 13 ? A 3  ? B 12 ? 
1 A C 3  1_555 B G 11 1_555 A C 4  1_555 B G 10 1_555 0.659  -1.647 3.504 -3.634 10.662 29.620  -4.945 -1.864 2.668 19.969  6.807 
31.644  2  AA_C3C4:G11G12_BB   A 3  ? B 12 ? A 4  ? B 11 ? 
1 A U 7  1_555 B G 7  1_555 A C 8  1_555 B A 6  1_555 0.070  -0.711 3.293 0.136  6.986  54.819  -1.176 -0.067 3.188 7.553   -0.147 
55.228  3  AA_U7C8:A7G8_BB     A 7  ? B 8  ? A 8  ? B 7  ? 
1 A C 8  1_555 B A 6  1_555 A C 9  1_555 B G 5  1_555 -0.058 -1.473 3.803 -6.451 10.885 38.568  -3.475 -0.715 3.255 15.964  9.461 
40.516  4  AA_C8C9:G6A7_BB     A 8  ? B 7  ? A 9  ? B 6  ? 
1 A C 9  1_555 B G 5  1_555 A A 10 1_555 B U 4  1_555 -0.427 -1.796 3.225 -2.918 10.194 34.797  -4.187 0.312  2.638 16.576  4.745 
36.329  5  AA_C9A10:U5G6_BB    A 9  ? B 6  ? A 10 ? B 5  ? 
1 A A 10 1_555 B U 4  1_555 A C 11 1_555 B G 3  1_555 -0.126 -1.807 3.192 0.895  6.674  27.620  -5.079 0.444  2.685 13.722  -1.841 
28.414  6  AA_A10C11:G4U5_BB   A 10 ? B 5  ? A 11 ? B 4  ? 
1 A C 11 1_555 B G 3  1_555 A C 12 1_555 B G 2  1_555 0.178  -1.904 3.152 -0.881 8.777  32.302  -4.595 -0.438 2.555 15.419  1.548 
33.454  7  AA_C11C12:G3G4_BB   A 11 ? B 4  ? A 12 ? B 3  ? 
1 A C 12 1_555 B G 2  1_555 A G 13 1_555 B C 1  1_555 0.097  -1.705 3.146 1.209  8.864  31.069  -4.468 0.017  2.577 16.134  -2.201 
32.301  8  AA_C12G13:C2G3_BB   A 12 ? B 3  ? A 13 ? B 2  ? 
1 B G 14 1_555 C C 19 1_555 B G 15 1_555 C C 18 1_555 -0.702 -1.076 3.066 -1.588 5.120  32.760  -2.673 0.984  2.899 9.003   2.793 
33.184  9  BB_G15G16:C48C49_CC B 15 ? C 49 ? B 16 ? C 48 ? 
1 B G 15 1_555 C C 18 1_555 B C 16 1_555 C G 17 1_555 0.406  -1.365 3.285 2.426  8.604  34.396  -3.446 -0.324 2.892 14.253  -4.019 
35.504  10 BB_G16C17:G47C48_CC B 16 ? C 48 ? B 17 ? C 47 ? 
1 B C 16 1_555 C G 17 1_555 B A 17 1_555 C U 16 1_555 0.527  -1.741 3.337 -0.164 12.843 31.097  -4.949 -0.937 2.444 22.776  0.290 
33.585  11 BB_C17A18:U46G47_CC B 17 ? C 47 ? B 18 ? C 46 ? 
1 B A 17 1_555 C U 16 1_555 B G 18 1_555 C C 15 1_555 0.167  -1.898 3.527 1.431  7.622  30.114  -5.019 -0.035 2.974 14.373  -2.698 
31.074  12 BB_A18G19:C45U46_CC B 18 ? C 46 ? B 19 ? C 45 ? 
1 B G 18 1_555 C C 15 1_555 B A 19 1_555 C C 14 1_555 0.891  -1.376 3.446 1.968  8.460  38.282  -3.078 -1.088 3.124 12.701  -2.955 
39.219  13 BB_G19A20:C44C45_CC B 19 ? C 45 ? B 20 ? C 44 ? 
1 B A 19 1_555 C C 14 1_555 B G 20 1_555 C A 13 1_555 -0.540 -0.959 3.142 6.577  4.849  58.840  -1.200 0.859  2.992 4.910   -6.659 
59.355  14 BB_A20G21:A43C44_CC B 20 ? C 44 ? B 21 ? C 43 ? 
1 B G 20 1_555 C A 13 1_555 B A 21 1_555 C U 11 1_555 -2.300 -0.486 3.466 2.103  -0.472 11.203  -1.770 14.587 3.002 -2.388  
-10.644 11.408  15 BB_G21A22:U41A43_CC B 21 ? C 43 ? B 22 ? C 41 ? 
1 B A 21 1_555 C U 11 1_555 B A 22 1_555 C A 10 1_555 0.015  -2.423 3.416 -8.486 3.824  46.512  -3.330 -0.718 3.170 4.787   10.620 
47.383  16 BB_A22A23:A40U41_CC B 22 ? C 41 ? B 23 ? C 40 ? 
1 B A 22 1_555 C A 10 1_555 B A 23 1_555 C G 8  1_555 -3.053 -3.223 3.468 -4.079 -0.740 72.045  -2.710 2.444  3.642 -0.629  3.465 
72.148  17 BB_A23A24:G38A40_CC B 23 ? C 40 ? B 24 ? C 38 ? 
1 B A 23 1_555 C G 8  1_555 B C 24 1_555 A G 6  1_555 2.377  -0.212 2.952 2.208  6.266  -29.498 -0.716 4.955  2.756 -12.113 4.269 
-30.221 18 BB_A24C25:G6G38_AC  B 24 ? C 38 ? B 25 ? A 6  ? 
1 B C 24 1_555 A G 6  1_555 B A 25 1_555 C G 6  1_555 0.153  -2.024 3.853 4.351  5.306  47.365  -2.981 0.208  3.619 6.564   -5.382 
47.831  19 BB_C25A26:G36G6_CA  B 25 ? A 6  ? B 26 ? C 36 ? 
1 B A 25 1_555 C G 6  1_555 B C 26 1_555 C G 5  1_555 0.951  -0.659 2.844 -4.971 4.004  27.834  -2.094 -2.869 2.521 8.187   10.166 
28.543  20 BB_A26C27:G35G36_CC B 26 ? C 36 ? B 27 ? C 35 ? 
1 B C 26 1_555 C G 5  1_555 B A 27 1_555 C U 4  1_555 0.028  -1.046 3.436 -0.404 9.380  36.912  -2.812 -0.095 3.088 14.528  0.626 
38.047  21 BB_C27A28:U34G35_CC B 27 ? C 35 ? B 28 ? C 34 ? 
1 B A 27 1_555 C U 4  1_555 B C 28 1_555 C G 3  1_555 0.496  -1.087 3.177 1.902  0.153  32.572  -1.962 -0.560 3.195 0.272   -3.387 
32.627  22 BB_A28C29:G33U34_CC B 28 ? C 34 ? B 29 ? C 33 ? 
1 B C 28 1_555 C G 3  1_555 B G 29 1_555 C C 2  1_555 0.022  -1.563 3.421 0.845  11.008 34.577  -4.020 0.080  2.809 17.962  -1.379 
36.246  23 BB_C29G30:C32G33_CC B 29 ? C 33 ? B 30 ? C 32 ? 
1 B G 29 1_555 C C 2  1_555 B A 30 1_555 C U 1  1_555 0.932  -1.681 3.100 2.798  3.692  32.856  -3.522 -1.195 2.965 6.488   -4.916 
33.172  24 BB_G30A31:U31C32_CC B 30 ? C 32 ? B 31 ? C 31 ? 
# 
loop_
_pdbx_entity_nonpoly.entity_id 
_pdbx_entity_nonpoly.name 
_pdbx_entity_nonpoly.comp_id 
4 'SULFATE ION'           SO4 
5 'COBALT HEXAMMINE(III)' NCO 
6 water                   HOH 
# 
_pdbx_initial_refinement_model.id               1 
_pdbx_initial_refinement_model.entity_id_list   ? 
_pdbx_initial_refinement_model.type             'experimental model' 
_pdbx_initial_refinement_model.source_name      PDB 
_pdbx_initial_refinement_model.accession_code   2OUE 
_pdbx_initial_refinement_model.details          ? 
# 
